data_8XGG
#
_entry.id   8XGG
#
_cell.length_a   1.00
_cell.length_b   1.00
_cell.length_c   1.00
_cell.angle_alpha   90.00
_cell.angle_beta   90.00
_cell.angle_gamma   90.00
#
_symmetry.space_group_name_H-M   'P 1'
#
loop_
_entity.id
_entity.type
_entity.pdbx_description
1 polymer 'Gap junction delta-2 protein'
2 non-polymer 1,2-DIMYRISTOYL-RAC-GLYCERO-3-PHOSPHOCHOLINE
3 non-polymer HEXAN-1-OL
#
_entity_poly.entity_id   1
_entity_poly.type   'polypeptide(L)'
_entity_poly.pdbx_seq_one_letter_code
;MGEWTILERLLEAAVQQHSTMIGRILLTVVVIFRILIVAIVGETVYDDEQTMFVCNTLQPGCNQACYDRAFPISHIRYWV
FQIIMVCTPSLCFITYSVHQSAKQRERRYSTVFLALDRDPPESIGGPGGTGGGGSGGGKREDKKLQNAIVNGVLQNTENT
SKETEPDCLEVKELTPHPSGLRTASKSKLRRQEGISRFYIIQVVFRNALEIGFLVGQYFLYGFSVPGLYECNRYPCIKEV
ECYVSRPTEKTVFLVFMFAVSGICVVLNLAELNHLGWRKIKLAVRGAQAKRKSIYEIRNKDLPRVSVPNFGRTQSSDSAY
VSRDYKDDDDK
;
_entity_poly.pdbx_strand_id   A,C,B,D,E,F,G,H,I,J,K,L
#
loop_
_chem_comp.id
_chem_comp.type
_chem_comp.name
_chem_comp.formula
HE2 non-polymer HEXAN-1-OL 'C6 H14 O'
MC3 non-polymer 1,2-DIMYRISTOYL-RAC-GLYCERO-3-PHOSPHOCHOLINE 'C36 H72 N O8 P'
#
# COMPACT_ATOMS: atom_id res chain seq x y z
N SER A 19 17.96 16.27 -65.84
CA SER A 19 17.93 15.09 -64.98
C SER A 19 18.82 15.28 -63.76
N THR A 20 20.03 15.81 -63.99
CA THR A 20 20.91 16.19 -62.91
C THR A 20 20.51 17.50 -62.25
N MET A 21 19.66 18.29 -62.91
CA MET A 21 19.20 19.54 -62.33
C MET A 21 18.26 19.30 -61.15
N ILE A 22 17.25 18.44 -61.35
CA ILE A 22 16.25 18.18 -60.31
C ILE A 22 16.83 17.38 -59.16
N GLY A 23 17.88 16.59 -59.39
CA GLY A 23 18.42 15.74 -58.34
C GLY A 23 18.86 16.53 -57.11
N ARG A 24 19.47 17.69 -57.31
CA ARG A 24 19.89 18.52 -56.18
C ARG A 24 18.69 19.01 -55.41
N ILE A 25 17.64 19.41 -56.13
CA ILE A 25 16.44 19.96 -55.49
C ILE A 25 15.80 18.88 -54.62
N LEU A 26 15.73 17.66 -55.16
CA LEU A 26 15.09 16.59 -54.41
C LEU A 26 15.95 16.13 -53.24
N LEU A 27 17.28 16.17 -53.39
CA LEU A 27 18.14 15.84 -52.26
C LEU A 27 17.93 16.83 -51.11
N THR A 28 17.87 18.12 -51.44
CA THR A 28 17.63 19.13 -50.42
C THR A 28 16.28 18.94 -49.75
N VAL A 29 15.27 18.58 -50.55
CA VAL A 29 13.93 18.41 -49.98
C VAL A 29 13.89 17.19 -49.07
N VAL A 30 14.55 16.11 -49.47
CA VAL A 30 14.55 14.91 -48.64
C VAL A 30 15.27 15.19 -47.31
N VAL A 31 16.41 15.88 -47.37
CA VAL A 31 17.14 16.19 -46.15
C VAL A 31 16.29 17.02 -45.20
N ILE A 32 15.64 18.07 -45.73
CA ILE A 32 14.83 18.92 -44.86
C ILE A 32 13.66 18.14 -44.30
N PHE A 33 13.05 17.29 -45.12
CA PHE A 33 11.93 16.47 -44.66
C PHE A 33 12.34 15.58 -43.51
N ARG A 34 13.49 14.91 -43.65
CA ARG A 34 13.98 14.03 -42.58
C ARG A 34 14.22 14.82 -41.29
N ILE A 35 14.88 15.97 -41.39
CA ILE A 35 15.12 16.77 -40.19
C ILE A 35 13.81 17.15 -39.53
N LEU A 36 12.83 17.60 -40.32
CA LEU A 36 11.56 18.05 -39.75
C LEU A 36 10.82 16.89 -39.07
N ILE A 37 10.76 15.74 -39.74
CA ILE A 37 10.06 14.59 -39.16
C ILE A 37 10.71 14.17 -37.86
N VAL A 38 12.04 14.14 -37.81
CA VAL A 38 12.70 13.69 -36.60
C VAL A 38 12.50 14.71 -35.48
N ALA A 39 12.62 16.00 -35.82
CA ALA A 39 12.62 17.05 -34.81
C ALA A 39 11.24 17.29 -34.20
N ILE A 40 10.16 17.17 -34.97
CA ILE A 40 8.87 17.63 -34.46
C ILE A 40 8.10 16.55 -33.68
N VAL A 41 8.07 15.30 -34.13
CA VAL A 41 7.23 14.30 -33.50
C VAL A 41 8.02 13.20 -32.78
N GLY A 42 9.19 12.82 -33.27
CA GLY A 42 9.91 11.68 -32.74
C GLY A 42 10.35 11.79 -31.29
N GLU A 43 10.57 13.01 -30.79
CA GLU A 43 10.96 13.22 -29.40
C GLU A 43 9.92 12.82 -28.36
N THR A 44 8.70 12.45 -28.75
CA THR A 44 7.63 12.26 -27.78
C THR A 44 7.00 10.87 -27.76
N VAL A 45 7.34 10.00 -28.72
CA VAL A 45 7.02 8.58 -28.61
C VAL A 45 7.89 7.87 -27.58
N TYR A 46 9.17 8.19 -27.52
CA TYR A 46 10.13 7.54 -26.63
C TYR A 46 10.23 8.16 -25.25
N ASP A 47 9.50 9.24 -24.98
CA ASP A 47 9.63 9.94 -23.70
C ASP A 47 9.36 9.03 -22.50
N ASP A 48 8.33 8.18 -22.58
CA ASP A 48 7.97 7.28 -21.47
C ASP A 48 8.58 5.89 -21.60
N GLU A 49 9.77 5.78 -22.19
CA GLU A 49 10.31 4.47 -22.55
C GLU A 49 10.58 3.61 -21.31
N GLN A 50 11.17 4.19 -20.27
CA GLN A 50 11.53 3.45 -19.07
C GLN A 50 10.48 3.47 -17.97
N THR A 51 9.66 4.51 -17.90
CA THR A 51 8.64 4.58 -16.85
C THR A 51 7.53 3.55 -17.05
N MET A 52 7.25 3.16 -18.29
CA MET A 52 6.27 2.11 -18.57
C MET A 52 6.91 0.77 -18.95
N PHE A 53 8.20 0.59 -18.73
CA PHE A 53 8.84 -0.70 -18.88
C PHE A 53 8.74 -1.44 -17.54
N VAL A 54 8.22 -2.66 -17.59
CA VAL A 54 7.94 -3.43 -16.38
C VAL A 54 8.27 -4.90 -16.58
N CYS A 55 8.78 -5.53 -15.52
CA CYS A 55 9.14 -6.94 -15.51
C CYS A 55 8.40 -7.66 -14.40
N ASN A 56 8.16 -8.95 -14.61
CA ASN A 56 7.47 -9.80 -13.64
C ASN A 56 8.49 -10.37 -12.66
N THR A 57 8.65 -9.68 -11.53
CA THR A 57 9.70 -9.98 -10.57
C THR A 57 9.46 -9.16 -9.32
N LEU A 58 10.08 -9.58 -8.22
CA LEU A 58 10.06 -8.85 -6.96
C LEU A 58 11.46 -8.43 -6.51
N GLN A 59 12.47 -8.57 -7.38
CA GLN A 59 13.84 -8.30 -6.99
C GLN A 59 14.17 -6.83 -7.27
N PRO A 60 14.63 -6.07 -6.28
CA PRO A 60 15.02 -4.68 -6.55
C PRO A 60 16.26 -4.59 -7.43
N GLY A 61 16.20 -3.71 -8.42
CA GLY A 61 17.28 -3.50 -9.35
C GLY A 61 17.20 -4.29 -10.65
N CYS A 62 16.21 -5.17 -10.79
CA CYS A 62 16.14 -6.01 -11.99
C CYS A 62 15.65 -5.21 -13.18
N ASN A 63 14.70 -4.29 -12.95
CA ASN A 63 14.20 -3.46 -14.04
C ASN A 63 15.30 -2.62 -14.67
N GLN A 64 16.17 -2.02 -13.86
CA GLN A 64 17.26 -1.22 -14.41
C GLN A 64 18.18 -2.06 -15.31
N ALA A 65 18.64 -3.20 -14.81
CA ALA A 65 19.54 -4.04 -15.60
C ALA A 65 18.88 -4.54 -16.87
N CYS A 66 17.62 -4.96 -16.79
CA CYS A 66 16.95 -5.51 -17.97
C CYS A 66 16.62 -4.44 -19.00
N TYR A 67 16.20 -3.26 -18.56
CA TYR A 67 16.03 -2.16 -19.50
C TYR A 67 17.34 -1.80 -20.18
N ASP A 68 18.43 -1.74 -19.40
CA ASP A 68 19.72 -1.39 -19.98
C ASP A 68 20.18 -2.43 -21.00
N ARG A 69 19.95 -3.72 -20.72
CA ARG A 69 20.34 -4.75 -21.67
C ARG A 69 19.44 -4.78 -22.89
N ALA A 70 18.15 -4.48 -22.73
CA ALA A 70 17.24 -4.48 -23.88
C ALA A 70 17.45 -3.26 -24.76
N PHE A 71 17.71 -2.09 -24.17
CA PHE A 71 17.84 -0.83 -24.91
C PHE A 71 19.13 -0.12 -24.53
N PRO A 72 20.27 -0.55 -25.08
CA PRO A 72 21.55 0.08 -24.70
C PRO A 72 21.66 1.54 -25.13
N ILE A 73 21.33 1.84 -26.39
CA ILE A 73 21.21 3.22 -26.87
C ILE A 73 19.85 3.38 -27.52
N SER A 74 19.10 4.39 -27.06
CA SER A 74 17.77 4.65 -27.59
C SER A 74 17.85 5.15 -29.03
N HIS A 75 16.79 4.81 -29.79
CA HIS A 75 16.75 5.14 -31.22
C HIS A 75 16.96 6.63 -31.47
N ILE A 76 16.32 7.48 -30.66
CA ILE A 76 16.30 8.92 -30.95
C ILE A 76 17.70 9.51 -30.80
N ARG A 77 18.49 9.02 -29.84
CA ARG A 77 19.87 9.48 -29.70
C ARG A 77 20.69 9.12 -30.95
N TYR A 78 20.59 7.88 -31.42
CA TYR A 78 21.30 7.49 -32.62
C TYR A 78 20.89 8.34 -33.82
N TRP A 79 19.60 8.61 -33.96
CA TRP A 79 19.14 9.39 -35.11
C TRP A 79 19.60 10.84 -35.03
N VAL A 80 19.55 11.45 -33.84
CA VAL A 80 20.05 12.81 -33.69
C VAL A 80 21.54 12.87 -34.03
N PHE A 81 22.32 11.92 -33.50
CA PHE A 81 23.74 11.92 -33.80
C PHE A 81 24.01 11.80 -35.29
N GLN A 82 23.32 10.86 -35.95
CA GLN A 82 23.50 10.70 -37.39
C GLN A 82 23.15 11.97 -38.16
N ILE A 83 22.01 12.58 -37.81
CA ILE A 83 21.59 13.80 -38.49
C ILE A 83 22.64 14.90 -38.34
N ILE A 84 23.18 15.06 -37.13
CA ILE A 84 24.18 16.12 -36.92
C ILE A 84 25.46 15.81 -37.68
N MET A 85 25.90 14.54 -37.67
CA MET A 85 27.17 14.18 -38.30
C MET A 85 27.12 14.24 -39.82
N VAL A 86 25.96 14.02 -40.44
CA VAL A 86 25.87 14.07 -41.90
C VAL A 86 25.81 15.48 -42.47
N CYS A 87 25.87 16.53 -41.65
CA CYS A 87 25.83 17.91 -42.14
C CYS A 87 27.15 18.66 -42.00
N THR A 88 28.24 17.99 -41.63
CA THR A 88 29.52 18.67 -41.38
C THR A 88 30.29 19.11 -42.63
N PRO A 89 30.35 18.29 -43.69
CA PRO A 89 31.07 18.73 -44.89
C PRO A 89 30.53 20.01 -45.51
N SER A 90 29.21 20.20 -45.52
CA SER A 90 28.65 21.45 -46.01
C SER A 90 29.13 22.62 -45.18
N LEU A 91 29.12 22.49 -43.85
CA LEU A 91 29.58 23.57 -42.99
C LEU A 91 31.05 23.89 -43.26
N CYS A 92 31.87 22.85 -43.45
CA CYS A 92 33.28 23.08 -43.74
C CYS A 92 33.45 23.85 -45.05
N PHE A 93 32.75 23.42 -46.11
CA PHE A 93 32.86 24.11 -47.40
C PHE A 93 32.41 25.56 -47.27
N ILE A 94 31.33 25.80 -46.52
CA ILE A 94 30.83 27.17 -46.36
C ILE A 94 31.86 28.03 -45.63
N THR A 95 32.43 27.50 -44.55
CA THR A 95 33.41 28.27 -43.79
C THR A 95 34.64 28.58 -44.65
N TYR A 96 35.10 27.61 -45.45
CA TYR A 96 36.21 27.88 -46.35
C TYR A 96 35.86 28.99 -47.34
N SER A 97 34.72 28.88 -48.00
CA SER A 97 34.39 29.88 -49.01
C SER A 97 34.21 31.26 -48.38
N VAL A 98 33.65 31.32 -47.17
CA VAL A 98 33.52 32.59 -46.47
C VAL A 98 34.89 33.19 -46.17
N HIS A 99 35.85 32.34 -45.76
CA HIS A 99 37.20 32.84 -45.52
C HIS A 99 37.86 33.32 -46.80
N GLN A 100 37.58 32.67 -47.93
CA GLN A 100 38.21 33.07 -49.17
C GLN A 100 37.92 34.53 -49.54
N SER A 101 36.86 35.11 -48.98
CA SER A 101 36.47 36.47 -49.35
C SER A 101 37.18 37.49 -48.49
N GLY A 194 41.74 25.75 -55.28
CA GLY A 194 41.27 24.44 -55.66
C GLY A 194 39.90 24.12 -55.07
N ILE A 195 38.90 24.94 -55.40
CA ILE A 195 37.56 24.74 -54.87
C ILE A 195 36.99 23.42 -55.37
N SER A 196 37.28 23.05 -56.61
CA SER A 196 36.70 21.84 -57.18
C SER A 196 37.22 20.59 -56.48
N ARG A 197 38.49 20.58 -56.08
CA ARG A 197 39.00 19.46 -55.31
C ARG A 197 38.25 19.31 -53.99
N PHE A 198 37.97 20.43 -53.32
CA PHE A 198 37.18 20.37 -52.10
C PHE A 198 35.78 19.84 -52.37
N TYR A 199 35.17 20.25 -53.48
CA TYR A 199 33.84 19.72 -53.83
C TYR A 199 33.88 18.20 -53.98
N ILE A 200 34.86 17.70 -54.73
CA ILE A 200 34.98 16.26 -54.93
C ILE A 200 35.12 15.54 -53.59
N ILE A 201 36.05 16.02 -52.77
CA ILE A 201 36.39 15.33 -51.53
C ILE A 201 35.20 15.31 -50.58
N GLN A 202 34.49 16.44 -50.45
CA GLN A 202 33.37 16.45 -49.52
C GLN A 202 32.25 15.52 -49.97
N VAL A 203 32.05 15.39 -51.28
CA VAL A 203 31.05 14.45 -51.79
C VAL A 203 31.45 13.03 -51.41
N VAL A 204 32.73 12.70 -51.61
CA VAL A 204 33.22 11.37 -51.25
C VAL A 204 32.97 11.09 -49.77
N PHE A 205 33.31 12.07 -48.92
CA PHE A 205 33.18 11.87 -47.48
C PHE A 205 31.72 11.71 -47.08
N ARG A 206 30.83 12.51 -47.64
CA ARG A 206 29.41 12.39 -47.33
C ARG A 206 28.89 11.00 -47.72
N ASN A 207 29.25 10.54 -48.92
CA ASN A 207 28.85 9.19 -49.34
C ASN A 207 29.30 8.16 -48.33
N ALA A 208 30.58 8.20 -47.95
CA ALA A 208 31.10 7.19 -47.03
C ALA A 208 30.36 7.25 -45.70
N LEU A 209 30.14 8.45 -45.16
CA LEU A 209 29.50 8.58 -43.86
C LEU A 209 28.08 8.02 -43.89
N GLU A 210 27.36 8.28 -44.98
CA GLU A 210 25.96 7.86 -45.00
C GLU A 210 25.84 6.35 -45.20
N ILE A 211 26.77 5.75 -45.95
CA ILE A 211 26.74 4.30 -46.08
C ILE A 211 27.10 3.65 -44.76
N GLY A 212 28.11 4.19 -44.07
CA GLY A 212 28.47 3.66 -42.76
C GLY A 212 27.31 3.73 -41.79
N PHE A 213 26.60 4.87 -41.77
CA PHE A 213 25.51 5.04 -40.81
C PHE A 213 24.35 4.10 -41.12
N LEU A 214 24.03 3.90 -42.40
CA LEU A 214 22.96 2.96 -42.73
C LEU A 214 23.32 1.54 -42.31
N VAL A 215 24.55 1.12 -42.60
CA VAL A 215 24.99 -0.22 -42.19
C VAL A 215 24.93 -0.36 -40.66
N GLY A 216 25.40 0.66 -39.95
CA GLY A 216 25.36 0.60 -38.49
C GLY A 216 23.95 0.51 -37.94
N GLN A 217 23.02 1.26 -38.54
CA GLN A 217 21.62 1.16 -38.12
C GLN A 217 21.10 -0.26 -38.28
N TYR A 218 21.34 -0.85 -39.46
CA TYR A 218 20.90 -2.22 -39.70
C TYR A 218 21.50 -3.20 -38.70
N PHE A 219 22.78 -3.03 -38.37
CA PHE A 219 23.44 -3.96 -37.46
C PHE A 219 23.04 -3.72 -36.00
N LEU A 220 22.65 -2.50 -35.64
CA LEU A 220 22.28 -2.20 -34.26
C LEU A 220 20.84 -2.60 -33.94
N TYR A 221 19.89 -2.35 -34.85
CA TYR A 221 18.48 -2.46 -34.47
C TYR A 221 17.68 -3.49 -35.26
N GLY A 222 18.08 -3.81 -36.48
CA GLY A 222 17.27 -4.69 -37.31
C GLY A 222 16.04 -4.04 -37.90
N PHE A 223 14.94 -4.80 -37.99
CA PHE A 223 13.73 -4.32 -38.66
C PHE A 223 12.49 -4.40 -37.79
N SER A 224 12.60 -4.74 -36.51
CA SER A 224 11.40 -4.82 -35.67
C SER A 224 11.77 -4.65 -34.20
N VAL A 225 10.76 -4.25 -33.43
CA VAL A 225 10.84 -4.15 -31.98
C VAL A 225 9.82 -5.11 -31.38
N PRO A 226 10.23 -6.21 -30.75
CA PRO A 226 9.25 -7.14 -30.17
C PRO A 226 8.65 -6.62 -28.88
N GLY A 227 7.46 -7.16 -28.56
CA GLY A 227 6.76 -6.79 -27.35
C GLY A 227 7.23 -7.45 -26.09
N LEU A 228 7.87 -8.62 -26.19
CA LEU A 228 8.42 -9.31 -25.04
C LEU A 228 9.94 -9.37 -25.12
N TYR A 229 10.58 -9.39 -23.95
CA TYR A 229 12.02 -9.54 -23.84
C TYR A 229 12.34 -10.47 -22.67
N GLU A 230 13.30 -11.36 -22.89
CA GLU A 230 13.72 -12.34 -21.91
C GLU A 230 15.09 -11.95 -21.37
N CYS A 231 15.18 -11.81 -20.04
CA CYS A 231 16.34 -11.20 -19.39
C CYS A 231 16.91 -12.17 -18.37
N ASN A 232 18.24 -12.26 -18.32
CA ASN A 232 18.94 -13.10 -17.36
C ASN A 232 20.17 -12.41 -16.80
N ARG A 233 20.04 -11.14 -16.42
CA ARG A 233 21.16 -10.39 -15.85
C ARG A 233 20.99 -10.17 -14.36
N TYR A 234 22.10 -10.26 -13.65
CA TYR A 234 22.12 -9.96 -12.22
C TYR A 234 21.62 -8.54 -11.99
N PRO A 235 20.79 -8.30 -10.95
CA PRO A 235 20.39 -9.21 -9.86
C PRO A 235 19.17 -10.06 -10.16
N CYS A 236 18.72 -10.14 -11.40
CA CYS A 236 17.60 -11.01 -11.74
C CYS A 236 18.00 -12.46 -11.55
N ILE A 237 17.13 -13.22 -10.89
CA ILE A 237 17.30 -14.66 -10.71
C ILE A 237 16.91 -15.40 -11.98
N LYS A 238 17.81 -16.24 -12.47
CA LYS A 238 17.64 -16.96 -13.74
C LYS A 238 17.07 -16.04 -14.82
N GLU A 239 16.13 -16.53 -15.62
CA GLU A 239 15.54 -15.71 -16.68
C GLU A 239 14.15 -15.23 -16.32
N VAL A 240 13.89 -13.95 -16.62
CA VAL A 240 12.65 -13.25 -16.31
C VAL A 240 12.08 -12.69 -17.61
N GLU A 241 10.77 -12.40 -17.60
CA GLU A 241 10.07 -11.86 -18.76
C GLU A 241 9.65 -10.41 -18.49
N CYS A 242 9.92 -9.53 -19.47
CA CYS A 242 9.63 -8.10 -19.37
C CYS A 242 8.81 -7.68 -20.59
N TYR A 243 8.17 -6.52 -20.47
CA TYR A 243 7.17 -6.08 -21.44
C TYR A 243 7.45 -4.64 -21.88
N VAL A 244 7.40 -4.41 -23.19
CA VAL A 244 7.82 -3.15 -23.80
C VAL A 244 6.60 -2.28 -24.05
N SER A 245 6.83 -0.97 -24.09
CA SER A 245 5.80 0.02 -24.40
C SER A 245 5.84 0.44 -25.87
N ARG A 246 4.65 0.53 -26.47
CA ARG A 246 4.45 1.01 -27.83
C ARG A 246 5.35 0.35 -28.88
N PRO A 247 5.33 -0.97 -28.99
CA PRO A 247 6.24 -1.61 -29.95
C PRO A 247 5.88 -1.35 -31.40
N THR A 248 4.58 -1.28 -31.72
CA THR A 248 4.16 -1.09 -33.11
C THR A 248 4.54 0.28 -33.65
N GLU A 249 4.32 1.33 -32.87
CA GLU A 249 4.71 2.66 -33.30
C GLU A 249 6.21 2.76 -33.54
N LYS A 250 7.00 2.13 -32.66
CA LYS A 250 8.45 2.15 -32.81
C LYS A 250 8.89 1.37 -34.05
N THR A 251 8.23 0.26 -34.34
CA THR A 251 8.51 -0.47 -35.58
C THR A 251 8.19 0.39 -36.80
N VAL A 252 7.06 1.09 -36.79
CA VAL A 252 6.71 1.96 -37.90
C VAL A 252 7.78 3.03 -38.10
N PHE A 253 8.20 3.67 -37.01
CA PHE A 253 9.26 4.68 -37.10
C PHE A 253 10.56 4.10 -37.67
N LEU A 254 10.97 2.93 -37.18
CA LEU A 254 12.14 2.25 -37.72
C LEU A 254 12.05 2.08 -39.23
N VAL A 255 10.93 1.54 -39.71
CA VAL A 255 10.80 1.26 -41.13
C VAL A 255 10.82 2.55 -41.93
N PHE A 256 10.11 3.57 -41.45
CA PHE A 256 10.10 4.86 -42.14
C PHE A 256 11.51 5.44 -42.26
N MET A 257 12.27 5.39 -41.17
CA MET A 257 13.63 5.95 -41.23
C MET A 257 14.52 5.18 -42.19
N PHE A 258 14.41 3.86 -42.21
CA PHE A 258 15.18 3.09 -43.20
C PHE A 258 14.82 3.51 -44.61
N ALA A 259 13.51 3.69 -44.87
CA ALA A 259 13.07 4.08 -46.20
C ALA A 259 13.66 5.43 -46.59
N VAL A 260 13.58 6.40 -45.69
CA VAL A 260 14.11 7.74 -45.96
C VAL A 260 15.60 7.67 -46.25
N SER A 261 16.35 6.94 -45.42
CA SER A 261 17.79 6.82 -45.56
C SER A 261 18.24 6.16 -46.87
N GLY A 262 17.48 5.19 -47.39
CA GLY A 262 17.83 4.62 -48.68
C GLY A 262 17.89 5.61 -49.85
N ILE A 263 16.91 6.51 -49.95
CA ILE A 263 16.90 7.51 -51.01
C ILE A 263 18.20 8.32 -51.05
N CYS A 264 18.67 8.79 -49.89
CA CYS A 264 19.89 9.61 -49.91
C CYS A 264 21.09 8.83 -50.44
N VAL A 265 21.21 7.56 -50.05
CA VAL A 265 22.31 6.74 -50.56
C VAL A 265 22.20 6.64 -52.07
N VAL A 266 21.00 6.35 -52.58
CA VAL A 266 20.83 6.22 -54.02
C VAL A 266 21.23 7.51 -54.74
N LEU A 267 20.76 8.66 -54.24
CA LEU A 267 21.04 9.92 -54.91
C LEU A 267 22.53 10.23 -54.91
N ASN A 268 23.20 10.01 -53.77
CA ASN A 268 24.62 10.31 -53.71
C ASN A 268 25.42 9.38 -54.62
N LEU A 269 25.04 8.11 -54.70
CA LEU A 269 25.71 7.24 -55.67
C LEU A 269 25.47 7.73 -57.10
N ALA A 270 24.26 8.21 -57.38
CA ALA A 270 23.96 8.76 -58.69
C ALA A 270 24.97 9.84 -59.05
N GLU A 271 25.13 10.82 -58.15
CA GLU A 271 25.99 11.96 -58.45
C GLU A 271 27.44 11.52 -58.51
N LEU A 272 27.85 10.63 -57.62
CA LEU A 272 29.21 10.08 -57.68
C LEU A 272 29.50 9.48 -59.06
N ASN A 273 28.56 8.68 -59.57
CA ASN A 273 28.76 8.04 -60.87
C ASN A 273 28.63 8.99 -62.05
N HIS A 274 27.92 10.10 -61.91
CA HIS A 274 27.89 11.02 -63.05
C HIS A 274 29.27 11.61 -63.32
N LEU A 275 30.22 11.35 -62.43
CA LEU A 275 31.59 11.81 -62.62
C LEU A 275 32.57 10.66 -62.33
N SER B 19 15.05 -62.04 29.06
CA SER B 19 15.39 -61.29 27.86
C SER B 19 14.13 -61.00 27.05
N THR B 20 13.29 -62.02 26.88
CA THR B 20 11.99 -61.82 26.25
C THR B 20 10.98 -61.17 27.17
N MET B 21 11.24 -61.16 28.49
CA MET B 21 10.34 -60.51 29.42
C MET B 21 10.36 -58.99 29.26
N ILE B 22 11.57 -58.40 29.25
CA ILE B 22 11.70 -56.95 29.16
C ILE B 22 11.31 -56.41 27.79
N GLY B 23 11.42 -57.23 26.75
CA GLY B 23 11.14 -56.74 25.40
C GLY B 23 9.74 -56.18 25.26
N ARG B 24 8.75 -56.83 25.87
CA ARG B 24 7.37 -56.34 25.81
C ARG B 24 7.26 -54.99 26.50
N ILE B 25 7.92 -54.86 27.65
CA ILE B 25 7.84 -53.63 28.44
C ILE B 25 8.42 -52.48 27.63
N LEU B 26 9.57 -52.73 26.98
CA LEU B 26 10.21 -51.66 26.23
C LEU B 26 9.44 -51.35 24.95
N LEU B 27 8.80 -52.35 24.33
CA LEU B 27 7.97 -52.06 23.16
C LEU B 27 6.81 -51.14 23.55
N THR B 28 6.16 -51.44 24.67
CA THR B 28 5.06 -50.60 25.13
C THR B 28 5.53 -49.19 25.44
N VAL B 29 6.73 -49.07 26.03
CA VAL B 29 7.22 -47.75 26.40
C VAL B 29 7.57 -46.96 25.16
N VAL B 30 8.16 -47.61 24.15
CA VAL B 30 8.52 -46.90 22.92
C VAL B 30 7.26 -46.43 22.22
N VAL B 31 6.23 -47.28 22.15
CA VAL B 31 4.99 -46.89 21.49
C VAL B 31 4.37 -45.68 22.18
N ILE B 32 4.29 -45.72 23.51
CA ILE B 32 3.68 -44.60 24.23
C ILE B 32 4.52 -43.34 24.04
N PHE B 33 5.83 -43.47 24.07
CA PHE B 33 6.72 -42.33 23.88
C PHE B 33 6.48 -41.69 22.53
N ARG B 34 6.40 -42.50 21.47
CA ARG B 34 6.16 -41.97 20.14
C ARG B 34 4.83 -41.23 20.07
N ILE B 35 3.77 -41.83 20.60
CA ILE B 35 2.47 -41.16 20.58
C ILE B 35 2.53 -39.82 21.30
N LEU B 36 3.16 -39.80 22.49
CA LEU B 36 3.23 -38.56 23.26
C LEU B 36 4.01 -37.48 22.53
N ILE B 37 5.17 -37.83 21.97
CA ILE B 37 5.99 -36.86 21.26
C ILE B 37 5.24 -36.28 20.07
N VAL B 38 4.55 -37.14 19.32
CA VAL B 38 3.85 -36.65 18.14
C VAL B 38 2.68 -35.77 18.55
N ALA B 39 1.94 -36.19 19.59
CA ALA B 39 0.70 -35.52 19.95
C ALA B 39 0.93 -34.17 20.62
N ILE B 40 1.99 -34.01 21.42
CA ILE B 40 2.08 -32.81 22.25
C ILE B 40 2.77 -31.64 21.54
N VAL B 41 3.86 -31.86 20.81
CA VAL B 41 4.63 -30.76 20.27
C VAL B 41 4.57 -30.66 18.73
N GLY B 42 4.47 -31.79 18.03
CA GLY B 42 4.57 -31.78 16.58
C GLY B 42 3.49 -31.00 15.85
N GLU B 43 2.31 -30.87 16.43
CA GLU B 43 1.21 -30.12 15.83
C GLU B 43 1.48 -28.63 15.65
N THR B 44 2.56 -28.07 16.18
CA THR B 44 2.72 -26.62 16.22
C THR B 44 3.96 -26.09 15.52
N VAL B 45 4.88 -26.95 15.08
CA VAL B 45 5.94 -26.55 14.16
C VAL B 45 5.41 -26.31 12.74
N TYR B 46 4.49 -27.15 12.28
CA TYR B 46 3.96 -27.08 10.92
C TYR B 46 2.75 -26.16 10.77
N ASP B 47 2.26 -25.56 11.86
CA ASP B 47 1.05 -24.75 11.79
C ASP B 47 1.15 -23.61 10.77
N ASP B 48 2.29 -22.92 10.72
CA ASP B 48 2.49 -21.79 9.80
C ASP B 48 3.17 -22.18 8.50
N GLU B 49 2.94 -23.42 8.02
CA GLU B 49 3.72 -23.93 6.89
C GLU B 49 3.50 -23.13 5.62
N GLN B 50 2.24 -22.80 5.32
CA GLN B 50 1.91 -22.10 4.08
C GLN B 50 1.86 -20.58 4.21
N THR B 51 1.54 -20.05 5.39
CA THR B 51 1.47 -18.61 5.56
C THR B 51 2.84 -17.94 5.48
N MET B 52 3.91 -18.64 5.84
CA MET B 52 5.27 -18.12 5.69
C MET B 52 6.04 -18.72 4.53
N PHE B 53 5.35 -19.40 3.61
CA PHE B 53 5.97 -19.84 2.36
C PHE B 53 5.81 -18.72 1.33
N VAL B 54 6.91 -18.32 0.71
CA VAL B 54 6.91 -17.17 -0.19
C VAL B 54 7.82 -17.44 -1.38
N CYS B 55 7.42 -16.94 -2.55
CA CYS B 55 8.16 -17.07 -3.79
C CYS B 55 8.44 -15.69 -4.39
N ASN B 56 9.54 -15.60 -5.13
CA ASN B 56 9.94 -14.36 -5.79
C ASN B 56 9.25 -14.27 -7.14
N THR B 57 8.12 -13.59 -7.17
CA THR B 57 7.26 -13.55 -8.35
C THR B 57 6.17 -12.52 -8.11
N LEU B 58 5.54 -12.09 -9.21
CA LEU B 58 4.38 -11.20 -9.16
C LEU B 58 3.15 -11.83 -9.78
N GLN B 59 3.17 -13.14 -10.07
CA GLN B 59 2.07 -13.79 -10.76
C GLN B 59 1.07 -14.31 -9.73
N PRO B 60 -0.21 -13.95 -9.81
CA PRO B 60 -1.19 -14.52 -8.88
C PRO B 60 -1.42 -16.00 -9.12
N GLY B 61 -1.45 -16.76 -8.03
CA GLY B 61 -1.65 -18.20 -8.08
C GLY B 61 -0.39 -19.03 -8.10
N CYS B 62 0.79 -18.41 -8.17
CA CYS B 62 2.03 -19.19 -8.27
C CYS B 62 2.38 -19.82 -6.93
N ASN B 63 2.14 -19.08 -5.84
CA ASN B 63 2.43 -19.61 -4.50
C ASN B 63 1.64 -20.88 -4.21
N GLN B 64 0.36 -20.91 -4.56
CA GLN B 64 -0.45 -22.10 -4.34
C GLN B 64 0.11 -23.31 -5.07
N ALA B 65 0.36 -23.16 -6.38
CA ALA B 65 0.87 -24.29 -7.17
C ALA B 65 2.23 -24.75 -6.67
N CYS B 66 3.12 -23.82 -6.33
CA CYS B 66 4.47 -24.21 -5.91
C CYS B 66 4.47 -24.83 -4.52
N TYR B 67 3.68 -24.31 -3.60
CA TYR B 67 3.54 -24.98 -2.31
C TYR B 67 2.98 -26.39 -2.48
N ASP B 68 1.96 -26.54 -3.33
CA ASP B 68 1.36 -27.86 -3.52
C ASP B 68 2.36 -28.84 -4.13
N ARG B 69 3.19 -28.37 -5.07
CA ARG B 69 4.18 -29.27 -5.67
C ARG B 69 5.33 -29.57 -4.70
N ALA B 70 5.71 -28.62 -3.86
CA ALA B 70 6.79 -28.86 -2.91
C ALA B 70 6.35 -29.75 -1.75
N PHE B 71 5.12 -29.58 -1.28
CA PHE B 71 4.61 -30.32 -0.11
C PHE B 71 3.26 -30.93 -0.42
N PRO B 72 3.24 -32.07 -1.12
CA PRO B 72 1.95 -32.70 -1.50
C PRO B 72 1.16 -33.19 -0.30
N ILE B 73 1.79 -33.93 0.61
CA ILE B 73 1.20 -34.31 1.88
C ILE B 73 2.15 -33.89 3.00
N SER B 74 1.63 -33.13 3.96
CA SER B 74 2.42 -32.66 5.09
C SER B 74 2.83 -33.82 5.99
N HIS B 75 3.99 -33.65 6.62
CA HIS B 75 4.56 -34.71 7.46
C HIS B 75 3.59 -35.15 8.55
N ILE B 76 2.94 -34.18 9.20
CA ILE B 76 2.14 -34.50 10.39
C ILE B 76 0.93 -35.35 10.02
N ARG B 77 0.34 -35.13 8.85
CA ARG B 77 -0.75 -35.99 8.40
C ARG B 77 -0.28 -37.43 8.20
N TYR B 78 0.85 -37.62 7.52
CA TYR B 78 1.39 -38.96 7.34
C TYR B 78 1.67 -39.64 8.67
N TRP B 79 2.24 -38.91 9.62
CA TRP B 79 2.57 -39.52 10.90
C TRP B 79 1.33 -39.87 11.70
N VAL B 80 0.31 -39.00 11.71
CA VAL B 80 -0.94 -39.32 12.39
C VAL B 80 -1.57 -40.57 11.77
N PHE B 81 -1.62 -40.63 10.44
CA PHE B 81 -2.22 -41.80 9.79
C PHE B 81 -1.47 -43.07 10.16
N GLN B 82 -0.13 -43.04 10.10
CA GLN B 82 0.66 -44.21 10.47
C GLN B 82 0.39 -44.64 11.91
N ILE B 83 0.40 -43.67 12.83
CA ILE B 83 0.17 -43.98 14.24
C ILE B 83 -1.19 -44.65 14.43
N ILE B 84 -2.23 -44.12 13.78
CA ILE B 84 -3.56 -44.72 13.94
C ILE B 84 -3.60 -46.12 13.32
N MET B 85 -3.00 -46.29 12.15
CA MET B 85 -3.09 -47.58 11.46
C MET B 85 -2.29 -48.69 12.14
N VAL B 86 -1.20 -48.35 12.85
CA VAL B 86 -0.41 -49.39 13.53
C VAL B 86 -1.01 -49.87 14.85
N CYS B 87 -2.19 -49.39 15.26
CA CYS B 87 -2.82 -49.83 16.49
C CYS B 87 -4.08 -50.66 16.29
N THR B 88 -4.40 -51.06 15.06
CA THR B 88 -5.65 -51.78 14.78
C THR B 88 -5.67 -53.25 15.20
N PRO B 89 -4.59 -54.01 14.99
CA PRO B 89 -4.61 -55.42 15.42
C PRO B 89 -4.86 -55.62 16.90
N SER B 90 -4.29 -54.76 17.75
CA SER B 90 -4.57 -54.85 19.18
C SER B 90 -6.04 -54.64 19.46
N LEU B 91 -6.65 -53.64 18.83
CA LEU B 91 -8.08 -53.40 19.04
C LEU B 91 -8.91 -54.59 18.59
N CYS B 92 -8.55 -55.20 17.46
CA CYS B 92 -9.28 -56.38 17.00
C CYS B 92 -9.17 -57.53 18.01
N PHE B 93 -7.96 -57.80 18.49
CA PHE B 93 -7.80 -58.88 19.46
C PHE B 93 -8.59 -58.59 20.73
N ILE B 94 -8.59 -57.34 21.18
CA ILE B 94 -9.32 -57.00 22.40
C ILE B 94 -10.83 -57.20 22.20
N THR B 95 -11.35 -56.74 21.06
CA THR B 95 -12.78 -56.89 20.80
C THR B 95 -13.16 -58.36 20.72
N TYR B 96 -12.33 -59.19 20.08
CA TYR B 96 -12.59 -60.62 20.05
C TYR B 96 -12.64 -61.20 21.45
N SER B 97 -11.61 -60.93 22.26
CA SER B 97 -11.57 -61.54 23.59
C SER B 97 -12.72 -61.06 24.45
N VAL B 98 -13.12 -59.79 24.30
CA VAL B 98 -14.28 -59.28 25.03
C VAL B 98 -15.54 -60.01 24.61
N HIS B 99 -15.69 -60.28 23.32
CA HIS B 99 -16.86 -61.04 22.87
C HIS B 99 -16.85 -62.47 23.38
N GLN B 100 -15.66 -63.07 23.51
CA GLN B 100 -15.59 -64.44 23.98
C GLN B 100 -16.22 -64.63 25.35
N SER B 101 -16.35 -63.56 26.14
CA SER B 101 -16.84 -63.68 27.50
C SER B 101 -18.37 -63.58 27.52
N GLY B 194 -9.29 -70.76 19.12
CA GLY B 194 -7.95 -70.63 18.56
C GLY B 194 -7.34 -69.27 18.81
N ILE B 195 -7.20 -68.91 20.09
CA ILE B 195 -6.65 -67.61 20.45
C ILE B 195 -5.21 -67.49 19.96
N SER B 196 -4.45 -68.59 20.03
CA SER B 196 -3.04 -68.53 19.68
C SER B 196 -2.85 -68.26 18.19
N ARG B 197 -3.73 -68.81 17.35
CA ARG B 197 -3.66 -68.49 15.93
C ARG B 197 -3.86 -67.00 15.69
N PHE B 198 -4.83 -66.40 16.39
CA PHE B 198 -5.03 -64.97 16.28
C PHE B 198 -3.81 -64.19 16.75
N TYR B 199 -3.16 -64.64 17.83
CA TYR B 199 -1.95 -63.97 18.28
C TYR B 199 -0.87 -64.00 17.20
N ILE B 200 -0.65 -65.16 16.60
CA ILE B 200 0.37 -65.28 15.56
C ILE B 200 0.06 -64.34 14.40
N ILE B 201 -1.18 -64.38 13.92
CA ILE B 201 -1.56 -63.64 12.73
C ILE B 201 -1.44 -62.14 12.97
N GLN B 202 -1.88 -61.65 14.14
CA GLN B 202 -1.83 -60.21 14.36
C GLN B 202 -0.38 -59.74 14.46
N VAL B 203 0.52 -60.57 15.01
CA VAL B 203 1.93 -60.20 15.03
C VAL B 203 2.47 -60.08 13.62
N VAL B 204 2.13 -61.06 12.77
CA VAL B 204 2.57 -61.01 11.38
C VAL B 204 2.09 -59.73 10.70
N PHE B 205 0.82 -59.40 10.90
CA PHE B 205 0.23 -58.23 10.24
C PHE B 205 0.90 -56.94 10.74
N ARG B 206 1.12 -56.83 12.05
CA ARG B 206 1.77 -55.65 12.58
C ARG B 206 3.18 -55.48 11.99
N ASN B 207 3.94 -56.58 11.94
CA ASN B 207 5.27 -56.52 11.33
C ASN B 207 5.18 -55.98 9.90
N ALA B 208 4.29 -56.57 9.10
CA ALA B 208 4.19 -56.16 7.70
C ALA B 208 3.84 -54.67 7.60
N LEU B 209 2.86 -54.23 8.40
CA LEU B 209 2.41 -52.84 8.30
C LEU B 209 3.53 -51.88 8.67
N GLU B 210 4.32 -52.22 9.69
CA GLU B 210 5.34 -51.27 10.13
C GLU B 210 6.50 -51.23 9.15
N ILE B 211 6.82 -52.36 8.52
CA ILE B 211 7.88 -52.33 7.51
C ILE B 211 7.42 -51.54 6.30
N GLY B 212 6.17 -51.74 5.88
CA GLY B 212 5.64 -50.96 4.77
C GLY B 212 5.67 -49.48 5.05
N PHE B 213 5.27 -49.08 6.26
CA PHE B 213 5.22 -47.66 6.58
C PHE B 213 6.61 -47.04 6.62
N LEU B 214 7.59 -47.76 7.17
CA LEU B 214 8.95 -47.22 7.18
C LEU B 214 9.48 -47.05 5.76
N VAL B 215 9.28 -48.05 4.90
CA VAL B 215 9.72 -47.92 3.51
C VAL B 215 9.03 -46.75 2.83
N GLY B 216 7.72 -46.61 3.04
CA GLY B 216 7.01 -45.50 2.42
C GLY B 216 7.51 -44.15 2.90
N GLN B 217 7.81 -44.02 4.19
CA GLN B 217 8.38 -42.78 4.70
C GLN B 217 9.68 -42.44 3.98
N TYR B 218 10.58 -43.43 3.89
CA TYR B 218 11.85 -43.21 3.21
C TYR B 218 11.65 -42.78 1.76
N PHE B 219 10.69 -43.41 1.07
CA PHE B 219 10.48 -43.10 -0.33
C PHE B 219 9.75 -41.78 -0.55
N LEU B 220 8.95 -41.34 0.42
CA LEU B 220 8.21 -40.10 0.28
C LEU B 220 9.05 -38.87 0.63
N TYR B 221 9.87 -38.92 1.69
CA TYR B 221 10.47 -37.70 2.22
C TYR B 221 11.99 -37.67 2.18
N GLY B 222 12.65 -38.82 2.23
CA GLY B 222 14.10 -38.82 2.34
C GLY B 222 14.62 -38.50 3.72
N PHE B 223 15.74 -37.78 3.79
CA PHE B 223 16.41 -37.50 5.06
C PHE B 223 16.65 -36.02 5.32
N SER B 224 16.13 -35.11 4.49
CA SER B 224 16.36 -33.69 4.72
C SER B 224 15.27 -32.86 4.07
N VAL B 225 15.12 -31.65 4.59
CA VAL B 225 14.23 -30.63 4.03
C VAL B 225 15.09 -29.44 3.62
N PRO B 226 15.26 -29.15 2.33
CA PRO B 226 16.08 -28.00 1.94
C PRO B 226 15.35 -26.69 2.12
N GLY B 227 16.16 -25.62 2.23
CA GLY B 227 15.64 -24.28 2.39
C GLY B 227 15.15 -23.61 1.12
N LEU B 228 15.66 -24.02 -0.03
CA LEU B 228 15.22 -23.48 -1.31
C LEU B 228 14.51 -24.55 -2.13
N TYR B 229 13.57 -24.10 -2.96
CA TYR B 229 12.86 -24.97 -3.89
C TYR B 229 12.68 -24.25 -5.22
N GLU B 230 12.90 -24.98 -6.32
CA GLU B 230 12.80 -24.46 -7.67
C GLU B 230 11.54 -24.99 -8.32
N CYS B 231 10.69 -24.09 -8.80
CA CYS B 231 9.34 -24.43 -9.23
C CYS B 231 9.14 -23.97 -10.67
N ASN B 232 8.48 -24.81 -11.47
CA ASN B 232 8.17 -24.51 -12.85
C ASN B 232 6.76 -24.96 -13.23
N ARG B 233 5.78 -24.68 -12.37
CA ARG B 233 4.40 -25.08 -12.63
C ARG B 233 3.54 -23.86 -12.99
N TYR B 234 2.65 -24.07 -13.94
CA TYR B 234 1.67 -23.05 -14.31
C TYR B 234 0.86 -22.65 -13.07
N PRO B 235 0.58 -21.35 -12.87
CA PRO B 235 0.81 -20.21 -13.77
C PRO B 235 2.17 -19.54 -13.64
N CYS B 236 3.12 -20.17 -12.96
CA CYS B 236 4.46 -19.61 -12.86
C CYS B 236 5.12 -19.61 -14.23
N ILE B 237 5.73 -18.49 -14.58
CA ILE B 237 6.49 -18.36 -15.82
C ILE B 237 7.87 -18.99 -15.64
N LYS B 238 8.24 -19.89 -16.56
CA LYS B 238 9.47 -20.67 -16.48
C LYS B 238 9.74 -21.15 -15.07
N GLU B 239 10.98 -21.09 -14.59
CA GLU B 239 11.30 -21.54 -13.25
C GLU B 239 11.51 -20.38 -12.28
N VAL B 240 10.95 -20.53 -11.08
CA VAL B 240 10.98 -19.53 -10.03
C VAL B 240 11.59 -20.15 -8.78
N GLU B 241 12.08 -19.30 -7.88
CA GLU B 241 12.69 -19.72 -6.62
C GLU B 241 11.81 -19.37 -5.43
N CYS B 242 11.60 -20.33 -4.54
CA CYS B 242 10.75 -20.17 -3.36
C CYS B 242 11.54 -20.57 -2.11
N TYR B 243 11.05 -20.13 -0.96
CA TYR B 243 11.79 -20.23 0.30
C TYR B 243 10.92 -20.84 1.39
N VAL B 244 11.49 -21.81 2.12
CA VAL B 244 10.76 -22.63 3.07
C VAL B 244 10.95 -22.08 4.48
N SER B 245 9.98 -22.35 5.35
CA SER B 245 10.02 -21.97 6.75
C SER B 245 10.52 -23.11 7.64
N ARG B 246 11.39 -22.77 8.58
CA ARG B 246 11.89 -23.69 9.60
C ARG B 246 12.43 -25.01 9.06
N PRO B 247 13.38 -24.99 8.13
CA PRO B 247 13.85 -26.25 7.55
C PRO B 247 14.64 -27.11 8.53
N THR B 248 15.43 -26.49 9.40
CA THR B 248 16.28 -27.24 10.33
C THR B 248 15.45 -28.02 11.36
N GLU B 249 14.45 -27.36 11.95
CA GLU B 249 13.59 -28.05 12.91
C GLU B 249 12.88 -29.23 12.26
N LYS B 250 12.41 -29.06 11.02
CA LYS B 250 11.72 -30.14 10.32
C LYS B 250 12.68 -31.28 10.00
N THR B 251 13.92 -30.97 9.66
CA THR B 251 14.92 -32.03 9.47
C THR B 251 15.17 -32.79 10.77
N VAL B 252 15.28 -32.08 11.89
CA VAL B 252 15.48 -32.74 13.17
C VAL B 252 14.32 -33.68 13.48
N PHE B 253 13.09 -33.20 13.28
CA PHE B 253 11.91 -34.05 13.50
C PHE B 253 11.93 -35.28 12.60
N LEU B 254 12.22 -35.11 11.32
CA LEU B 254 12.36 -36.24 10.41
C LEU B 254 13.33 -37.29 10.94
N VAL B 255 14.53 -36.85 11.33
CA VAL B 255 15.55 -37.80 11.77
C VAL B 255 15.10 -38.51 13.04
N PHE B 256 14.54 -37.76 13.99
CA PHE B 256 14.05 -38.36 15.23
C PHE B 256 13.00 -39.43 14.95
N MET B 257 12.05 -39.13 14.06
CA MET B 257 10.99 -40.10 13.78
C MET B 257 11.57 -41.36 13.12
N PHE B 258 12.53 -41.20 12.20
CA PHE B 258 13.15 -42.39 11.62
C PHE B 258 13.82 -43.23 12.70
N ALA B 259 14.52 -42.57 13.63
CA ALA B 259 15.20 -43.29 14.70
C ALA B 259 14.21 -44.08 15.54
N VAL B 260 13.11 -43.42 15.94
CA VAL B 260 12.10 -44.09 16.76
C VAL B 260 11.51 -45.28 16.03
N SER B 261 11.17 -45.11 14.75
CA SER B 261 10.57 -46.17 13.95
C SER B 261 11.48 -47.38 13.75
N GLY B 262 12.80 -47.20 13.65
CA GLY B 262 13.69 -48.34 13.56
C GLY B 262 13.64 -49.32 14.74
N ILE B 263 13.60 -48.81 15.97
CA ILE B 263 13.49 -49.68 17.14
C ILE B 263 12.30 -50.63 17.07
N CYS B 264 11.12 -50.13 16.70
CA CYS B 264 9.95 -51.00 16.65
C CYS B 264 10.13 -52.14 15.65
N VAL B 265 10.70 -51.83 14.49
CA VAL B 265 10.96 -52.88 13.49
C VAL B 265 11.89 -53.93 14.09
N VAL B 266 12.97 -53.48 14.73
CA VAL B 266 13.92 -54.42 15.31
C VAL B 266 13.24 -55.32 16.33
N LEU B 267 12.46 -54.73 17.23
CA LEU B 267 11.83 -55.50 18.30
C LEU B 267 10.85 -56.52 17.74
N ASN B 268 10.04 -56.11 16.75
CA ASN B 268 9.06 -57.03 16.18
C ASN B 268 9.75 -58.16 15.43
N LEU B 269 10.84 -57.88 14.72
CA LEU B 269 11.59 -58.98 14.11
C LEU B 269 12.15 -59.91 15.18
N ALA B 270 12.60 -59.35 16.30
CA ALA B 270 13.11 -60.17 17.41
C ALA B 270 12.05 -61.19 17.81
N GLU B 271 10.84 -60.70 18.09
CA GLU B 271 9.80 -61.58 18.60
C GLU B 271 9.36 -62.56 17.52
N LEU B 272 9.26 -62.11 16.27
CA LEU B 272 8.95 -63.02 15.17
C LEU B 272 9.94 -64.18 15.12
N ASN B 273 11.23 -63.88 15.24
CA ASN B 273 12.25 -64.93 15.17
C ASN B 273 12.32 -65.78 16.43
N HIS B 274 11.88 -65.30 17.58
CA HIS B 274 11.88 -66.19 18.74
C HIS B 274 10.92 -67.35 18.55
N LEU B 275 10.13 -67.31 17.48
CA LEU B 275 9.21 -68.40 17.17
C LEU B 275 9.31 -68.75 15.69
N SER C 19 -17.30 -67.18 10.43
CA SER C 19 -17.27 -66.22 9.33
C SER C 19 -18.18 -65.03 9.62
N THR C 20 -19.39 -65.32 10.11
CA THR C 20 -20.30 -64.28 10.56
C THR C 20 -19.91 -63.73 11.94
N MET C 21 -19.07 -64.44 12.68
CA MET C 21 -18.62 -63.96 13.99
C MET C 21 -17.69 -62.76 13.84
N ILE C 22 -16.66 -62.88 12.99
CA ILE C 22 -15.68 -61.81 12.83
C ILE C 22 -16.27 -60.59 12.11
N GLY C 23 -17.31 -60.78 11.30
CA GLY C 23 -17.85 -59.66 10.54
C GLY C 23 -18.31 -58.51 11.42
N ARG C 24 -18.95 -58.82 12.55
CA ARG C 24 -19.38 -57.77 13.46
C ARG C 24 -18.19 -57.02 14.04
N ILE C 25 -17.14 -57.76 14.39
CA ILE C 25 -15.96 -57.15 14.99
C ILE C 25 -15.32 -56.20 14.00
N LEU C 26 -15.22 -56.62 12.74
CA LEU C 26 -14.58 -55.77 11.75
C LEU C 26 -15.45 -54.59 11.38
N LEU C 27 -16.78 -54.75 11.40
CA LEU C 27 -17.66 -53.60 11.14
C LEU C 27 -17.47 -52.54 12.22
N THR C 28 -17.42 -52.99 13.49
CA THR C 28 -17.21 -52.05 14.59
C THR C 28 -15.86 -51.35 14.47
N VAL C 29 -14.83 -52.10 14.05
CA VAL C 29 -13.51 -51.50 13.96
C VAL C 29 -13.46 -50.50 12.82
N VAL C 30 -14.10 -50.81 11.70
CA VAL C 30 -14.10 -49.87 10.57
C VAL C 30 -14.84 -48.60 10.95
N VAL C 31 -15.99 -48.73 11.62
CA VAL C 31 -16.75 -47.54 12.03
C VAL C 31 -15.91 -46.66 12.94
N ILE C 32 -15.27 -47.26 13.94
CA ILE C 32 -14.48 -46.47 14.88
C ILE C 32 -13.31 -45.82 14.16
N PHE C 33 -12.67 -46.56 13.26
CA PHE C 33 -11.55 -46.02 12.49
C PHE C 33 -11.97 -44.80 11.70
N ARG C 34 -13.10 -44.89 11.00
CA ARG C 34 -13.59 -43.77 10.22
C ARG C 34 -13.85 -42.55 11.09
N ILE C 35 -14.54 -42.75 12.22
CA ILE C 35 -14.81 -41.63 13.12
C ILE C 35 -13.50 -40.98 13.58
N LEU C 36 -12.52 -41.80 13.98
CA LEU C 36 -11.26 -41.25 14.48
C LEU C 36 -10.52 -40.47 13.41
N ILE C 37 -10.43 -41.03 12.20
CA ILE C 37 -9.73 -40.36 11.11
C ILE C 37 -10.39 -39.02 10.79
N VAL C 38 -11.72 -38.99 10.74
CA VAL C 38 -12.40 -37.75 10.39
C VAL C 38 -12.22 -36.73 11.50
N ALA C 39 -12.35 -37.17 12.76
CA ALA C 39 -12.37 -36.26 13.89
C ALA C 39 -11.00 -35.66 14.21
N ILE C 40 -9.91 -36.40 14.02
CA ILE C 40 -8.63 -35.92 14.54
C ILE C 40 -7.87 -35.04 13.55
N VAL C 41 -7.82 -35.38 12.26
CA VAL C 41 -6.97 -34.66 11.33
C VAL C 41 -7.75 -33.85 10.28
N GLY C 42 -8.92 -34.33 9.86
CA GLY C 42 -9.63 -33.71 8.75
C GLY C 42 -10.09 -32.28 8.98
N GLU C 43 -10.32 -31.89 10.23
CA GLU C 43 -10.74 -30.53 10.57
C GLU C 43 -9.72 -29.44 10.25
N THR C 44 -8.48 -29.79 9.86
CA THR C 44 -7.42 -28.79 9.77
C THR C 44 -6.78 -28.65 8.40
N VAL C 45 -7.10 -29.53 7.45
CA VAL C 45 -6.76 -29.30 6.04
C VAL C 45 -7.63 -28.22 5.41
N TYR C 46 -8.92 -28.22 5.72
CA TYR C 46 -9.88 -27.28 5.13
C TYR C 46 -10.00 -25.95 5.87
N ASP C 47 -9.29 -25.76 6.98
CA ASP C 47 -9.44 -24.55 7.78
C ASP C 47 -9.18 -23.28 6.98
N ASP C 48 -8.15 -23.27 6.13
CA ASP C 48 -7.79 -22.09 5.33
C ASP C 48 -8.38 -22.12 3.94
N GLU C 49 -9.56 -22.71 3.76
CA GLU C 49 -10.08 -22.95 2.41
C GLU C 49 -10.36 -21.65 1.67
N GLN C 50 -10.96 -20.67 2.33
CA GLN C 50 -11.33 -19.42 1.67
C GLN C 50 -10.30 -18.31 1.80
N THR C 51 -9.50 -18.31 2.85
CA THR C 51 -8.49 -17.27 3.03
C THR C 51 -7.36 -17.37 2.00
N MET C 52 -7.06 -18.56 1.50
CA MET C 52 -6.07 -18.74 0.45
C MET C 52 -6.68 -19.02 -0.92
N PHE C 53 -7.97 -18.80 -1.10
CA PHE C 53 -8.60 -18.84 -2.41
C PHE C 53 -8.50 -17.45 -3.04
N VAL C 54 -7.97 -17.38 -4.25
CA VAL C 54 -7.70 -16.10 -4.91
C VAL C 54 -8.02 -16.19 -6.39
N CYS C 55 -8.53 -15.09 -6.94
CA CYS C 55 -8.88 -14.97 -8.35
C CYS C 55 -8.14 -13.78 -8.97
N ASN C 56 -7.88 -13.89 -10.27
CA ASN C 56 -7.20 -12.84 -11.03
C ASN C 56 -8.23 -11.83 -11.50
N THR C 57 -8.40 -10.77 -10.74
CA THR C 57 -9.46 -9.80 -10.97
C THR C 57 -9.24 -8.61 -10.04
N LEU C 58 -9.87 -7.49 -10.38
CA LEU C 58 -9.89 -6.30 -9.53
C LEU C 58 -11.30 -5.90 -9.10
N GLN C 59 -12.29 -6.77 -9.32
CA GLN C 59 -13.67 -6.42 -9.04
C GLN C 59 -14.01 -6.82 -7.61
N PRO C 60 -14.49 -5.91 -6.77
CA PRO C 60 -14.90 -6.30 -5.41
C PRO C 60 -16.13 -7.20 -5.42
N GLY C 61 -16.06 -8.26 -4.61
CA GLY C 61 -17.13 -9.23 -4.50
C GLY C 61 -17.02 -10.44 -5.40
N CYS C 62 -16.02 -10.50 -6.28
CA CYS C 62 -15.93 -11.61 -7.21
C CYS C 62 -15.43 -12.87 -6.50
N ASN C 63 -14.50 -12.71 -5.56
CA ASN C 63 -13.99 -13.85 -4.81
C ASN C 63 -15.09 -14.58 -4.05
N GLN C 64 -15.97 -13.83 -3.38
CA GLN C 64 -17.08 -14.44 -2.66
C GLN C 64 -17.96 -15.29 -3.57
N ALA C 65 -18.43 -14.70 -4.68
CA ALA C 65 -19.30 -15.42 -5.59
C ALA C 65 -18.62 -16.64 -6.19
N CYS C 66 -17.35 -16.51 -6.58
CA CYS C 66 -16.68 -17.63 -7.23
C CYS C 66 -16.34 -18.73 -6.24
N TYR C 67 -15.94 -18.39 -5.01
CA TYR C 67 -15.76 -19.43 -4.00
C TYR C 67 -17.08 -20.15 -3.72
N ASP C 68 -18.17 -19.39 -3.61
CA ASP C 68 -19.46 -20.02 -3.32
C ASP C 68 -19.90 -20.94 -4.45
N ARG C 69 -19.65 -20.55 -5.71
CA ARG C 69 -20.02 -21.42 -6.82
C ARG C 69 -19.10 -22.63 -6.94
N ALA C 70 -17.81 -22.47 -6.62
CA ALA C 70 -16.89 -23.61 -6.70
C ALA C 70 -17.10 -24.59 -5.56
N PHE C 71 -17.38 -24.11 -4.36
CA PHE C 71 -17.52 -24.96 -3.16
C PHE C 71 -18.83 -24.64 -2.44
N PRO C 72 -19.95 -25.17 -2.93
CA PRO C 72 -21.24 -24.87 -2.27
C PRO C 72 -21.36 -25.41 -0.86
N ILE C 73 -21.02 -26.69 -0.66
CA ILE C 73 -20.91 -27.28 0.67
C ILE C 73 -19.54 -27.93 0.79
N SER C 74 -18.81 -27.55 1.84
CA SER C 74 -17.48 -28.08 2.09
C SER C 74 -17.53 -29.56 2.45
N HIS C 75 -16.48 -30.27 2.08
CA HIS C 75 -16.42 -31.72 2.27
C HIS C 75 -16.64 -32.10 3.73
N ILE C 76 -16.01 -31.37 4.65
CA ILE C 76 -16.02 -31.77 6.06
C ILE C 76 -17.42 -31.68 6.66
N ARG C 77 -18.21 -30.69 6.23
CA ARG C 77 -19.61 -30.62 6.68
C ARG C 77 -20.40 -31.84 6.22
N TYR C 78 -20.28 -32.20 4.95
CA TYR C 78 -20.97 -33.38 4.44
C TYR C 78 -20.56 -34.64 5.20
N TRP C 79 -19.27 -34.79 5.47
CA TRP C 79 -18.81 -35.99 6.15
C TRP C 79 -19.28 -36.04 7.60
N VAL C 80 -19.24 -34.91 8.31
CA VAL C 80 -19.77 -34.88 9.67
C VAL C 80 -21.25 -35.23 9.69
N PHE C 81 -22.03 -34.64 8.78
CA PHE C 81 -23.46 -34.95 8.73
C PHE C 81 -23.69 -36.43 8.47
N GLN C 82 -22.99 -37.00 7.50
CA GLN C 82 -23.15 -38.43 7.21
C GLN C 82 -22.80 -39.29 8.42
N ILE C 83 -21.68 -38.99 9.07
CA ILE C 83 -21.26 -39.76 10.23
C ILE C 83 -22.32 -39.71 11.32
N ILE C 84 -22.88 -38.53 11.59
CA ILE C 84 -23.89 -38.43 12.64
C ILE C 84 -25.16 -39.17 12.25
N MET C 85 -25.58 -39.05 10.98
CA MET C 85 -26.85 -39.66 10.56
C MET C 85 -26.78 -41.19 10.49
N VAL C 86 -25.61 -41.77 10.23
CA VAL C 86 -25.50 -43.23 10.17
C VAL C 86 -25.44 -43.91 11.53
N CYS C 87 -25.52 -43.18 12.63
CA CYS C 87 -25.50 -43.80 13.97
C CYS C 87 -26.84 -43.73 14.71
N THR C 88 -27.92 -43.32 14.06
CA THR C 88 -29.20 -43.14 14.74
C THR C 88 -29.97 -44.44 15.06
N PRO C 89 -30.00 -45.42 14.16
CA PRO C 89 -30.71 -46.67 14.49
C PRO C 89 -30.18 -47.38 15.72
N SER C 90 -28.86 -47.39 15.92
CA SER C 90 -28.31 -47.99 17.13
C SER C 90 -28.81 -47.26 18.37
N LEU C 91 -28.81 -45.92 18.34
CA LEU C 91 -29.30 -45.17 19.48
C LEU C 91 -30.77 -45.48 19.76
N CYS C 92 -31.57 -45.58 18.70
CA CYS C 92 -32.99 -45.92 18.89
C CYS C 92 -33.15 -47.29 19.54
N PHE C 93 -32.43 -48.29 19.03
CA PHE C 93 -32.53 -49.63 19.62
C PHE C 93 -32.09 -49.62 21.08
N ILE C 94 -31.03 -48.88 21.40
CA ILE C 94 -30.55 -48.84 22.77
C ILE C 94 -31.58 -48.20 23.69
N THR C 95 -32.17 -47.09 23.24
CA THR C 95 -33.17 -46.41 24.06
C THR C 95 -34.39 -47.29 24.29
N TYR C 96 -34.82 -48.02 23.24
CA TYR C 96 -35.93 -48.95 23.42
C TYR C 96 -35.58 -50.02 24.45
N SER C 97 -34.43 -50.67 24.30
CA SER C 97 -34.10 -51.75 25.21
C SER C 97 -33.94 -51.24 26.64
N VAL C 98 -33.41 -50.03 26.80
CA VAL C 98 -33.30 -49.44 28.13
C VAL C 98 -34.67 -49.20 28.73
N HIS C 99 -35.62 -48.74 27.92
CA HIS C 99 -36.99 -48.55 28.43
C HIS C 99 -37.64 -49.87 28.79
N GLN C 100 -37.33 -50.94 28.05
CA GLN C 100 -37.95 -52.22 28.33
C GLN C 100 -37.68 -52.71 29.75
N SER C 101 -36.64 -52.19 30.40
CA SER C 101 -36.25 -52.68 31.72
C SER C 101 -36.98 -51.90 32.81
N GLY C 194 -41.33 -57.73 20.48
CA GLY C 194 -40.82 -58.00 19.14
C GLY C 194 -39.47 -57.37 18.89
N ILE C 195 -38.48 -57.76 19.70
CA ILE C 195 -37.13 -57.21 19.56
C ILE C 195 -36.55 -57.57 18.20
N SER C 196 -36.82 -58.78 17.73
CA SER C 196 -36.21 -59.25 16.48
C SER C 196 -36.73 -58.45 15.29
N ARG C 197 -38.01 -58.07 15.30
CA ARG C 197 -38.52 -57.20 14.24
C ARG C 197 -37.78 -55.87 14.21
N PHE C 198 -37.52 -55.29 15.39
CA PHE C 198 -36.75 -54.06 15.44
C PHE C 198 -35.34 -54.26 14.90
N TYR C 199 -34.71 -55.40 15.23
CA TYR C 199 -33.38 -55.68 14.69
C TYR C 199 -33.40 -55.70 13.17
N ILE C 200 -34.36 -56.42 12.58
CA ILE C 200 -34.45 -56.51 11.13
C ILE C 200 -34.62 -55.11 10.53
N ILE C 201 -35.56 -54.35 11.06
CA ILE C 201 -35.90 -53.06 10.47
C ILE C 201 -34.73 -52.10 10.56
N GLN C 202 -34.03 -52.06 11.69
CA GLN C 202 -32.92 -51.11 11.80
C GLN C 202 -31.79 -51.47 10.85
N VAL C 203 -31.56 -52.76 10.61
CA VAL C 203 -30.56 -53.17 9.65
C VAL C 203 -30.94 -52.69 8.25
N VAL C 204 -32.22 -52.86 7.89
CA VAL C 204 -32.69 -52.40 6.59
C VAL C 204 -32.46 -50.91 6.45
N PHE C 205 -32.82 -50.15 7.48
CA PHE C 205 -32.71 -48.70 7.41
C PHE C 205 -31.25 -48.26 7.29
N ARG C 206 -30.36 -48.88 8.06
CA ARG C 206 -28.95 -48.54 7.98
C ARG C 206 -28.41 -48.80 6.58
N ASN C 207 -28.74 -49.96 6.01
CA ASN C 207 -28.32 -50.27 4.65
C ASN C 207 -28.76 -49.17 3.69
N ALA C 208 -30.06 -48.82 3.74
CA ALA C 208 -30.58 -47.82 2.81
C ALA C 208 -29.86 -46.49 2.98
N LEU C 209 -29.66 -46.07 4.24
CA LEU C 209 -29.04 -44.77 4.48
C LEU C 209 -27.62 -44.74 3.95
N GLU C 210 -26.87 -45.83 4.11
CA GLU C 210 -25.48 -45.80 3.71
C GLU C 210 -25.34 -45.86 2.19
N ILE C 211 -26.26 -46.58 1.53
CA ILE C 211 -26.21 -46.59 0.07
C ILE C 211 -26.57 -45.21 -0.48
N GLY C 212 -27.59 -44.59 0.11
CA GLY C 212 -27.96 -43.24 -0.31
C GLY C 212 -26.82 -42.26 -0.14
N PHE C 213 -26.12 -42.33 0.99
CA PHE C 213 -25.05 -41.39 1.26
C PHE C 213 -23.88 -41.59 0.31
N LEU C 214 -23.53 -42.85 0.01
CA LEU C 214 -22.45 -43.09 -0.94
C LEU C 214 -22.80 -42.55 -2.33
N VAL C 215 -24.03 -42.82 -2.79
CA VAL C 215 -24.44 -42.30 -4.09
C VAL C 215 -24.41 -40.78 -4.10
N GLY C 216 -24.91 -40.14 -3.03
CA GLY C 216 -24.87 -38.70 -2.97
C GLY C 216 -23.48 -38.13 -2.99
N GLN C 217 -22.54 -38.77 -2.28
CA GLN C 217 -21.15 -38.33 -2.33
C GLN C 217 -20.62 -38.36 -3.75
N TYR C 218 -20.83 -39.49 -4.44
CA TYR C 218 -20.37 -39.61 -5.83
C TYR C 218 -20.97 -38.53 -6.72
N PHE C 219 -22.25 -38.24 -6.54
CA PHE C 219 -22.91 -37.25 -7.39
C PHE C 219 -22.54 -35.82 -7.03
N LEU C 220 -22.17 -35.56 -5.78
CA LEU C 220 -21.82 -34.20 -5.37
C LEU C 220 -20.39 -33.84 -5.72
N TYR C 221 -19.42 -34.74 -5.53
CA TYR C 221 -18.02 -34.34 -5.59
C TYR C 221 -17.20 -35.03 -6.68
N GLY C 222 -17.58 -36.23 -7.11
CA GLY C 222 -16.75 -36.97 -8.05
C GLY C 222 -15.52 -37.60 -7.42
N PHE C 223 -14.41 -37.62 -8.18
CA PHE C 223 -13.20 -38.30 -7.74
C PHE C 223 -11.96 -37.42 -7.73
N SER C 224 -12.08 -36.11 -7.96
CA SER C 224 -10.90 -35.26 -7.97
C SER C 224 -11.28 -33.82 -7.66
N VAL C 225 -10.28 -33.06 -7.20
CA VAL C 225 -10.39 -31.62 -6.97
C VAL C 225 -9.37 -30.94 -7.88
N PRO C 226 -9.78 -30.22 -8.91
CA PRO C 226 -8.79 -29.56 -9.77
C PRO C 226 -8.21 -28.30 -9.15
N GLY C 227 -7.02 -27.93 -9.64
CA GLY C 227 -6.33 -26.75 -9.16
C GLY C 227 -6.83 -25.43 -9.72
N LEU C 228 -7.44 -25.45 -10.90
CA LEU C 228 -8.01 -24.25 -11.50
C LEU C 228 -9.52 -24.34 -11.58
N TYR C 229 -10.17 -23.18 -11.51
CA TYR C 229 -11.62 -23.08 -11.67
C TYR C 229 -11.94 -21.84 -12.50
N GLU C 230 -12.89 -22.00 -13.43
CA GLU C 230 -13.31 -20.93 -14.32
C GLU C 230 -14.69 -20.45 -13.90
N CYS C 231 -14.80 -19.14 -13.65
CA CYS C 231 -15.97 -18.56 -13.01
C CYS C 231 -16.54 -17.47 -13.89
N ASN C 232 -17.87 -17.42 -13.99
CA ASN C 232 -18.58 -16.41 -14.76
C ASN C 232 -19.83 -15.91 -14.04
N ARG C 233 -19.71 -15.64 -12.74
CA ARG C 233 -20.85 -15.16 -11.96
C ARG C 233 -20.70 -13.69 -11.61
N TYR C 234 -21.82 -12.98 -11.66
CA TYR C 234 -21.86 -11.59 -11.24
C TYR C 234 -21.38 -11.47 -9.80
N PRO C 235 -20.57 -10.45 -9.47
CA PRO C 235 -20.16 -9.29 -10.27
C PRO C 235 -18.93 -9.49 -11.13
N CYS C 236 -18.47 -10.73 -11.32
CA CYS C 236 -17.33 -10.97 -12.18
C CYS C 236 -17.71 -10.66 -13.63
N ILE C 237 -16.84 -9.93 -14.31
CA ILE C 237 -17.01 -9.63 -15.74
C ILE C 237 -16.59 -10.83 -16.57
N LYS C 238 -17.48 -11.26 -17.47
CA LYS C 238 -17.28 -12.45 -18.28
C LYS C 238 -16.71 -13.60 -17.45
N GLU C 239 -15.74 -14.36 -18.00
CA GLU C 239 -15.16 -15.47 -17.26
C GLU C 239 -13.77 -15.13 -16.73
N VAL C 240 -13.53 -15.53 -15.48
CA VAL C 240 -12.30 -15.28 -14.75
C VAL C 240 -11.71 -16.62 -14.29
N GLU C 241 -10.42 -16.61 -13.98
CA GLU C 241 -9.70 -17.80 -13.52
C GLU C 241 -9.31 -17.65 -12.05
N CYS C 242 -9.58 -18.69 -11.27
CA CYS C 242 -9.30 -18.72 -9.84
C CYS C 242 -8.47 -19.95 -9.51
N TYR C 243 -7.84 -19.93 -8.34
CA TYR C 243 -6.83 -20.93 -7.96
C TYR C 243 -7.13 -21.48 -6.58
N VAL C 244 -7.07 -22.81 -6.44
CA VAL C 244 -7.49 -23.53 -5.26
C VAL C 244 -6.28 -23.85 -4.39
N SER C 245 -6.52 -23.99 -3.09
CA SER C 245 -5.50 -24.37 -2.12
C SER C 245 -5.51 -25.87 -1.83
N ARG C 246 -4.32 -26.45 -1.77
CA ARG C 246 -4.12 -27.85 -1.39
C ARG C 246 -4.99 -28.86 -2.15
N PRO C 247 -4.96 -28.86 -3.49
CA PRO C 247 -5.85 -29.76 -4.22
C PRO C 247 -5.47 -31.23 -4.08
N THR C 248 -4.16 -31.54 -4.01
CA THR C 248 -3.73 -32.93 -3.94
C THR C 248 -4.13 -33.60 -2.63
N GLU C 249 -3.92 -32.90 -1.50
CA GLU C 249 -4.32 -33.45 -0.21
C GLU C 249 -5.82 -33.71 -0.17
N LYS C 250 -6.62 -32.80 -0.72
CA LYS C 250 -8.07 -32.96 -0.74
C LYS C 250 -8.48 -34.13 -1.63
N THR C 251 -7.80 -34.33 -2.75
CA THR C 251 -8.06 -35.50 -3.57
C THR C 251 -7.74 -36.79 -2.83
N VAL C 252 -6.61 -36.82 -2.11
CA VAL C 252 -6.25 -38.00 -1.33
C VAL C 252 -7.33 -38.30 -0.29
N PHE C 253 -7.77 -37.27 0.43
CA PHE C 253 -8.84 -37.46 1.42
C PHE C 253 -10.12 -37.99 0.77
N LEU C 254 -10.53 -37.41 -0.35
CA LEU C 254 -11.69 -37.90 -1.09
C LEU C 254 -11.58 -39.40 -1.39
N VAL C 255 -10.44 -39.82 -1.96
CA VAL C 255 -10.29 -41.21 -2.35
C VAL C 255 -10.32 -42.11 -1.13
N PHE C 256 -9.64 -41.71 -0.06
CA PHE C 256 -9.62 -42.50 1.16
C PHE C 256 -11.03 -42.68 1.71
N MET C 257 -11.81 -41.61 1.75
CA MET C 257 -13.17 -41.72 2.28
C MET C 257 -14.04 -42.63 1.42
N PHE C 258 -13.91 -42.54 0.10
CA PHE C 258 -14.67 -43.47 -0.76
C PHE C 258 -14.28 -44.91 -0.46
N ALA C 259 -12.99 -45.17 -0.28
CA ALA C 259 -12.54 -46.53 0.00
C ALA C 259 -13.13 -47.03 1.30
N VAL C 260 -13.07 -46.21 2.36
CA VAL C 260 -13.61 -46.60 3.66
C VAL C 260 -15.10 -46.90 3.55
N SER C 261 -15.85 -46.03 2.88
CA SER C 261 -17.30 -46.17 2.73
C SER C 261 -17.71 -47.42 1.96
N GLY C 262 -16.94 -47.84 0.96
CA GLY C 262 -17.26 -49.10 0.28
C GLY C 262 -17.31 -50.35 1.16
N ILE C 263 -16.35 -50.51 2.06
CA ILE C 263 -16.34 -51.65 2.97
C ILE C 263 -17.64 -51.77 3.75
N CYS C 264 -18.14 -50.66 4.32
CA CYS C 264 -19.36 -50.76 5.12
C CYS C 264 -20.54 -51.24 4.29
N VAL C 265 -20.66 -50.74 3.05
CA VAL C 265 -21.74 -51.19 2.17
C VAL C 265 -21.62 -52.69 1.95
N VAL C 266 -20.41 -53.16 1.64
CA VAL C 266 -20.20 -54.59 1.38
C VAL C 266 -20.62 -55.41 2.60
N LEU C 267 -20.16 -55.01 3.79
CA LEU C 267 -20.45 -55.78 5.00
C LEU C 267 -21.95 -55.83 5.28
N ASN C 268 -22.62 -54.69 5.16
CA ASN C 268 -24.05 -54.67 5.44
C ASN C 268 -24.83 -55.50 4.43
N LEU C 269 -24.43 -55.48 3.15
CA LEU C 269 -25.09 -56.38 2.20
C LEU C 269 -24.83 -57.83 2.57
N ALA C 270 -23.61 -58.13 3.04
CA ALA C 270 -23.30 -59.49 3.48
C ALA C 270 -24.32 -59.95 4.52
N GLU C 271 -24.50 -59.14 5.56
CA GLU C 271 -25.37 -59.54 6.66
C GLU C 271 -26.82 -59.59 6.21
N LEU C 272 -27.24 -58.62 5.38
CA LEU C 272 -28.59 -58.66 4.82
C LEU C 272 -28.86 -59.98 4.09
N ASN C 273 -27.90 -60.41 3.27
CA ASN C 273 -28.07 -61.66 2.52
C ASN C 273 -27.94 -62.91 3.37
N HIS C 274 -27.24 -62.87 4.50
CA HIS C 274 -27.20 -64.07 5.32
C HIS C 274 -28.59 -64.41 5.86
N LEU C 275 -29.56 -63.51 5.67
CA LEU C 275 -30.93 -63.76 6.09
C LEU C 275 -31.88 -63.38 4.96
N SER D 19 16.84 -37.01 57.16
CA SER D 19 17.51 -36.21 56.15
C SER D 19 17.28 -36.81 54.75
N THR D 20 17.42 -38.12 54.66
CA THR D 20 17.08 -38.84 53.43
C THR D 20 15.58 -39.01 53.26
N MET D 21 14.80 -38.83 54.32
CA MET D 21 13.35 -38.95 54.21
C MET D 21 12.76 -37.78 53.42
N ILE D 22 13.13 -36.55 53.78
CA ILE D 22 12.59 -35.36 53.12
C ILE D 22 13.09 -35.20 51.69
N GLY D 23 14.28 -35.74 51.37
CA GLY D 23 14.83 -35.56 50.04
C GLY D 23 13.92 -36.06 48.94
N ARG D 24 13.27 -37.21 49.15
CA ARG D 24 12.35 -37.73 48.15
C ARG D 24 11.16 -36.80 47.96
N ILE D 25 10.64 -36.27 49.08
CA ILE D 25 9.48 -35.40 49.02
C ILE D 25 9.81 -34.14 48.24
N LEU D 26 11.00 -33.58 48.49
CA LEU D 26 11.37 -32.35 47.80
C LEU D 26 11.71 -32.61 46.34
N LEU D 27 12.27 -33.78 46.02
CA LEU D 27 12.50 -34.09 44.62
C LEU D 27 11.18 -34.17 43.85
N THR D 28 10.19 -34.84 44.45
CA THR D 28 8.88 -34.93 43.81
C THR D 28 8.26 -33.56 43.63
N VAL D 29 8.42 -32.68 44.64
CA VAL D 29 7.80 -31.36 44.56
C VAL D 29 8.49 -30.53 43.49
N VAL D 30 9.81 -30.62 43.38
CA VAL D 30 10.54 -29.86 42.37
C VAL D 30 10.14 -30.33 40.98
N VAL D 31 10.04 -31.64 40.78
CA VAL D 31 9.65 -32.16 39.47
C VAL D 31 8.27 -31.65 39.08
N ILE D 32 7.31 -31.74 40.00
CA ILE D 32 5.95 -31.31 39.68
C ILE D 32 5.93 -29.81 39.41
N PHE D 33 6.68 -29.04 40.20
CA PHE D 33 6.75 -27.60 40.01
C PHE D 33 7.27 -27.25 38.61
N ARG D 34 8.35 -27.92 38.19
CA ARG D 34 8.91 -27.68 36.87
C ARG D 34 7.90 -27.99 35.78
N ILE D 35 7.24 -29.14 35.88
CA ILE D 35 6.24 -29.49 34.86
C ILE D 35 5.14 -28.44 34.80
N LEU D 36 4.64 -28.02 35.96
CA LEU D 36 3.55 -27.04 35.98
C LEU D 36 3.97 -25.71 35.38
N ILE D 37 5.15 -25.22 35.76
CA ILE D 37 5.62 -23.94 35.25
C ILE D 37 5.79 -24.00 33.73
N VAL D 38 6.35 -25.10 33.22
CA VAL D 38 6.57 -25.17 31.78
C VAL D 38 5.24 -25.28 31.05
N ALA D 39 4.32 -26.09 31.59
CA ALA D 39 3.08 -26.40 30.89
C ALA D 39 2.10 -25.24 30.86
N ILE D 40 2.04 -24.43 31.92
CA ILE D 40 0.93 -23.46 32.01
C ILE D 40 1.25 -22.13 31.34
N VAL D 41 2.46 -21.57 31.50
CA VAL D 41 2.72 -20.22 31.01
C VAL D 41 3.71 -20.19 29.84
N GLY D 42 4.69 -21.09 29.80
CA GLY D 42 5.76 -21.02 28.82
C GLY D 42 5.33 -21.13 27.37
N GLU D 43 4.23 -21.82 27.10
CA GLU D 43 3.72 -21.98 25.74
C GLU D 43 3.27 -20.68 25.06
N THR D 44 3.22 -19.55 25.77
CA THR D 44 2.59 -18.34 25.22
C THR D 44 3.49 -17.13 25.14
N VAL D 45 4.70 -17.18 25.70
CA VAL D 45 5.73 -16.17 25.42
C VAL D 45 6.32 -16.33 24.02
N TYR D 46 6.56 -17.57 23.59
CA TYR D 46 7.19 -17.86 22.31
C TYR D 46 6.22 -17.96 21.14
N ASP D 47 4.91 -17.83 21.38
CA ASP D 47 3.94 -18.02 20.31
C ASP D 47 4.16 -17.09 19.12
N ASP D 48 4.49 -15.82 19.37
CA ASP D 48 4.71 -14.83 18.30
C ASP D 48 6.17 -14.68 17.92
N GLU D 49 6.96 -15.75 18.02
CA GLU D 49 8.41 -15.62 17.87
C GLU D 49 8.81 -15.17 16.47
N GLN D 50 8.19 -15.73 15.43
CA GLN D 50 8.55 -15.41 14.05
C GLN D 50 7.72 -14.31 13.42
N THR D 51 6.47 -14.12 13.86
CA THR D 51 5.63 -13.08 13.28
C THR D 51 6.11 -11.68 13.64
N MET D 52 6.76 -11.50 14.79
CA MET D 52 7.34 -10.21 15.17
C MET D 52 8.86 -10.17 15.02
N PHE D 53 9.46 -11.12 14.32
CA PHE D 53 10.87 -11.04 13.95
C PHE D 53 10.97 -10.30 12.62
N VAL D 54 11.81 -9.27 12.58
CA VAL D 54 11.91 -8.39 11.42
C VAL D 54 13.36 -7.99 11.18
N CYS D 55 13.73 -7.88 9.90
CA CYS D 55 15.06 -7.49 9.47
C CYS D 55 14.97 -6.26 8.56
N ASN D 56 16.04 -5.47 8.57
CA ASN D 56 16.13 -4.26 7.75
C ASN D 56 16.67 -4.63 6.39
N THR D 57 15.77 -4.87 5.44
CA THR D 57 16.11 -5.41 4.13
C THR D 57 14.88 -5.34 3.25
N LEU D 58 15.11 -5.43 1.94
CA LEU D 58 14.04 -5.52 0.95
C LEU D 58 14.11 -6.81 0.13
N GLN D 59 14.94 -7.77 0.54
CA GLN D 59 15.14 -8.98 -0.24
C GLN D 59 14.13 -10.04 0.21
N PRO D 60 13.34 -10.61 -0.70
CA PRO D 60 12.43 -11.69 -0.30
C PRO D 60 13.17 -12.95 0.09
N GLY D 61 12.74 -13.55 1.20
CA GLY D 61 13.34 -14.75 1.72
C GLY D 61 14.43 -14.57 2.76
N CYS D 62 14.81 -13.32 3.05
CA CYS D 62 15.91 -13.10 3.99
C CYS D 62 15.46 -13.34 5.42
N ASN D 63 14.22 -12.95 5.74
CA ASN D 63 13.69 -13.17 7.08
C ASN D 63 13.65 -14.64 7.45
N GLN D 64 13.23 -15.51 6.53
CA GLN D 64 13.19 -16.93 6.81
C GLN D 64 14.58 -17.47 7.14
N ALA D 65 15.56 -17.19 6.28
CA ALA D 65 16.91 -17.70 6.51
C ALA D 65 17.51 -17.15 7.79
N CYS D 66 17.31 -15.87 8.07
CA CYS D 66 17.93 -15.29 9.27
C CYS D 66 17.25 -15.75 10.55
N TYR D 67 15.92 -15.89 10.54
CA TYR D 67 15.27 -16.49 11.69
C TYR D 67 15.75 -17.92 11.92
N ASP D 68 15.86 -18.70 10.84
CA ASP D 68 16.30 -20.08 11.00
C ASP D 68 17.72 -20.16 11.54
N ARG D 69 18.61 -19.27 11.10
CA ARG D 69 19.98 -19.28 11.61
C ARG D 69 20.06 -18.77 13.05
N ALA D 70 19.23 -17.80 13.42
CA ALA D 70 19.26 -17.28 14.78
C ALA D 70 18.63 -18.24 15.77
N PHE D 71 17.54 -18.92 15.39
CA PHE D 71 16.80 -19.82 16.28
C PHE D 71 16.59 -21.17 15.62
N PRO D 72 17.61 -22.04 15.63
CA PRO D 72 17.48 -23.35 14.97
C PRO D 72 16.45 -24.25 15.63
N ILE D 73 16.50 -24.40 16.95
CA ILE D 73 15.47 -25.08 17.73
C ILE D 73 14.99 -24.14 18.83
N SER D 74 13.68 -23.92 18.89
CA SER D 74 13.09 -23.05 19.89
C SER D 74 13.21 -23.66 21.29
N HIS D 75 13.32 -22.77 22.28
CA HIS D 75 13.53 -23.19 23.66
C HIS D 75 12.45 -24.16 24.13
N ILE D 76 11.20 -23.87 23.81
CA ILE D 76 10.09 -24.64 24.36
C ILE D 76 10.10 -26.08 23.86
N ARG D 77 10.50 -26.30 22.61
CA ARG D 77 10.64 -27.66 22.10
C ARG D 77 11.71 -28.44 22.87
N TYR D 78 12.88 -27.83 23.08
CA TYR D 78 13.93 -28.48 23.84
C TYR D 78 13.46 -28.82 25.25
N TRP D 79 12.75 -27.90 25.89
CA TRP D 79 12.32 -28.14 27.26
C TRP D 79 11.25 -29.23 27.33
N VAL D 80 10.30 -29.24 26.41
CA VAL D 80 9.31 -30.31 26.37
C VAL D 80 9.98 -31.66 26.16
N PHE D 81 10.92 -31.73 25.22
CA PHE D 81 11.61 -33.00 24.97
C PHE D 81 12.35 -33.47 26.23
N GLN D 82 13.09 -32.56 26.87
CA GLN D 82 13.81 -32.93 28.09
C GLN D 82 12.85 -33.43 29.18
N ILE D 83 11.75 -32.71 29.39
CA ILE D 83 10.79 -33.10 30.41
C ILE D 83 10.25 -34.50 30.14
N ILE D 84 9.91 -34.78 28.88
CA ILE D 84 9.36 -36.10 28.56
C ILE D 84 10.42 -37.19 28.74
N MET D 85 11.65 -36.92 28.31
CA MET D 85 12.69 -37.95 28.36
C MET D 85 13.17 -38.25 29.77
N VAL D 86 13.09 -37.29 30.70
CA VAL D 86 13.52 -37.56 32.07
C VAL D 86 12.51 -38.32 32.92
N CYS D 87 11.36 -38.73 32.36
CA CYS D 87 10.36 -39.48 33.12
C CYS D 87 10.22 -40.94 32.68
N THR D 88 11.10 -41.46 31.82
CA THR D 88 10.97 -42.81 31.29
C THR D 88 11.36 -43.93 32.24
N PRO D 89 12.45 -43.79 33.02
CA PRO D 89 12.80 -44.88 33.96
C PRO D 89 11.71 -45.19 34.97
N SER D 90 11.02 -44.17 35.49
CA SER D 90 9.90 -44.42 36.40
C SER D 90 8.82 -45.24 35.72
N LEU D 91 8.47 -44.89 34.49
CA LEU D 91 7.45 -45.65 33.77
C LEU D 91 7.88 -47.09 33.56
N CYS D 92 9.15 -47.30 33.23
CA CYS D 92 9.64 -48.67 33.05
C CYS D 92 9.53 -49.47 34.35
N PHE D 93 9.96 -48.88 35.47
CA PHE D 93 9.87 -49.59 36.74
C PHE D 93 8.42 -49.91 37.09
N ILE D 94 7.51 -48.97 36.83
CA ILE D 94 6.11 -49.18 37.15
C ILE D 94 5.54 -50.32 36.31
N THR D 95 5.85 -50.32 35.01
CA THR D 95 5.34 -51.37 34.14
C THR D 95 5.88 -52.73 34.54
N TYR D 96 7.16 -52.80 34.92
CA TYR D 96 7.72 -54.06 35.40
C TYR D 96 6.99 -54.54 36.65
N SER D 97 6.84 -53.65 37.65
CA SER D 97 6.22 -54.09 38.89
C SER D 97 4.77 -54.49 38.67
N VAL D 98 4.06 -53.80 37.77
CA VAL D 98 2.68 -54.17 37.44
C VAL D 98 2.64 -55.56 36.81
N HIS D 99 3.60 -55.86 35.94
CA HIS D 99 3.65 -57.18 35.33
C HIS D 99 3.97 -58.26 36.37
N GLN D 100 4.80 -57.93 37.36
CA GLN D 100 5.16 -58.93 38.36
C GLN D 100 3.95 -59.48 39.10
N SER D 101 2.82 -58.77 39.10
CA SER D 101 1.65 -59.19 39.86
C SER D 101 0.77 -60.12 39.03
N GLY D 194 14.91 -59.52 41.16
CA GLY D 194 15.96 -58.55 41.40
C GLY D 194 15.47 -57.12 41.28
N ILE D 195 14.48 -56.77 42.10
CA ILE D 195 13.91 -55.42 42.05
C ILE D 195 14.96 -54.38 42.42
N SER D 196 15.82 -54.71 43.38
CA SER D 196 16.81 -53.73 43.85
C SER D 196 17.83 -53.40 42.77
N ARG D 197 18.21 -54.39 41.95
CA ARG D 197 19.10 -54.10 40.84
C ARG D 197 18.45 -53.12 39.87
N PHE D 198 17.16 -53.30 39.58
CA PHE D 198 16.46 -52.34 38.74
C PHE D 198 16.42 -50.95 39.36
N TYR D 199 16.21 -50.87 40.67
CA TYR D 199 16.24 -49.57 41.34
C TYR D 199 17.57 -48.89 41.15
N ILE D 200 18.67 -49.61 41.39
CA ILE D 200 19.99 -49.03 41.23
C ILE D 200 20.19 -48.52 39.81
N ILE D 201 19.88 -49.37 38.83
CA ILE D 201 20.17 -49.04 37.44
C ILE D 201 19.36 -47.84 36.99
N GLN D 202 18.08 -47.78 37.35
CA GLN D 202 17.28 -46.65 36.89
C GLN D 202 17.76 -45.33 37.51
N VAL D 203 18.24 -45.37 38.75
CA VAL D 203 18.81 -44.18 39.36
C VAL D 203 20.03 -43.72 38.58
N VAL D 204 20.90 -44.68 38.24
CA VAL D 204 22.11 -44.35 37.47
C VAL D 204 21.71 -43.69 36.14
N PHE D 205 20.74 -44.29 35.45
CA PHE D 205 20.34 -43.77 34.14
C PHE D 205 19.74 -42.38 34.25
N ARG D 206 18.89 -42.15 35.26
CA ARG D 206 18.31 -40.83 35.44
C ARG D 206 19.39 -39.78 35.69
N ASN D 207 20.35 -40.11 36.56
CA ASN D 207 21.46 -39.19 36.80
C ASN D 207 22.16 -38.82 35.50
N ALA D 208 22.53 -39.86 34.72
CA ALA D 208 23.26 -39.60 33.48
C ALA D 208 22.45 -38.73 32.54
N LEU D 209 21.15 -39.03 32.38
CA LEU D 209 20.33 -38.28 31.44
C LEU D 209 20.22 -36.82 31.85
N GLU D 210 20.08 -36.56 33.16
CA GLU D 210 19.88 -35.18 33.58
C GLU D 210 21.16 -34.38 33.48
N ILE D 211 22.32 -35.02 33.72
CA ILE D 211 23.57 -34.30 33.54
C ILE D 211 23.80 -34.00 32.07
N GLY D 212 23.52 -34.97 31.20
CA GLY D 212 23.65 -34.73 29.78
C GLY D 212 22.77 -33.60 29.30
N PHE D 213 21.51 -33.56 29.77
CA PHE D 213 20.60 -32.53 29.32
C PHE D 213 21.02 -31.15 29.81
N LEU D 214 21.50 -31.04 31.05
CA LEU D 214 21.97 -29.74 31.54
C LEU D 214 23.16 -29.25 30.73
N VAL D 215 24.13 -30.14 30.47
CA VAL D 215 25.28 -29.74 29.66
C VAL D 215 24.85 -29.31 28.26
N GLY D 216 23.93 -30.07 27.65
CA GLY D 216 23.46 -29.69 26.32
C GLY D 216 22.75 -28.35 26.31
N GLN D 217 21.95 -28.07 27.32
CA GLN D 217 21.31 -26.76 27.42
C GLN D 217 22.35 -25.64 27.45
N TYR D 218 23.36 -25.80 28.31
CA TYR D 218 24.42 -24.79 28.41
C TYR D 218 25.13 -24.60 27.07
N PHE D 219 25.39 -25.70 26.36
CA PHE D 219 26.13 -25.59 25.09
C PHE D 219 25.25 -25.07 23.96
N LEU D 220 23.94 -25.28 24.02
CA LEU D 220 23.06 -24.82 22.96
C LEU D 220 22.69 -23.35 23.09
N TYR D 221 22.40 -22.86 24.29
CA TYR D 221 21.78 -21.55 24.43
C TYR D 221 22.61 -20.53 25.21
N GLY D 222 23.46 -20.95 26.12
CA GLY D 222 24.17 -20.00 26.98
C GLY D 222 23.32 -19.42 28.08
N PHE D 223 23.54 -18.14 28.39
CA PHE D 223 22.87 -17.50 29.52
C PHE D 223 22.11 -16.23 29.16
N SER D 224 22.00 -15.89 27.87
CA SER D 224 21.29 -14.67 27.51
C SER D 224 20.77 -14.75 26.09
N VAL D 225 19.76 -13.93 25.82
CA VAL D 225 19.19 -13.75 24.48
C VAL D 225 19.37 -12.28 24.09
N PRO D 226 20.24 -11.95 23.14
CA PRO D 226 20.42 -10.55 22.77
C PRO D 226 19.28 -10.02 21.91
N GLY D 227 19.14 -8.70 21.93
CA GLY D 227 18.11 -8.04 21.15
C GLY D 227 18.43 -7.84 19.68
N LEU D 228 19.70 -7.81 19.32
CA LEU D 228 20.10 -7.69 17.92
C LEU D 228 20.81 -8.96 17.45
N TYR D 229 20.67 -9.24 16.15
CA TYR D 229 21.36 -10.36 15.51
C TYR D 229 21.86 -9.92 14.14
N GLU D 230 23.08 -10.33 13.81
CA GLU D 230 23.74 -9.98 12.56
C GLU D 230 23.77 -11.22 11.67
N CYS D 231 23.22 -11.09 10.46
CA CYS D 231 22.96 -12.23 9.59
C CYS D 231 23.65 -12.01 8.25
N ASN D 232 24.25 -13.07 7.73
CA ASN D 232 24.92 -13.04 6.43
C ASN D 232 24.64 -14.31 5.62
N ARG D 233 23.38 -14.75 5.58
CA ARG D 233 23.02 -15.95 4.84
C ARG D 233 22.23 -15.60 3.58
N TYR D 234 22.52 -16.33 2.52
CA TYR D 234 21.77 -16.21 1.28
C TYR D 234 20.29 -16.45 1.54
N PRO D 235 19.39 -15.65 0.94
CA PRO D 235 19.60 -14.64 -0.10
C PRO D 235 19.92 -13.24 0.41
N CYS D 236 20.25 -13.10 1.69
CA CYS D 236 20.62 -11.79 2.21
C CYS D 236 21.95 -11.36 1.59
N ILE D 237 21.99 -10.10 1.14
CA ILE D 237 23.22 -9.50 0.60
C ILE D 237 24.12 -9.07 1.75
N LYS D 238 25.38 -9.51 1.69
CA LYS D 238 26.35 -9.27 2.77
C LYS D 238 25.73 -9.47 4.14
N GLU D 239 26.03 -8.61 5.12
CA GLU D 239 25.48 -8.74 6.45
C GLU D 239 24.37 -7.74 6.72
N VAL D 240 23.29 -8.22 7.34
CA VAL D 240 22.09 -7.45 7.66
C VAL D 240 21.84 -7.53 9.15
N GLU D 241 21.06 -6.57 9.66
CA GLU D 241 20.72 -6.50 11.08
C GLU D 241 19.23 -6.81 11.28
N CYS D 242 18.95 -7.68 12.26
CA CYS D 242 17.60 -8.12 12.57
C CYS D 242 17.34 -7.91 14.07
N TYR D 243 16.05 -7.91 14.43
CA TYR D 243 15.61 -7.50 15.75
C TYR D 243 14.67 -8.54 16.35
N VAL D 244 14.91 -8.89 17.62
CA VAL D 244 14.24 -10.00 18.29
C VAL D 244 13.09 -9.46 19.14
N SER D 245 12.09 -10.31 19.36
CA SER D 245 10.95 -10.00 20.22
C SER D 245 11.13 -10.54 21.63
N ARG D 246 10.78 -9.72 22.61
CA ARG D 246 10.77 -10.09 24.03
C ARG D 246 12.06 -10.73 24.54
N PRO D 247 13.21 -10.07 24.36
CA PRO D 247 14.46 -10.72 24.78
C PRO D 247 14.59 -10.85 26.29
N THR D 248 14.12 -9.86 27.05
CA THR D 248 14.27 -9.88 28.50
C THR D 248 13.48 -11.01 29.15
N GLU D 249 12.22 -11.18 28.74
CA GLU D 249 11.41 -12.27 29.27
C GLU D 249 12.04 -13.63 28.97
N LYS D 250 12.57 -13.79 27.77
CA LYS D 250 13.20 -15.05 27.41
C LYS D 250 14.47 -15.29 28.21
N THR D 251 15.24 -14.24 28.49
CA THR D 251 16.40 -14.37 29.36
C THR D 251 15.99 -14.80 30.77
N VAL D 252 14.92 -14.19 31.30
CA VAL D 252 14.43 -14.57 32.63
C VAL D 252 14.05 -16.04 32.66
N PHE D 253 13.30 -16.48 31.64
CA PHE D 253 12.92 -17.89 31.56
C PHE D 253 14.14 -18.81 31.50
N LEU D 254 15.12 -18.48 30.67
CA LEU D 254 16.36 -19.24 30.61
C LEU D 254 16.99 -19.40 31.98
N VAL D 255 17.16 -18.28 32.69
CA VAL D 255 17.85 -18.32 33.99
C VAL D 255 17.05 -19.16 34.98
N PHE D 256 15.72 -18.98 35.01
CA PHE D 256 14.88 -19.75 35.90
C PHE D 256 15.02 -21.24 35.64
N MET D 257 14.98 -21.65 34.37
CA MET D 257 15.08 -23.06 34.05
C MET D 257 16.43 -23.63 34.47
N PHE D 258 17.52 -22.88 34.25
CA PHE D 258 18.82 -23.36 34.71
C PHE D 258 18.82 -23.55 36.22
N ALA D 259 18.22 -22.61 36.95
CA ALA D 259 18.19 -22.71 38.40
C ALA D 259 17.43 -23.95 38.83
N VAL D 260 16.26 -24.18 38.24
CA VAL D 260 15.45 -25.35 38.60
C VAL D 260 16.22 -26.64 38.31
N SER D 261 16.85 -26.73 37.15
CA SER D 261 17.60 -27.92 36.73
C SER D 261 18.79 -28.23 37.63
N GLY D 262 19.48 -27.22 38.17
CA GLY D 262 20.56 -27.50 39.12
C GLY D 262 20.17 -28.29 40.37
N ILE D 263 19.03 -27.93 40.98
CA ILE D 263 18.56 -28.65 42.17
C ILE D 263 18.43 -30.15 41.91
N CYS D 264 17.82 -30.54 40.80
CA CYS D 264 17.63 -31.97 40.56
C CYS D 264 18.97 -32.71 40.46
N VAL D 265 19.95 -32.10 39.78
CA VAL D 265 21.27 -32.72 39.69
C VAL D 265 21.85 -32.89 41.09
N VAL D 266 21.76 -31.85 41.92
CA VAL D 266 22.31 -31.93 43.27
C VAL D 266 21.65 -33.07 44.05
N LEU D 267 20.32 -33.14 44.00
CA LEU D 267 19.60 -34.14 44.78
C LEU D 267 19.95 -35.55 44.32
N ASN D 268 20.01 -35.77 43.01
CA ASN D 268 20.32 -37.10 42.51
C ASN D 268 21.75 -37.50 42.86
N LEU D 269 22.70 -36.56 42.81
CA LEU D 269 24.04 -36.90 43.27
C LEU D 269 24.03 -37.24 44.76
N ALA D 270 23.23 -36.51 45.54
CA ALA D 270 23.11 -36.81 46.96
C ALA D 270 22.74 -38.28 47.16
N GLU D 271 21.67 -38.71 46.49
CA GLU D 271 21.16 -40.06 46.70
C GLU D 271 22.15 -41.08 46.16
N LEU D 272 22.76 -40.80 45.01
CA LEU D 272 23.80 -41.68 44.47
C LEU D 272 24.91 -41.91 45.50
N ASN D 273 25.37 -40.83 46.13
CA ASN D 273 26.45 -40.95 47.11
C ASN D 273 26.02 -41.56 48.43
N HIS D 274 24.73 -41.49 48.79
CA HIS D 274 24.34 -42.16 50.04
C HIS D 274 24.51 -43.67 49.91
N LEU D 275 24.82 -44.16 48.72
CA LEU D 275 25.06 -45.58 48.50
C LEU D 275 26.32 -45.78 47.66
N SER E 19 -13.72 -17.09 66.63
CA SER E 19 -13.02 -16.05 65.90
C SER E 19 -11.89 -16.64 65.06
N THR E 20 -11.12 -17.54 65.68
CA THR E 20 -10.11 -18.30 64.95
C THR E 20 -10.70 -19.42 64.11
N MET E 21 -11.95 -19.80 64.36
CA MET E 21 -12.60 -20.84 63.56
C MET E 21 -12.90 -20.35 62.16
N ILE E 22 -13.54 -19.18 62.04
CA ILE E 22 -13.92 -18.64 60.74
C ILE E 22 -12.72 -18.18 59.91
N GLY E 23 -11.63 -17.81 60.56
CA GLY E 23 -10.48 -17.30 59.83
C GLY E 23 -9.95 -18.27 58.78
N ARG E 24 -9.91 -19.56 59.12
CA ARG E 24 -9.45 -20.55 58.16
C ARG E 24 -10.40 -20.63 56.97
N ILE E 25 -11.70 -20.58 57.24
CA ILE E 25 -12.70 -20.69 56.19
C ILE E 25 -12.56 -19.51 55.24
N LEU E 26 -12.36 -18.32 55.78
CA LEU E 26 -12.27 -17.14 54.92
C LEU E 26 -10.93 -17.11 54.19
N LEU E 27 -9.86 -17.62 54.78
CA LEU E 27 -8.60 -17.69 54.06
C LEU E 27 -8.73 -18.61 52.85
N THR E 28 -9.37 -19.78 53.05
CA THR E 28 -9.57 -20.70 51.94
C THR E 28 -10.43 -20.07 50.86
N VAL E 29 -11.46 -19.32 51.25
CA VAL E 29 -12.35 -18.73 50.27
C VAL E 29 -11.63 -17.64 49.49
N VAL E 30 -10.80 -16.84 50.16
CA VAL E 30 -10.07 -15.78 49.48
C VAL E 30 -9.08 -16.40 48.48
N VAL E 31 -8.37 -17.45 48.89
CA VAL E 31 -7.42 -18.09 47.99
C VAL E 31 -8.12 -18.62 46.75
N ILE E 32 -9.24 -19.31 46.93
CA ILE E 32 -9.94 -19.88 45.78
C ILE E 32 -10.47 -18.76 44.89
N PHE E 33 -10.98 -17.70 45.50
CA PHE E 33 -11.49 -16.56 44.73
C PHE E 33 -10.39 -15.95 43.86
N ARG E 34 -9.21 -15.74 44.45
CA ARG E 34 -8.10 -15.18 43.69
C ARG E 34 -7.73 -16.08 42.51
N ILE E 35 -7.60 -17.38 42.76
CA ILE E 35 -7.26 -18.29 41.68
C ILE E 35 -8.29 -18.23 40.56
N LEU E 36 -9.58 -18.25 40.93
CA LEU E 36 -10.63 -18.23 39.91
C LEU E 36 -10.61 -16.94 39.10
N ILE E 37 -10.48 -15.80 39.78
CA ILE E 37 -10.47 -14.52 39.07
C ILE E 37 -9.29 -14.44 38.11
N VAL E 38 -8.11 -14.90 38.55
CA VAL E 38 -6.95 -14.81 37.67
C VAL E 38 -7.10 -15.76 36.49
N ALA E 39 -7.58 -16.98 36.76
CA ALA E 39 -7.61 -18.02 35.75
C ALA E 39 -8.67 -17.80 34.68
N ILE E 40 -9.83 -17.22 35.02
CA ILE E 40 -10.93 -17.23 34.05
C ILE E 40 -10.92 -16.01 33.13
N VAL E 41 -10.65 -14.80 33.62
CA VAL E 41 -10.80 -13.61 32.81
C VAL E 41 -9.47 -12.92 32.49
N GLY E 42 -8.49 -12.96 33.40
CA GLY E 42 -7.26 -12.19 33.23
C GLY E 42 -6.41 -12.56 32.02
N GLU E 43 -6.49 -13.81 31.55
CA GLU E 43 -5.74 -14.24 30.39
C GLU E 43 -6.11 -13.56 29.07
N THR E 44 -7.18 -12.75 29.02
CA THR E 44 -7.69 -12.25 27.75
C THR E 44 -7.71 -10.74 27.61
N VAL E 45 -7.44 -9.99 28.68
CA VAL E 45 -7.17 -8.55 28.56
C VAL E 45 -5.80 -8.27 27.96
N TYR E 46 -4.79 -9.05 28.35
CA TYR E 46 -3.41 -8.84 27.90
C TYR E 46 -3.06 -9.56 26.59
N ASP E 47 -3.99 -10.31 26.01
CA ASP E 47 -3.67 -11.10 24.82
C ASP E 47 -3.15 -10.24 23.67
N ASP E 48 -3.75 -9.07 23.43
CA ASP E 48 -3.36 -8.18 22.35
C ASP E 48 -2.37 -7.10 22.78
N GLU E 49 -1.51 -7.39 23.76
CA GLU E 49 -0.70 -6.34 24.36
C GLU E 49 0.28 -5.72 23.37
N GLN E 50 0.95 -6.55 22.56
CA GLN E 50 1.96 -6.07 21.62
C GLN E 50 1.44 -5.78 20.23
N THR E 51 0.39 -6.46 19.79
CA THR E 51 -0.16 -6.23 18.45
C THR E 51 -0.81 -4.86 18.32
N MET E 52 -1.35 -4.30 19.40
CA MET E 52 -1.91 -2.95 19.39
C MET E 52 -1.02 -1.92 20.07
N PHE E 53 0.24 -2.24 20.33
CA PHE E 53 1.22 -1.25 20.78
C PHE E 53 1.86 -0.62 19.55
N VAL E 54 1.85 0.71 19.48
CA VAL E 54 2.31 1.44 18.31
C VAL E 54 3.06 2.70 18.72
N CYS E 55 4.10 3.03 17.96
CA CYS E 55 4.93 4.21 18.18
C CYS E 55 4.94 5.08 16.92
N ASN E 56 5.13 6.38 17.13
CA ASN E 56 5.18 7.35 16.04
C ASN E 56 6.62 7.43 15.53
N THR E 57 6.90 6.66 14.48
CA THR E 57 8.25 6.49 13.98
C THR E 57 8.19 5.73 12.66
N LEU E 58 9.27 5.82 11.90
CA LEU E 58 9.44 5.06 10.67
C LEU E 58 10.66 4.14 10.72
N GLN E 59 11.27 3.95 11.88
CA GLN E 59 12.49 3.18 11.99
C GLN E 59 12.14 1.73 12.27
N PRO E 60 12.62 0.78 11.46
CA PRO E 60 12.35 -0.64 11.75
C PRO E 60 13.08 -1.11 13.01
N GLY E 61 12.35 -1.84 13.84
CA GLY E 61 12.87 -2.37 15.09
C GLY E 61 12.63 -1.51 16.32
N CYS E 62 12.05 -0.32 16.16
CA CYS E 62 11.87 0.56 17.31
C CYS E 62 10.73 0.08 18.19
N ASN E 63 9.67 -0.45 17.58
CA ASN E 63 8.54 -0.97 18.35
C ASN E 63 8.96 -2.09 19.28
N GLN E 64 9.78 -3.03 18.79
CA GLN E 64 10.24 -4.12 19.63
C GLN E 64 11.01 -3.62 20.85
N ALA E 65 12.01 -2.76 20.63
CA ALA E 65 12.80 -2.25 21.75
C ALA E 65 11.96 -1.45 22.73
N CYS E 66 11.05 -0.61 22.23
CA CYS E 66 10.27 0.22 23.14
C CYS E 66 9.23 -0.59 23.91
N TYR E 67 8.60 -1.56 23.27
CA TYR E 67 7.71 -2.45 24.01
C TYR E 67 8.48 -3.22 25.08
N ASP E 68 9.67 -3.72 24.73
CA ASP E 68 10.45 -4.47 25.71
C ASP E 68 10.86 -3.60 26.89
N ARG E 69 11.22 -2.34 26.64
CA ARG E 69 11.60 -1.46 27.74
C ARG E 69 10.40 -1.02 28.56
N ALA E 70 9.24 -0.84 27.94
CA ALA E 70 8.05 -0.44 28.68
C ALA E 70 7.47 -1.58 29.50
N PHE E 71 7.48 -2.81 28.96
CA PHE E 71 6.88 -3.97 29.62
C PHE E 71 7.87 -5.13 29.66
N PRO E 72 8.81 -5.11 30.61
CA PRO E 72 9.81 -6.18 30.66
C PRO E 72 9.23 -7.54 31.00
N ILE E 73 8.40 -7.62 32.04
CA ILE E 73 7.62 -8.82 32.35
C ILE E 73 6.16 -8.44 32.45
N SER E 74 5.31 -9.13 31.69
CA SER E 74 3.88 -8.87 31.69
C SER E 74 3.26 -9.25 33.04
N HIS E 75 2.20 -8.51 33.39
CA HIS E 75 1.54 -8.70 34.68
C HIS E 75 1.09 -10.14 34.89
N ILE E 76 0.51 -10.75 33.86
CA ILE E 76 -0.12 -12.06 34.01
C ILE E 76 0.92 -13.13 34.32
N ARG E 77 2.12 -13.03 33.74
CA ARG E 77 3.19 -13.96 34.08
C ARG E 77 3.59 -13.86 35.55
N TYR E 78 3.78 -12.62 36.04
CA TYR E 78 4.11 -12.43 37.44
C TYR E 78 3.03 -13.00 38.35
N TRP E 79 1.77 -12.77 38.02
CA TRP E 79 0.68 -13.25 38.87
C TRP E 79 0.59 -14.77 38.86
N VAL E 80 0.73 -15.39 37.70
CA VAL E 80 0.72 -16.85 37.63
C VAL E 80 1.87 -17.42 38.46
N PHE E 81 3.07 -16.86 38.32
CA PHE E 81 4.21 -17.36 39.10
C PHE E 81 3.94 -17.23 40.60
N GLN E 82 3.46 -16.07 41.04
CA GLN E 82 3.16 -15.88 42.45
C GLN E 82 2.13 -16.89 42.95
N ILE E 83 1.04 -17.07 42.19
CA ILE E 83 0.00 -18.00 42.58
C ILE E 83 0.56 -19.41 42.74
N ILE E 84 1.40 -19.84 41.79
CA ILE E 84 1.94 -21.20 41.88
C ILE E 84 2.90 -21.32 43.07
N MET E 85 3.74 -20.30 43.30
CA MET E 85 4.73 -20.39 44.36
C MET E 85 4.14 -20.32 45.75
N VAL E 86 3.00 -19.65 45.93
CA VAL E 86 2.38 -19.57 47.26
C VAL E 86 1.61 -20.81 47.68
N CYS E 87 1.58 -21.87 46.86
CA CYS E 87 0.87 -23.11 47.21
C CYS E 87 1.79 -24.29 47.49
N THR E 88 3.10 -24.10 47.59
CA THR E 88 4.04 -25.21 47.75
C THR E 88 4.11 -25.80 49.16
N PRO E 89 4.08 -24.98 50.22
CA PRO E 89 4.11 -25.58 51.58
C PRO E 89 2.96 -26.52 51.87
N SER E 90 1.76 -26.21 51.40
CA SER E 90 0.65 -27.15 51.57
C SER E 90 0.93 -28.47 50.89
N LEU E 91 1.44 -28.43 49.66
CA LEU E 91 1.75 -29.67 48.95
C LEU E 91 2.81 -30.47 49.70
N CYS E 92 3.83 -29.80 50.23
CA CYS E 92 4.85 -30.50 51.00
C CYS E 92 4.26 -31.19 52.22
N PHE E 93 3.43 -30.46 52.98
CA PHE E 93 2.82 -31.05 54.16
C PHE E 93 1.95 -32.25 53.80
N ILE E 94 1.21 -32.14 52.70
CA ILE E 94 0.33 -33.23 52.28
C ILE E 94 1.16 -34.45 51.90
N THR E 95 2.24 -34.24 51.13
CA THR E 95 3.07 -35.37 50.72
C THR E 95 3.71 -36.04 51.93
N TYR E 96 4.17 -35.26 52.90
CA TYR E 96 4.72 -35.83 54.12
C TYR E 96 3.67 -36.68 54.85
N SER E 97 2.48 -36.12 55.06
CA SER E 97 1.48 -36.86 55.82
C SER E 97 1.05 -38.11 55.08
N VAL E 98 0.97 -38.06 53.75
CA VAL E 98 0.65 -39.23 52.96
C VAL E 98 1.72 -40.31 53.12
N HIS E 99 2.99 -39.90 53.14
CA HIS E 99 4.07 -40.87 53.35
C HIS E 99 4.01 -41.47 54.75
N GLN E 100 3.60 -40.68 55.74
CA GLN E 100 3.56 -41.20 57.11
C GLN E 100 2.66 -42.42 57.24
N SER E 101 1.73 -42.62 56.32
CA SER E 101 0.76 -43.71 56.43
C SER E 101 1.31 -44.98 55.80
N GLY E 194 7.09 -35.25 64.56
CA GLY E 194 7.02 -33.83 64.84
C GLY E 194 6.17 -33.08 63.83
N ILE E 195 4.89 -33.46 63.72
CA ILE E 195 3.99 -32.82 62.77
C ILE E 195 3.81 -31.35 63.11
N SER E 196 3.75 -31.03 64.40
CA SER E 196 3.48 -29.66 64.82
C SER E 196 4.63 -28.73 64.43
N ARG E 197 5.87 -29.21 64.51
CA ARG E 197 7.00 -28.41 64.06
C ARG E 197 6.87 -28.09 62.57
N PHE E 198 6.46 -29.07 61.77
CA PHE E 198 6.23 -28.82 60.35
C PHE E 198 5.12 -27.80 60.14
N TYR E 199 4.05 -27.88 60.93
CA TYR E 199 2.98 -26.88 60.82
C TYR E 199 3.51 -25.49 61.08
N ILE E 200 4.26 -25.31 62.16
CA ILE E 200 4.82 -24.00 62.49
C ILE E 200 5.68 -23.47 61.35
N ILE E 201 6.60 -24.32 60.87
CA ILE E 201 7.57 -23.88 59.88
C ILE E 201 6.89 -23.50 58.58
N GLN E 202 5.91 -24.29 58.13
CA GLN E 202 5.29 -23.98 56.86
C GLN E 202 4.49 -22.67 56.95
N VAL E 203 3.90 -22.39 58.12
CA VAL E 203 3.21 -21.11 58.30
C VAL E 203 4.20 -19.97 58.18
N VAL E 204 5.35 -20.11 58.84
CA VAL E 204 6.38 -19.07 58.78
C VAL E 204 6.79 -18.83 57.32
N PHE E 205 7.03 -19.91 56.59
CA PHE E 205 7.50 -19.79 55.21
C PHE E 205 6.45 -19.13 54.33
N ARG E 206 5.18 -19.52 54.49
CA ARG E 206 4.11 -18.91 53.70
C ARG E 206 4.03 -17.41 53.97
N ASN E 207 4.09 -17.02 55.24
CA ASN E 207 4.08 -15.61 55.59
C ASN E 207 5.20 -14.87 54.87
N ALA E 208 6.42 -15.39 54.99
CA ALA E 208 7.55 -14.72 54.37
C ALA E 208 7.37 -14.58 52.87
N LEU E 209 6.93 -15.66 52.21
CA LEU E 209 6.81 -15.64 50.76
C LEU E 209 5.77 -14.62 50.33
N GLU E 210 4.66 -14.51 51.06
CA GLU E 210 3.60 -13.61 50.62
C GLU E 210 3.99 -12.16 50.86
N ILE E 211 4.73 -11.89 51.94
CA ILE E 211 5.18 -10.51 52.15
C ILE E 211 6.20 -10.12 51.08
N GLY E 212 7.11 -11.05 50.76
CA GLY E 212 8.08 -10.77 49.71
C GLY E 212 7.40 -10.49 48.39
N PHE E 213 6.39 -11.29 48.04
CA PHE E 213 5.73 -11.12 46.75
C PHE E 213 4.96 -9.80 46.68
N LEU E 214 4.30 -9.41 47.78
CA LEU E 214 3.60 -8.13 47.78
C LEU E 214 4.57 -6.96 47.62
N VAL E 215 5.68 -7.00 48.34
CA VAL E 215 6.69 -5.94 48.21
C VAL E 215 7.22 -5.90 46.78
N GLY E 216 7.53 -7.06 46.20
CA GLY E 216 8.02 -7.08 44.83
C GLY E 216 7.04 -6.54 43.83
N GLN E 217 5.75 -6.85 44.00
CA GLN E 217 4.72 -6.29 43.13
C GLN E 217 4.74 -4.77 43.19
N TYR E 218 4.74 -4.23 44.41
CA TYR E 218 4.77 -2.77 44.58
C TYR E 218 5.99 -2.15 43.91
N PHE E 219 7.16 -2.80 44.06
CA PHE E 219 8.38 -2.23 43.50
C PHE E 219 8.47 -2.41 41.99
N LEU E 220 7.83 -3.43 41.43
CA LEU E 220 7.89 -3.67 40.00
C LEU E 220 6.90 -2.80 39.22
N TYR E 221 5.67 -2.62 39.70
CA TYR E 221 4.62 -2.03 38.86
C TYR E 221 4.04 -0.74 39.38
N GLY E 222 4.06 -0.49 40.68
CA GLY E 222 3.39 0.68 41.23
C GLY E 222 1.88 0.55 41.30
N PHE E 223 1.17 1.66 41.05
CA PHE E 223 -0.27 1.69 41.20
C PHE E 223 -1.02 2.16 39.96
N SER E 224 -0.34 2.35 38.83
CA SER E 224 -1.04 2.81 37.63
C SER E 224 -0.28 2.41 36.38
N VAL E 225 -1.01 2.36 35.27
CA VAL E 225 -0.45 2.13 33.94
C VAL E 225 -0.78 3.36 33.09
N PRO E 226 0.19 4.18 32.72
CA PRO E 226 -0.11 5.35 31.90
C PRO E 226 -0.36 5.01 30.44
N GLY E 227 -1.07 5.91 29.77
CA GLY E 227 -1.40 5.74 28.36
C GLY E 227 -0.28 6.11 27.40
N LEU E 228 0.65 6.97 27.79
CA LEU E 228 1.79 7.33 26.97
C LEU E 228 3.08 6.84 27.59
N TYR E 229 4.06 6.54 26.72
CA TYR E 229 5.39 6.15 27.14
C TYR E 229 6.42 6.82 26.23
N GLU E 230 7.49 7.32 26.84
CA GLU E 230 8.56 8.01 26.14
C GLU E 230 9.78 7.11 26.09
N CYS E 231 10.28 6.85 24.88
CA CYS E 231 11.29 5.83 24.64
C CYS E 231 12.49 6.46 23.96
N ASN E 232 13.69 6.04 24.39
CA ASN E 232 14.95 6.52 23.81
C ASN E 232 15.96 5.39 23.66
N ARG E 233 15.52 4.23 23.17
CA ARG E 233 16.40 3.09 23.00
C ARG E 233 16.71 2.84 21.53
N TYR E 234 17.96 2.48 21.26
CA TYR E 234 18.37 2.09 19.92
C TYR E 234 17.50 0.93 19.43
N PRO E 235 17.07 0.94 18.16
CA PRO E 235 17.43 1.85 17.06
C PRO E 235 16.59 3.11 16.95
N CYS E 236 15.81 3.43 17.97
CA CYS E 236 15.02 4.66 17.94
C CYS E 236 15.96 5.87 18.01
N ILE E 237 15.71 6.84 17.13
CA ILE E 237 16.45 8.10 17.13
C ILE E 237 15.93 9.01 18.23
N LYS E 238 16.85 9.51 19.06
CA LYS E 238 16.50 10.32 20.23
C LYS E 238 15.30 9.76 20.97
N GLU E 239 14.37 10.59 21.42
CA GLU E 239 13.20 10.12 22.14
C GLU E 239 11.95 10.15 21.28
N VAL E 240 11.16 9.08 21.37
CA VAL E 240 9.94 8.87 20.61
C VAL E 240 8.79 8.63 21.57
N GLU E 241 7.56 8.84 21.08
CA GLU E 241 6.35 8.66 21.87
C GLU E 241 5.56 7.45 21.38
N CYS E 242 5.14 6.61 22.31
CA CYS E 242 4.40 5.38 22.03
C CYS E 242 3.11 5.36 22.86
N TYR E 243 2.17 4.52 22.43
CA TYR E 243 0.81 4.53 22.95
C TYR E 243 0.38 3.13 23.35
N VAL E 244 -0.22 3.00 24.54
CA VAL E 244 -0.53 1.74 25.18
C VAL E 244 -1.99 1.38 24.93
N SER E 245 -2.28 0.08 24.94
CA SER E 245 -3.63 -0.45 24.80
C SER E 245 -4.27 -0.74 26.15
N ARG E 246 -5.54 -0.35 26.29
CA ARG E 246 -6.37 -0.65 27.45
C ARG E 246 -5.74 -0.29 28.80
N PRO E 247 -5.30 0.96 28.99
CA PRO E 247 -4.62 1.30 30.25
C PRO E 247 -5.55 1.29 31.45
N THR E 248 -6.81 1.71 31.29
CA THR E 248 -7.74 1.79 32.41
C THR E 248 -8.09 0.42 32.97
N GLU E 249 -8.39 -0.54 32.08
CA GLU E 249 -8.68 -1.90 32.53
C GLU E 249 -7.50 -2.50 33.28
N LYS E 250 -6.28 -2.27 32.78
CA LYS E 250 -5.10 -2.80 33.44
C LYS E 250 -4.87 -2.15 34.80
N THR E 251 -5.16 -0.86 34.92
CA THR E 251 -5.09 -0.20 36.21
C THR E 251 -6.10 -0.80 37.20
N VAL E 252 -7.32 -1.04 36.73
CA VAL E 252 -8.34 -1.65 37.58
C VAL E 252 -7.87 -3.02 38.08
N PHE E 253 -7.35 -3.84 37.16
CA PHE E 253 -6.85 -5.15 37.54
C PHE E 253 -5.72 -5.04 38.57
N LEU E 254 -4.76 -4.14 38.35
CA LEU E 254 -3.70 -3.90 39.31
C LEU E 254 -4.25 -3.61 40.71
N VAL E 255 -5.18 -2.66 40.78
CA VAL E 255 -5.70 -2.25 42.09
C VAL E 255 -6.44 -3.41 42.76
N PHE E 256 -7.24 -4.14 41.99
CA PHE E 256 -7.97 -5.28 42.53
C PHE E 256 -7.00 -6.31 43.10
N MET E 257 -5.93 -6.63 42.37
CA MET E 257 -5.00 -7.64 42.84
C MET E 257 -4.30 -7.18 44.12
N PHE E 258 -3.92 -5.90 44.20
CA PHE E 258 -3.32 -5.40 45.44
C PHE E 258 -4.29 -5.55 46.60
N ALA E 259 -5.57 -5.24 46.37
CA ALA E 259 -6.56 -5.35 47.43
C ALA E 259 -6.68 -6.79 47.90
N VAL E 260 -6.78 -7.72 46.96
CA VAL E 260 -6.91 -9.14 47.32
C VAL E 260 -5.70 -9.60 48.12
N SER E 261 -4.49 -9.25 47.67
CA SER E 261 -3.25 -9.65 48.32
C SER E 261 -3.09 -9.11 49.74
N GLY E 262 -3.58 -7.90 50.02
CA GLY E 262 -3.53 -7.40 51.40
C GLY E 262 -4.26 -8.25 52.43
N ILE E 263 -5.46 -8.74 52.11
CA ILE E 263 -6.21 -9.60 53.03
C ILE E 263 -5.39 -10.82 53.47
N CYS E 264 -4.74 -11.51 52.53
CA CYS E 264 -4.00 -12.70 52.92
C CYS E 264 -2.88 -12.38 53.89
N VAL E 265 -2.17 -11.27 53.66
CA VAL E 265 -1.11 -10.86 54.58
C VAL E 265 -1.69 -10.63 55.97
N VAL E 266 -2.81 -9.91 56.03
CA VAL E 266 -3.43 -9.61 57.32
C VAL E 266 -3.79 -10.90 58.04
N LEU E 267 -4.44 -11.83 57.34
CA LEU E 267 -4.90 -13.07 57.96
C LEU E 267 -3.73 -13.89 58.48
N ASN E 268 -2.67 -14.02 57.67
CA ASN E 268 -1.53 -14.81 58.09
C ASN E 268 -0.83 -14.17 59.29
N LEU E 269 -0.72 -12.85 59.32
CA LEU E 269 -0.16 -12.22 60.53
C LEU E 269 -1.06 -12.49 61.73
N ALA E 270 -2.37 -12.47 61.52
CA ALA E 270 -3.30 -12.78 62.61
C ALA E 270 -2.95 -14.13 63.22
N GLU E 271 -2.85 -15.15 62.38
CA GLU E 271 -2.63 -16.50 62.88
C GLU E 271 -1.24 -16.62 63.49
N LEU E 272 -0.23 -16.00 62.86
CA LEU E 272 1.11 -15.98 63.44
C LEU E 272 1.09 -15.43 64.87
N ASN E 273 0.39 -14.32 65.07
CA ASN E 273 0.33 -13.71 66.39
C ASN E 273 -0.54 -14.45 67.38
N HIS E 274 -1.51 -15.25 66.93
CA HIS E 274 -2.28 -16.00 67.91
C HIS E 274 -1.40 -17.04 68.61
N LEU E 275 -0.16 -17.20 68.15
CA LEU E 275 0.79 -18.11 68.78
C LEU E 275 2.15 -17.42 68.93
N SER F 19 -46.07 -22.24 48.00
CA SER F 19 -45.68 -20.98 47.37
C SER F 19 -44.21 -20.68 47.64
N THR F 20 -43.81 -20.86 48.91
CA THR F 20 -42.39 -20.76 49.27
C THR F 20 -41.59 -21.98 48.87
N MET F 21 -42.26 -23.09 48.57
CA MET F 21 -41.55 -24.30 48.13
C MET F 21 -40.96 -24.12 46.74
N ILE F 22 -41.78 -23.65 45.78
CA ILE F 22 -41.31 -23.50 44.40
C ILE F 22 -40.32 -22.36 44.24
N GLY F 23 -40.36 -21.36 45.13
CA GLY F 23 -39.47 -20.21 44.97
C GLY F 23 -38.00 -20.59 44.95
N ARG F 24 -37.61 -21.54 45.81
CA ARG F 24 -36.21 -21.98 45.82
C ARG F 24 -35.85 -22.66 44.51
N ILE F 25 -36.76 -23.48 43.98
CA ILE F 25 -36.49 -24.21 42.75
C ILE F 25 -36.30 -23.23 41.61
N LEU F 26 -37.15 -22.20 41.55
CA LEU F 26 -37.05 -21.25 40.46
C LEU F 26 -35.83 -20.35 40.62
N LEU F 27 -35.44 -20.04 41.86
CA LEU F 27 -34.23 -19.26 42.05
C LEU F 27 -33.02 -20.03 41.54
N THR F 28 -32.94 -21.32 41.88
CA THR F 28 -31.84 -22.15 41.40
C THR F 28 -31.83 -22.24 39.88
N VAL F 29 -33.02 -22.34 39.27
CA VAL F 29 -33.08 -22.48 37.82
C VAL F 29 -32.66 -21.18 37.15
N VAL F 30 -33.07 -20.04 37.71
CA VAL F 30 -32.69 -18.76 37.12
C VAL F 30 -31.19 -18.56 37.21
N VAL F 31 -30.60 -18.89 38.37
CA VAL F 31 -29.15 -18.73 38.54
C VAL F 31 -28.40 -19.59 37.52
N ILE F 32 -28.80 -20.86 37.38
CA ILE F 32 -28.11 -21.74 36.44
C ILE F 32 -28.28 -21.24 35.01
N PHE F 33 -29.49 -20.77 34.68
CA PHE F 33 -29.75 -20.25 33.35
C PHE F 33 -28.85 -19.08 33.03
N ARG F 34 -28.72 -18.15 33.98
CA ARG F 34 -27.86 -16.98 33.77
C ARG F 34 -26.41 -17.41 33.55
N ILE F 35 -25.91 -18.31 34.40
CA ILE F 35 -24.53 -18.77 34.22
C ILE F 35 -24.34 -19.38 32.84
N LEU F 36 -25.27 -20.25 32.42
CA LEU F 36 -25.12 -20.92 31.14
C LEU F 36 -25.15 -19.94 29.97
N ILE F 37 -26.09 -18.99 30.00
CA ILE F 37 -26.19 -18.02 28.92
C ILE F 37 -24.92 -17.19 28.83
N VAL F 38 -24.39 -16.75 29.97
CA VAL F 38 -23.20 -15.91 29.92
C VAL F 38 -22.01 -16.73 29.45
N ALA F 39 -21.87 -17.96 29.94
CA ALA F 39 -20.68 -18.76 29.68
C ALA F 39 -20.60 -19.28 28.25
N ILE F 40 -21.73 -19.61 27.62
CA ILE F 40 -21.64 -20.33 26.35
C ILE F 40 -21.56 -19.41 25.13
N VAL F 41 -22.33 -18.32 25.07
CA VAL F 41 -22.40 -17.51 23.87
C VAL F 41 -21.78 -16.12 24.03
N GLY F 42 -21.89 -15.52 25.22
CA GLY F 42 -21.47 -14.13 25.40
C GLY F 42 -20.00 -13.84 25.15
N GLU F 43 -19.13 -14.83 25.36
CA GLU F 43 -17.70 -14.66 25.12
C GLU F 43 -17.30 -14.39 23.68
N THR F 44 -18.22 -14.46 22.71
CA THR F 44 -17.82 -14.42 21.30
C THR F 44 -18.46 -13.30 20.49
N VAL F 45 -19.41 -12.56 21.05
CA VAL F 45 -19.86 -11.30 20.44
C VAL F 45 -18.84 -10.18 20.62
N TYR F 46 -18.21 -10.11 21.79
CA TYR F 46 -17.25 -9.04 22.11
C TYR F 46 -15.81 -9.35 21.69
N ASP F 47 -15.55 -10.52 21.13
CA ASP F 47 -14.17 -10.90 20.81
C ASP F 47 -13.49 -9.90 19.88
N ASP F 48 -14.20 -9.42 18.85
CA ASP F 48 -13.64 -8.48 17.88
C ASP F 48 -13.92 -7.02 18.22
N GLU F 49 -14.02 -6.68 19.50
CA GLU F 49 -14.50 -5.35 19.88
C GLU F 49 -13.56 -4.24 19.42
N GLN F 50 -12.25 -4.42 19.57
CA GLN F 50 -11.28 -3.39 19.22
C GLN F 50 -10.72 -3.51 17.82
N THR F 51 -10.66 -4.72 17.25
CA THR F 51 -10.12 -4.89 15.92
C THR F 51 -11.01 -4.28 14.84
N MET F 52 -12.33 -4.23 15.08
CA MET F 52 -13.25 -3.59 14.15
C MET F 52 -13.73 -2.22 14.62
N PHE F 53 -13.10 -1.63 15.62
CA PHE F 53 -13.36 -0.25 16.01
C PHE F 53 -12.45 0.66 15.19
N VAL F 54 -13.04 1.65 14.52
CA VAL F 54 -12.31 2.51 13.61
C VAL F 54 -12.79 3.95 13.71
N CYS F 55 -11.86 4.88 13.57
CA CYS F 55 -12.12 6.32 13.63
C CYS F 55 -11.64 6.98 12.35
N ASN F 56 -12.30 8.09 11.99
CA ASN F 56 -11.96 8.87 10.80
C ASN F 56 -10.87 9.87 11.16
N THR F 57 -9.62 9.48 10.92
CA THR F 57 -8.47 10.25 11.36
C THR F 57 -7.22 9.63 10.75
N LEU F 58 -6.15 10.42 10.72
CA LEU F 58 -4.84 9.97 10.29
C LEU F 58 -3.79 10.07 11.39
N GLN F 59 -4.19 10.32 12.63
CA GLN F 59 -3.25 10.55 13.71
C GLN F 59 -2.95 9.22 14.39
N PRO F 60 -1.68 8.82 14.50
CA PRO F 60 -1.36 7.58 15.22
C PRO F 60 -1.64 7.70 16.71
N GLY F 61 -2.27 6.66 17.26
CA GLY F 61 -2.62 6.61 18.67
C GLY F 61 -4.01 7.09 19.02
N CYS F 62 -4.76 7.60 18.05
CA CYS F 62 -6.09 8.14 18.37
C CYS F 62 -7.09 7.02 18.62
N ASN F 63 -6.98 5.94 17.86
CA ASN F 63 -7.88 4.80 18.04
C ASN F 63 -7.77 4.21 19.45
N GLN F 64 -6.56 4.05 19.96
CA GLN F 64 -6.37 3.53 21.32
C GLN F 64 -7.06 4.41 22.35
N ALA F 65 -6.78 5.72 22.33
CA ALA F 65 -7.37 6.61 23.32
C ALA F 65 -8.89 6.66 23.21
N CYS F 66 -9.42 6.69 21.98
CA CYS F 66 -10.87 6.80 21.83
C CYS F 66 -11.58 5.51 22.20
N TYR F 67 -11.01 4.36 21.85
CA TYR F 67 -11.59 3.11 22.32
C TYR F 67 -11.57 3.03 23.84
N ASP F 68 -10.46 3.44 24.45
CA ASP F 68 -10.37 3.37 25.91
C ASP F 68 -11.39 4.30 26.57
N ARG F 69 -11.61 5.48 26.01
CA ARG F 69 -12.59 6.39 26.58
C ARG F 69 -14.03 5.93 26.33
N ALA F 70 -14.29 5.30 25.19
CA ALA F 70 -15.64 4.82 24.90
C ALA F 70 -15.99 3.57 25.69
N PHE F 71 -15.02 2.66 25.88
CA PHE F 71 -15.25 1.38 26.56
C PHE F 71 -14.21 1.16 27.65
N PRO F 72 -14.39 1.79 28.81
CA PRO F 72 -13.39 1.65 29.89
C PRO F 72 -13.29 0.23 30.44
N ILE F 73 -14.42 -0.38 30.77
CA ILE F 73 -14.49 -1.79 31.13
C ILE F 73 -15.53 -2.47 30.25
N SER F 74 -15.12 -3.54 29.58
CA SER F 74 -16.01 -4.28 28.70
C SER F 74 -17.11 -4.99 29.50
N HIS F 75 -18.27 -5.13 28.85
CA HIS F 75 -19.44 -5.72 29.50
C HIS F 75 -19.14 -7.10 30.08
N ILE F 76 -18.44 -7.93 29.31
CA ILE F 76 -18.27 -9.33 29.70
C ILE F 76 -17.43 -9.46 30.96
N ARG F 77 -16.43 -8.59 31.14
CA ARG F 77 -15.66 -8.58 32.37
C ARG F 77 -16.53 -8.26 33.57
N TYR F 78 -17.35 -7.20 33.46
CA TYR F 78 -18.26 -6.84 34.55
C TYR F 78 -19.20 -7.99 34.88
N TRP F 79 -19.74 -8.65 33.87
CA TRP F 79 -20.70 -9.72 34.12
C TRP F 79 -20.03 -10.94 34.75
N VAL F 80 -18.83 -11.31 34.29
CA VAL F 80 -18.10 -12.41 34.92
C VAL F 80 -17.81 -12.09 36.38
N PHE F 81 -17.34 -10.87 36.66
CA PHE F 81 -17.04 -10.50 38.04
C PHE F 81 -18.29 -10.60 38.91
N GLN F 82 -19.41 -10.04 38.43
CA GLN F 82 -20.65 -10.10 39.20
C GLN F 82 -21.08 -11.54 39.46
N ILE F 83 -21.04 -12.39 38.43
CA ILE F 83 -21.43 -13.78 38.59
C ILE F 83 -20.58 -14.47 39.63
N ILE F 84 -19.26 -14.24 39.60
CA ILE F 84 -18.40 -14.90 40.58
C ILE F 84 -18.66 -14.37 41.99
N MET F 85 -18.86 -13.06 42.14
CA MET F 85 -19.02 -12.47 43.46
C MET F 85 -20.36 -12.81 44.10
N VAL F 86 -21.41 -13.06 43.31
CA VAL F 86 -22.70 -13.41 43.90
C VAL F 86 -22.82 -14.86 44.36
N CYS F 87 -21.77 -15.67 44.25
CA CYS F 87 -21.81 -17.07 44.68
C CYS F 87 -20.96 -17.36 45.92
N THR F 88 -20.42 -16.35 46.60
CA THR F 88 -19.51 -16.57 47.72
C THR F 88 -20.19 -16.97 49.03
N PRO F 89 -21.32 -16.38 49.40
CA PRO F 89 -21.99 -16.82 50.65
C PRO F 89 -22.35 -18.29 50.69
N SER F 90 -22.81 -18.85 49.57
CA SER F 90 -23.09 -20.28 49.53
C SER F 90 -21.83 -21.09 49.80
N LEU F 91 -20.72 -20.72 49.18
CA LEU F 91 -19.47 -21.45 49.40
C LEU F 91 -19.05 -21.36 50.87
N CYS F 92 -19.20 -20.18 51.48
CA CYS F 92 -18.86 -20.04 52.89
C CYS F 92 -19.72 -20.95 53.76
N PHE F 93 -21.04 -20.95 53.53
CA PHE F 93 -21.91 -21.81 54.32
C PHE F 93 -21.55 -23.27 54.14
N ILE F 94 -21.24 -23.68 52.91
CA ILE F 94 -20.89 -25.08 52.65
C ILE F 94 -19.61 -25.45 53.39
N THR F 95 -18.59 -24.58 53.32
CA THR F 95 -17.33 -24.88 53.99
C THR F 95 -17.52 -24.97 55.49
N TYR F 96 -18.33 -24.07 56.07
CA TYR F 96 -18.62 -24.16 57.49
C TYR F 96 -19.28 -25.49 57.83
N SER F 97 -20.35 -25.85 57.10
CA SER F 97 -21.06 -27.08 57.46
C SER F 97 -20.18 -28.30 57.27
N VAL F 98 -19.31 -28.29 56.26
CA VAL F 98 -18.37 -29.40 56.06
C VAL F 98 -17.41 -29.50 57.25
N HIS F 99 -16.94 -28.35 57.74
CA HIS F 99 -16.06 -28.38 58.90
C HIS F 99 -16.78 -28.87 60.15
N GLN F 100 -18.07 -28.56 60.28
CA GLN F 100 -18.81 -28.98 61.47
C GLN F 100 -18.81 -30.49 61.64
N SER F 101 -18.57 -31.25 60.59
CA SER F 101 -18.64 -32.71 60.65
C SER F 101 -17.31 -33.30 61.08
N GLY F 194 -24.95 -22.21 65.91
CA GLY F 194 -25.85 -21.19 65.41
C GLY F 194 -25.96 -21.18 63.91
N ILE F 195 -26.39 -22.31 63.34
CA ILE F 195 -26.50 -22.41 61.89
C ILE F 195 -27.53 -21.42 61.36
N SER F 196 -28.62 -21.23 62.10
CA SER F 196 -29.69 -20.37 61.62
C SER F 196 -29.25 -18.92 61.53
N ARG F 197 -28.41 -18.47 62.46
CA ARG F 197 -27.87 -17.12 62.36
C ARG F 197 -27.05 -16.95 61.10
N PHE F 198 -26.23 -17.96 60.75
CA PHE F 198 -25.49 -17.91 59.51
C PHE F 198 -26.41 -17.87 58.29
N TYR F 199 -27.50 -18.64 58.33
CA TYR F 199 -28.45 -18.60 57.23
C TYR F 199 -29.02 -17.19 57.05
N ILE F 200 -29.45 -16.58 58.14
CA ILE F 200 -30.01 -15.22 58.06
C ILE F 200 -29.00 -14.25 57.47
N ILE F 201 -27.78 -14.28 58.01
CA ILE F 201 -26.77 -13.30 57.63
C ILE F 201 -26.40 -13.46 56.16
N GLN F 202 -26.23 -14.70 55.69
CA GLN F 202 -25.82 -14.86 54.29
C GLN F 202 -26.92 -14.41 53.35
N VAL F 203 -28.19 -14.59 53.73
CA VAL F 203 -29.29 -14.09 52.90
C VAL F 203 -29.22 -12.57 52.82
N VAL F 204 -28.99 -11.93 53.97
CA VAL F 204 -28.89 -10.46 54.00
C VAL F 204 -27.76 -10.00 53.07
N PHE F 205 -26.61 -10.66 53.17
CA PHE F 205 -25.45 -10.25 52.38
C PHE F 205 -25.71 -10.43 50.89
N ARG F 206 -26.31 -11.57 50.51
CA ARG F 206 -26.61 -11.80 49.10
C ARG F 206 -27.55 -10.74 48.56
N ASN F 207 -28.60 -10.41 49.32
CA ASN F 207 -29.52 -9.35 48.91
C ASN F 207 -28.76 -8.05 48.66
N ALA F 208 -27.94 -7.64 49.62
CA ALA F 208 -27.22 -6.39 49.49
C ALA F 208 -26.33 -6.40 48.25
N LEU F 209 -25.59 -7.50 48.05
CA LEU F 209 -24.65 -7.55 46.94
C LEU F 209 -25.38 -7.47 45.60
N GLU F 210 -26.54 -8.12 45.50
CA GLU F 210 -27.21 -8.13 44.20
C GLU F 210 -27.87 -6.78 43.91
N ILE F 211 -28.36 -6.10 44.95
CA ILE F 211 -28.91 -4.77 44.71
C ILE F 211 -27.79 -3.81 44.31
N GLY F 212 -26.65 -3.90 44.99
CA GLY F 212 -25.52 -3.05 44.62
C GLY F 212 -25.08 -3.28 43.20
N PHE F 213 -25.02 -4.54 42.78
CA PHE F 213 -24.54 -4.84 41.43
C PHE F 213 -25.52 -4.35 40.37
N LEU F 214 -26.82 -4.50 40.62
CA LEU F 214 -27.80 -4.00 39.66
C LEU F 214 -27.71 -2.47 39.52
N VAL F 215 -27.62 -1.77 40.66
CA VAL F 215 -27.48 -0.32 40.60
C VAL F 215 -26.22 0.08 39.85
N GLY F 216 -25.10 -0.60 40.13
CA GLY F 216 -23.87 -0.28 39.44
C GLY F 216 -23.95 -0.52 37.95
N GLN F 217 -24.60 -1.60 37.53
CA GLN F 217 -24.81 -1.85 36.11
C GLN F 217 -25.56 -0.69 35.46
N TYR F 218 -26.67 -0.28 36.08
CA TYR F 218 -27.45 0.83 35.54
C TYR F 218 -26.62 2.10 35.44
N PHE F 219 -25.80 2.38 36.45
CA PHE F 219 -25.02 3.62 36.45
C PHE F 219 -23.83 3.55 35.50
N LEU F 220 -23.30 2.35 35.22
CA LEU F 220 -22.15 2.23 34.34
C LEU F 220 -22.54 2.24 32.87
N TYR F 221 -23.62 1.56 32.48
CA TYR F 221 -23.87 1.31 31.06
C TYR F 221 -25.15 1.91 30.52
N GLY F 222 -26.17 2.10 31.35
CA GLY F 222 -27.46 2.54 30.85
C GLY F 222 -28.26 1.45 30.15
N PHE F 223 -28.98 1.82 29.09
CA PHE F 223 -29.88 0.89 28.41
C PHE F 223 -29.62 0.76 26.91
N SER F 224 -28.55 1.35 26.38
CA SER F 224 -28.31 1.25 24.95
C SER F 224 -26.83 1.45 24.65
N VAL F 225 -26.43 0.94 23.49
CA VAL F 225 -25.08 1.13 22.93
C VAL F 225 -25.24 1.84 21.60
N PRO F 226 -24.85 3.11 21.47
CA PRO F 226 -25.00 3.80 20.19
C PRO F 226 -23.93 3.38 19.19
N GLY F 227 -24.27 3.60 17.91
CA GLY F 227 -23.37 3.27 16.82
C GLY F 227 -22.27 4.28 16.56
N LEU F 228 -22.47 5.53 16.94
CA LEU F 228 -21.44 6.56 16.78
C LEU F 228 -20.96 7.04 18.14
N TYR F 229 -19.69 7.46 18.17
CA TYR F 229 -19.08 8.05 19.37
C TYR F 229 -18.21 9.22 18.96
N GLU F 230 -18.29 10.31 19.73
CA GLU F 230 -17.55 11.53 19.47
C GLU F 230 -16.45 11.66 20.50
N CYS F 231 -15.21 11.80 20.03
CA CYS F 231 -14.02 11.69 20.87
C CYS F 231 -13.19 12.96 20.73
N ASN F 232 -12.67 13.44 21.86
CA ASN F 232 -11.81 14.62 21.89
C ASN F 232 -10.64 14.43 22.85
N ARG F 233 -9.98 13.27 22.80
CA ARG F 233 -8.85 13.00 23.67
C ARG F 233 -7.54 13.02 22.90
N TYR F 234 -6.50 13.57 23.54
CA TYR F 234 -5.16 13.56 22.98
C TYR F 234 -4.73 12.12 22.70
N PRO F 235 -4.07 11.85 21.56
CA PRO F 235 -3.54 12.77 20.56
C PRO F 235 -4.51 13.16 19.46
N CYS F 236 -5.80 12.88 19.61
CA CYS F 236 -6.77 13.30 18.62
C CYS F 236 -6.88 14.82 18.60
N ILE F 237 -6.86 15.39 17.40
CA ILE F 237 -7.05 16.83 17.21
C ILE F 237 -8.54 17.17 17.30
N LYS F 238 -8.87 18.14 18.15
CA LYS F 238 -10.25 18.52 18.43
C LYS F 238 -11.15 17.30 18.58
N GLU F 239 -12.37 17.33 18.03
CA GLU F 239 -13.27 16.19 18.13
C GLU F 239 -13.35 15.39 16.83
N VAL F 240 -13.32 14.07 16.98
CA VAL F 240 -13.34 13.11 15.88
C VAL F 240 -14.52 12.17 16.07
N GLU F 241 -14.93 11.53 14.97
CA GLU F 241 -16.05 10.59 14.96
C GLU F 241 -15.56 9.16 14.75
N CYS F 242 -16.04 8.24 15.58
CA CYS F 242 -15.66 6.83 15.56
C CYS F 242 -16.92 5.97 15.46
N TYR F 243 -16.72 4.71 15.05
CA TYR F 243 -17.82 3.83 14.69
C TYR F 243 -17.67 2.48 15.39
N VAL F 244 -18.77 2.00 15.98
CA VAL F 244 -18.79 0.83 16.86
C VAL F 244 -19.21 -0.39 16.06
N SER F 245 -18.78 -1.56 16.50
CA SER F 245 -19.15 -2.85 15.94
C SER F 245 -20.31 -3.51 16.69
N ARG F 246 -21.26 -4.04 15.93
CA ARG F 246 -22.38 -4.81 16.46
C ARG F 246 -23.15 -4.12 17.59
N PRO F 247 -23.65 -2.90 17.38
CA PRO F 247 -24.33 -2.21 18.47
C PRO F 247 -25.66 -2.85 18.85
N THR F 248 -26.41 -3.34 17.87
CA THR F 248 -27.74 -3.89 18.15
C THR F 248 -27.67 -5.17 18.99
N GLU F 249 -26.76 -6.08 18.63
CA GLU F 249 -26.60 -7.31 19.42
C GLU F 249 -26.20 -6.99 20.86
N LYS F 250 -25.31 -6.01 21.04
CA LYS F 250 -24.89 -5.63 22.38
C LYS F 250 -26.02 -5.00 23.17
N THR F 251 -26.87 -4.21 22.51
CA THR F 251 -28.06 -3.67 23.19
C THR F 251 -29.01 -4.80 23.60
N VAL F 252 -29.21 -5.78 22.74
CA VAL F 252 -30.07 -6.91 23.09
C VAL F 252 -29.53 -7.64 24.31
N PHE F 253 -28.22 -7.91 24.31
CA PHE F 253 -27.60 -8.57 25.46
C PHE F 253 -27.77 -7.75 26.74
N LEU F 254 -27.52 -6.44 26.67
CA LEU F 254 -27.75 -5.56 27.82
C LEU F 254 -29.16 -5.71 28.38
N VAL F 255 -30.16 -5.61 27.51
CA VAL F 255 -31.55 -5.65 27.97
C VAL F 255 -31.86 -7.01 28.58
N PHE F 256 -31.41 -8.09 27.94
CA PHE F 256 -31.64 -9.43 28.48
C PHE F 256 -31.04 -9.58 29.87
N MET F 257 -29.80 -9.11 30.06
CA MET F 257 -29.17 -9.25 31.35
C MET F 257 -29.90 -8.45 32.43
N PHE F 258 -30.36 -7.24 32.09
CA PHE F 258 -31.14 -6.48 33.06
C PHE F 258 -32.40 -7.24 33.45
N ALA F 259 -33.07 -7.83 32.47
CA ALA F 259 -34.30 -8.58 32.74
C ALA F 259 -34.02 -9.75 33.67
N VAL F 260 -32.97 -10.52 33.38
CA VAL F 260 -32.62 -11.66 34.22
C VAL F 260 -32.31 -11.22 35.64
N SER F 261 -31.52 -10.16 35.79
CA SER F 261 -31.13 -9.66 37.10
C SER F 261 -32.29 -9.14 37.95
N GLY F 262 -33.32 -8.55 37.34
CA GLY F 262 -34.50 -8.16 38.11
C GLY F 262 -35.21 -9.28 38.87
N ILE F 263 -35.40 -10.43 38.22
CA ILE F 263 -36.04 -11.58 38.87
C ILE F 263 -35.34 -11.96 40.17
N CYS F 264 -34.01 -12.05 40.17
CA CYS F 264 -33.32 -12.46 41.38
C CYS F 264 -33.56 -11.48 42.53
N VAL F 265 -33.53 -10.18 42.23
CA VAL F 265 -33.80 -9.18 43.26
C VAL F 265 -35.19 -9.40 43.83
N VAL F 266 -36.18 -9.59 42.94
CA VAL F 266 -37.56 -9.77 43.40
C VAL F 266 -37.65 -11.00 44.31
N LEU F 267 -37.06 -12.12 43.89
CA LEU F 267 -37.17 -13.35 44.67
C LEU F 267 -36.51 -13.20 46.03
N ASN F 268 -35.33 -12.60 46.08
CA ASN F 268 -34.65 -12.45 47.35
C ASN F 268 -35.40 -11.51 48.28
N LEU F 269 -36.00 -10.44 47.76
CA LEU F 269 -36.84 -9.61 48.61
C LEU F 269 -38.05 -10.40 49.12
N ALA F 270 -38.60 -11.26 48.27
CA ALA F 270 -39.71 -12.11 48.68
C ALA F 270 -39.33 -12.89 49.94
N GLU F 271 -38.20 -13.60 49.85
CA GLU F 271 -37.80 -14.47 50.95
C GLU F 271 -37.42 -13.65 52.18
N LEU F 272 -36.73 -12.51 51.98
CA LEU F 272 -36.44 -11.62 53.10
C LEU F 272 -37.71 -11.23 53.85
N ASN F 273 -38.75 -10.85 53.10
CA ASN F 273 -39.99 -10.43 53.74
C ASN F 273 -40.81 -11.58 54.31
N HIS F 274 -40.64 -12.81 53.84
CA HIS F 274 -41.37 -13.89 54.49
C HIS F 274 -40.91 -14.09 55.93
N LEU F 275 -39.84 -13.40 56.33
CA LEU F 275 -39.35 -13.47 57.70
C LEU F 275 -39.06 -12.06 58.21
N SER G 19 -47.87 -47.26 19.90
CA SER G 19 -47.80 -46.06 19.08
C SER G 19 -47.35 -44.86 19.93
N THR G 20 -47.94 -44.74 21.12
CA THR G 20 -47.49 -43.74 22.09
C THR G 20 -46.20 -44.14 22.79
N MET G 21 -45.82 -45.41 22.73
CA MET G 21 -44.57 -45.86 23.34
C MET G 21 -43.36 -45.33 22.58
N ILE G 22 -43.34 -45.50 21.26
CA ILE G 22 -42.21 -45.07 20.45
C ILE G 22 -42.09 -43.56 20.34
N GLY G 23 -43.20 -42.83 20.49
CA GLY G 23 -43.16 -41.39 20.33
C GLY G 23 -42.19 -40.71 21.26
N ARG G 24 -42.13 -41.17 22.52
CA ARG G 24 -41.18 -40.59 23.48
C ARG G 24 -39.74 -40.85 23.05
N ILE G 25 -39.48 -42.06 22.56
CA ILE G 25 -38.14 -42.44 22.16
C ILE G 25 -37.69 -41.57 21.00
N LEU G 26 -38.59 -41.35 20.04
CA LEU G 26 -38.21 -40.56 18.87
C LEU G 26 -38.10 -39.09 19.22
N LEU G 27 -38.91 -38.59 20.16
CA LEU G 27 -38.76 -37.21 20.58
C LEU G 27 -37.39 -36.99 21.22
N THR G 28 -36.98 -37.93 22.09
CA THR G 28 -35.66 -37.82 22.72
C THR G 28 -34.55 -37.88 21.68
N VAL G 29 -34.71 -38.73 20.67
CA VAL G 29 -33.66 -38.86 19.67
C VAL G 29 -33.58 -37.61 18.82
N VAL G 30 -34.72 -37.02 18.48
CA VAL G 30 -34.70 -35.80 17.67
C VAL G 30 -34.06 -34.67 18.45
N VAL G 31 -34.40 -34.53 19.74
CA VAL G 31 -33.82 -33.47 20.55
C VAL G 31 -32.30 -33.61 20.62
N ILE G 32 -31.82 -34.84 20.88
CA ILE G 32 -30.38 -35.03 20.99
C ILE G 32 -29.70 -34.77 19.65
N PHE G 33 -30.34 -35.21 18.55
CA PHE G 33 -29.79 -34.98 17.23
C PHE G 33 -29.64 -33.49 16.95
N ARG G 34 -30.67 -32.71 17.25
CA ARG G 34 -30.61 -31.28 17.03
C ARG G 34 -29.48 -30.65 17.84
N ILE G 35 -29.38 -30.99 19.13
CA ILE G 35 -28.31 -30.43 19.94
C ILE G 35 -26.94 -30.77 19.34
N LEU G 36 -26.75 -32.03 18.95
CA LEU G 36 -25.44 -32.44 18.41
C LEU G 36 -25.11 -31.70 17.12
N ILE G 37 -26.07 -31.61 16.21
CA ILE G 37 -25.83 -30.94 14.94
C ILE G 37 -25.48 -29.48 15.17
N VAL G 38 -26.19 -28.80 16.07
CA VAL G 38 -25.92 -27.39 16.28
C VAL G 38 -24.56 -27.22 16.95
N ALA G 39 -24.26 -28.06 17.93
CA ALA G 39 -23.06 -27.89 18.74
C ALA G 39 -21.77 -28.21 18.01
N ILE G 40 -21.78 -29.20 17.12
CA ILE G 40 -20.50 -29.68 16.58
C ILE G 40 -20.04 -28.92 15.34
N VAL G 41 -20.93 -28.61 14.39
CA VAL G 41 -20.50 -28.04 13.13
C VAL G 41 -20.93 -26.59 12.93
N GLY G 42 -22.10 -26.21 13.44
CA GLY G 42 -22.66 -24.89 13.15
C GLY G 42 -21.84 -23.70 13.63
N GLU G 43 -21.05 -23.88 14.69
CA GLU G 43 -20.20 -22.81 15.21
C GLU G 43 -19.10 -22.33 14.26
N THR G 44 -18.87 -22.99 13.12
CA THR G 44 -17.69 -22.69 12.30
C THR G 44 -17.99 -22.26 10.87
N VAL G 45 -19.25 -22.33 10.43
CA VAL G 45 -19.66 -21.67 9.18
C VAL G 45 -19.75 -20.16 9.34
N TYR G 46 -20.28 -19.69 10.48
CA TYR G 46 -20.48 -18.27 10.72
C TYR G 46 -19.29 -17.55 11.33
N ASP G 47 -18.20 -18.25 11.61
CA ASP G 47 -17.05 -17.64 12.28
C ASP G 47 -16.50 -16.43 11.52
N ASP G 48 -16.39 -16.53 10.20
CA ASP G 48 -15.84 -15.45 9.38
C ASP G 48 -16.92 -14.53 8.79
N GLU G 49 -18.04 -14.35 9.50
CA GLU G 49 -19.19 -13.67 8.90
C GLU G 49 -18.88 -12.21 8.56
N GLN G 50 -18.20 -11.49 9.45
CA GLN G 50 -17.93 -10.07 9.24
C GLN G 50 -16.59 -9.78 8.60
N THR G 51 -15.59 -10.65 8.78
CA THR G 51 -14.28 -10.42 8.20
C THR G 51 -14.29 -10.55 6.67
N MET G 52 -15.18 -11.37 6.12
CA MET G 52 -15.32 -11.49 4.67
C MET G 52 -16.56 -10.78 4.13
N PHE G 53 -17.20 -9.92 4.91
CA PHE G 53 -18.26 -9.05 4.41
C PHE G 53 -17.62 -7.77 3.90
N VAL G 54 -17.95 -7.40 2.65
CA VAL G 54 -17.31 -6.27 1.99
C VAL G 54 -18.32 -5.50 1.15
N CYS G 55 -18.16 -4.18 1.12
CA CYS G 55 -19.01 -3.27 0.36
C CYS G 55 -18.17 -2.45 -0.61
N ASN G 56 -18.79 -2.05 -1.71
CA ASN G 56 -18.14 -1.23 -2.74
C ASN G 56 -18.28 0.23 -2.36
N THR G 57 -17.26 0.76 -1.69
CA THR G 57 -17.32 2.10 -1.11
C THR G 57 -15.94 2.46 -0.61
N LEU G 58 -15.71 3.76 -0.42
CA LEU G 58 -14.48 4.28 0.19
C LEU G 58 -14.75 5.04 1.48
N GLN G 59 -15.97 4.96 2.02
CA GLN G 59 -16.33 5.74 3.20
C GLN G 59 -16.01 4.93 4.45
N PRO G 60 -15.22 5.47 5.39
CA PRO G 60 -14.97 4.74 6.64
C PRO G 60 -16.22 4.64 7.50
N GLY G 61 -16.46 3.44 8.03
CA GLY G 61 -17.60 3.17 8.87
C GLY G 61 -18.82 2.61 8.17
N CYS G 62 -18.79 2.51 6.83
CA CYS G 62 -19.97 2.04 6.11
C CYS G 62 -20.16 0.54 6.27
N ASN G 63 -19.05 -0.20 6.28
CA ASN G 63 -19.13 -1.65 6.46
C ASN G 63 -19.78 -2.03 7.78
N GLN G 64 -19.42 -1.35 8.87
CA GLN G 64 -20.03 -1.64 10.17
C GLN G 64 -21.54 -1.43 10.14
N ALA G 65 -21.99 -0.26 9.67
CA ALA G 65 -23.41 0.02 9.64
C ALA G 65 -24.17 -0.94 8.75
N CYS G 66 -23.61 -1.26 7.58
CA CYS G 66 -24.33 -2.13 6.65
C CYS G 66 -24.36 -3.57 7.12
N TYR G 67 -23.27 -4.06 7.70
CA TYR G 67 -23.32 -5.39 8.31
C TYR G 67 -24.34 -5.44 9.44
N ASP G 68 -24.37 -4.41 10.28
CA ASP G 68 -25.31 -4.40 11.40
C ASP G 68 -26.76 -4.38 10.90
N ARG G 69 -27.03 -3.63 9.83
CA ARG G 69 -28.40 -3.60 9.30
C ARG G 69 -28.77 -4.88 8.58
N ALA G 70 -27.81 -5.53 7.90
CA ALA G 70 -28.11 -6.77 7.21
C ALA G 70 -28.26 -7.94 8.16
N PHE G 71 -27.45 -7.99 9.22
CA PHE G 71 -27.45 -9.11 10.17
C PHE G 71 -27.55 -8.60 11.60
N PRO G 72 -28.75 -8.25 12.05
CA PRO G 72 -28.90 -7.71 13.42
C PRO G 72 -28.57 -8.71 14.51
N ILE G 73 -29.12 -9.92 14.42
CA ILE G 73 -28.75 -11.03 15.30
C ILE G 73 -28.38 -12.22 14.42
N SER G 74 -27.18 -12.76 14.65
CA SER G 74 -26.69 -13.90 13.89
C SER G 74 -27.50 -15.16 14.20
N HIS G 75 -27.60 -16.02 13.19
CA HIS G 75 -28.42 -17.23 13.30
C HIS G 75 -28.01 -18.08 14.50
N ILE G 76 -26.71 -18.24 14.71
CA ILE G 76 -26.22 -19.19 15.71
C ILE G 76 -26.60 -18.74 17.12
N ARG G 77 -26.60 -17.43 17.38
CA ARG G 77 -27.05 -16.92 18.67
C ARG G 77 -28.53 -17.25 18.91
N TYR G 78 -29.38 -17.00 17.91
CA TYR G 78 -30.79 -17.32 18.05
C TYR G 78 -30.99 -18.81 18.31
N TRP G 79 -30.26 -19.66 17.59
CA TRP G 79 -30.44 -21.10 17.76
C TRP G 79 -29.96 -21.57 19.12
N VAL G 80 -28.82 -21.06 19.60
CA VAL G 80 -28.35 -21.42 20.94
C VAL G 80 -29.37 -21.00 21.99
N PHE G 81 -29.88 -19.77 21.88
CA PHE G 81 -30.87 -19.31 22.85
C PHE G 81 -32.10 -20.20 22.85
N GLN G 82 -32.63 -20.51 21.66
CA GLN G 82 -33.80 -21.37 21.58
C GLN G 82 -33.53 -22.75 22.19
N ILE G 83 -32.39 -23.34 21.86
CA ILE G 83 -32.05 -24.66 22.40
C ILE G 83 -32.01 -24.62 23.93
N ILE G 84 -31.39 -23.59 24.50
CA ILE G 84 -31.31 -23.52 25.95
C ILE G 84 -32.69 -23.30 26.58
N MET G 85 -33.50 -22.44 25.97
CA MET G 85 -34.80 -22.11 26.57
C MET G 85 -35.81 -23.25 26.47
N VAL G 86 -35.70 -24.13 25.46
CA VAL G 86 -36.64 -25.24 25.35
C VAL G 86 -36.34 -26.41 26.28
N CYS G 87 -35.32 -26.33 27.13
CA CYS G 87 -34.99 -27.41 28.06
C CYS G 87 -35.27 -27.08 29.53
N THR G 88 -35.93 -25.97 29.83
CA THR G 88 -36.13 -25.54 31.21
C THR G 88 -37.21 -26.30 31.98
N PRO G 89 -38.37 -26.60 31.37
CA PRO G 89 -39.39 -27.37 32.10
C PRO G 89 -38.91 -28.72 32.61
N SER G 90 -38.12 -29.44 31.82
CA SER G 90 -37.57 -30.71 32.30
C SER G 90 -36.70 -30.49 33.54
N LEU G 91 -35.84 -29.47 33.51
CA LEU G 91 -35.00 -29.20 34.67
C LEU G 91 -35.83 -28.86 35.89
N CYS G 92 -36.90 -28.07 35.71
CA CYS G 92 -37.77 -27.76 36.84
C CYS G 92 -38.41 -29.02 37.42
N PHE G 93 -38.96 -29.87 36.55
CA PHE G 93 -39.58 -31.10 37.05
C PHE G 93 -38.57 -31.97 37.78
N ILE G 94 -37.35 -32.05 37.26
CA ILE G 94 -36.33 -32.88 37.90
C ILE G 94 -35.98 -32.33 39.27
N THR G 95 -35.80 -31.01 39.36
CA THR G 95 -35.45 -30.41 40.65
C THR G 95 -36.56 -30.60 41.67
N TYR G 96 -37.82 -30.47 41.23
CA TYR G 96 -38.94 -30.73 42.14
C TYR G 96 -38.91 -32.17 42.63
N SER G 97 -38.79 -33.14 41.71
CA SER G 97 -38.84 -34.53 42.14
C SER G 97 -37.67 -34.87 43.05
N VAL G 98 -36.50 -34.29 42.78
CA VAL G 98 -35.34 -34.50 43.65
C VAL G 98 -35.61 -33.95 45.05
N HIS G 99 -36.24 -32.78 45.12
CA HIS G 99 -36.58 -32.22 46.44
C HIS G 99 -37.60 -33.09 47.16
N GLN G 100 -38.53 -33.69 46.43
CA GLN G 100 -39.56 -34.50 47.08
C GLN G 100 -38.97 -35.65 47.89
N SER G 101 -37.74 -36.04 47.61
CA SER G 101 -37.14 -37.20 48.29
C SER G 101 -36.45 -36.77 49.58
N GLY G 194 -49.15 -33.45 43.87
CA GLY G 194 -49.77 -33.28 42.57
C GLY G 194 -48.77 -33.33 41.44
N ILE G 195 -48.07 -34.46 41.32
CA ILE G 195 -47.06 -34.61 40.28
C ILE G 195 -47.70 -34.53 38.90
N SER G 196 -48.90 -35.11 38.76
CA SER G 196 -49.54 -35.17 37.45
C SER G 196 -49.93 -33.78 36.96
N ARG G 197 -50.34 -32.89 37.86
CA ARG G 197 -50.62 -31.52 37.46
C ARG G 197 -49.37 -30.85 36.92
N PHE G 198 -48.22 -31.07 37.57
CA PHE G 198 -46.97 -30.53 37.06
C PHE G 198 -46.63 -31.11 35.68
N TYR G 199 -46.87 -32.41 35.48
CA TYR G 199 -46.63 -32.99 34.17
C TYR G 199 -47.46 -32.30 33.10
N ILE G 200 -48.75 -32.12 33.36
CA ILE G 200 -49.64 -31.48 32.39
C ILE G 200 -49.13 -30.08 32.06
N ILE G 201 -48.85 -29.30 33.11
CA ILE G 201 -48.50 -27.90 32.92
C ILE G 201 -47.19 -27.76 32.16
N GLN G 202 -46.19 -28.58 32.47
CA GLN G 202 -44.92 -28.44 31.76
C GLN G 202 -45.06 -28.81 30.29
N VAL G 203 -45.91 -29.77 29.98
CA VAL G 203 -46.16 -30.12 28.58
C VAL G 203 -46.79 -28.93 27.86
N VAL G 204 -47.77 -28.30 28.50
CA VAL G 204 -48.41 -27.13 27.90
C VAL G 204 -47.38 -26.04 27.63
N PHE G 205 -46.53 -25.78 28.62
CA PHE G 205 -45.55 -24.70 28.49
C PHE G 205 -44.55 -25.00 27.37
N ARG G 206 -44.07 -26.25 27.30
CA ARG G 206 -43.13 -26.62 26.24
C ARG G 206 -43.76 -26.43 24.87
N ASN G 207 -45.01 -26.89 24.70
CA ASN G 207 -45.71 -26.68 23.44
C ASN G 207 -45.73 -25.21 23.07
N ALA G 208 -46.17 -24.36 24.00
CA ALA G 208 -46.28 -22.93 23.70
C ALA G 208 -44.93 -22.36 23.31
N LEU G 209 -43.88 -22.70 24.06
CA LEU G 209 -42.57 -22.12 23.80
C LEU G 209 -42.06 -22.53 22.42
N GLU G 210 -42.30 -23.78 22.02
CA GLU G 210 -41.75 -24.23 20.75
C GLU G 210 -42.53 -23.64 19.58
N ILE G 211 -43.83 -23.44 19.75
CA ILE G 211 -44.59 -22.81 18.67
C ILE G 211 -44.17 -21.34 18.54
N GLY G 212 -43.99 -20.66 19.67
CA GLY G 212 -43.53 -19.29 19.61
C GLY G 212 -42.18 -19.16 18.93
N PHE G 213 -41.26 -20.06 19.26
CA PHE G 213 -39.92 -19.98 18.69
C PHE G 213 -39.93 -20.25 17.19
N LEU G 214 -40.74 -21.22 16.74
CA LEU G 214 -40.81 -21.47 15.30
C LEU G 214 -41.39 -20.27 14.55
N VAL G 215 -42.47 -19.68 15.09
CA VAL G 215 -43.04 -18.50 14.46
C VAL G 215 -42.03 -17.36 14.42
N GLY G 216 -41.31 -17.14 15.52
CA GLY G 216 -40.31 -16.09 15.53
C GLY G 216 -39.19 -16.32 14.54
N GLN G 217 -38.74 -17.56 14.39
CA GLN G 217 -37.74 -17.86 13.38
C GLN G 217 -38.23 -17.49 11.99
N TYR G 218 -39.45 -17.92 11.66
CA TYR G 218 -40.02 -17.58 10.35
C TYR G 218 -40.10 -16.08 10.13
N PHE G 219 -40.50 -15.33 11.16
CA PHE G 219 -40.66 -13.90 11.01
C PHE G 219 -39.33 -13.16 11.00
N LEU G 220 -38.29 -13.71 11.63
CA LEU G 220 -37.00 -13.04 11.66
C LEU G 220 -36.18 -13.28 10.41
N TYR G 221 -36.16 -14.50 9.87
CA TYR G 221 -35.17 -14.84 8.84
C TYR G 221 -35.76 -15.24 7.49
N GLY G 222 -36.98 -15.77 7.45
CA GLY G 222 -37.52 -16.28 6.22
C GLY G 222 -36.95 -17.63 5.79
N PHE G 223 -36.77 -17.81 4.48
CA PHE G 223 -36.34 -19.10 3.95
C PHE G 223 -35.09 -19.02 3.08
N SER G 224 -34.42 -17.88 2.99
CA SER G 224 -33.23 -17.79 2.16
C SER G 224 -32.33 -16.66 2.63
N VAL G 225 -31.06 -16.76 2.26
CA VAL G 225 -30.05 -15.74 2.48
C VAL G 225 -29.53 -15.29 1.12
N PRO G 226 -29.82 -14.09 0.66
CA PRO G 226 -29.32 -13.65 -0.64
C PRO G 226 -27.86 -13.27 -0.61
N GLY G 227 -27.24 -13.32 -1.79
CA GLY G 227 -25.84 -12.98 -1.94
C GLY G 227 -25.54 -11.49 -2.01
N LEU G 228 -26.50 -10.68 -2.41
CA LEU G 228 -26.33 -9.23 -2.45
C LEU G 228 -27.25 -8.55 -1.45
N TYR G 229 -26.79 -7.40 -0.94
CA TYR G 229 -27.58 -6.57 -0.04
C TYR G 229 -27.38 -5.10 -0.41
N GLU G 230 -28.47 -4.35 -0.40
CA GLU G 230 -28.49 -2.94 -0.75
C GLU G 230 -28.67 -2.12 0.52
N CYS G 231 -27.74 -1.20 0.76
CA CYS G 231 -27.65 -0.51 2.05
C CYS G 231 -27.70 1.00 1.81
N ASN G 232 -28.43 1.70 2.67
CA ASN G 232 -28.55 3.15 2.61
C ASN G 232 -28.51 3.78 4.00
N ARG G 233 -27.58 3.33 4.84
CA ARG G 233 -27.46 3.87 6.20
C ARG G 233 -26.22 4.75 6.33
N TYR G 234 -26.38 5.83 7.08
CA TYR G 234 -25.26 6.71 7.40
C TYR G 234 -24.16 5.91 8.09
N PRO G 235 -22.88 6.14 7.75
CA PRO G 235 -22.33 7.20 6.90
C PRO G 235 -22.26 6.86 5.42
N CYS G 236 -22.93 5.80 4.98
CA CYS G 236 -22.94 5.48 3.56
C CYS G 236 -23.71 6.55 2.78
N ILE G 237 -23.13 7.01 1.69
CA ILE G 237 -23.77 7.96 0.79
C ILE G 237 -24.78 7.25 -0.10
N LYS G 238 -26.01 7.75 -0.12
CA LYS G 238 -27.13 7.13 -0.82
C LYS G 238 -27.14 5.62 -0.63
N GLU G 239 -27.41 4.85 -1.68
CA GLU G 239 -27.44 3.40 -1.57
C GLU G 239 -26.20 2.75 -2.16
N VAL G 240 -25.66 1.76 -1.45
CA VAL G 240 -24.44 1.04 -1.79
C VAL G 240 -24.77 -0.45 -1.86
N GLU G 241 -23.91 -1.20 -2.56
CA GLU G 241 -24.07 -2.64 -2.73
C GLU G 241 -22.98 -3.39 -1.96
N CYS G 242 -23.39 -4.41 -1.21
CA CYS G 242 -22.50 -5.22 -0.39
C CYS G 242 -22.71 -6.70 -0.72
N TYR G 243 -21.72 -7.51 -0.34
CA TYR G 243 -21.64 -8.90 -0.77
C TYR G 243 -21.42 -9.82 0.43
N VAL G 244 -22.19 -10.91 0.48
CA VAL G 244 -22.27 -11.80 1.64
C VAL G 244 -21.36 -13.00 1.40
N SER G 245 -20.89 -13.60 2.49
CA SER G 245 -20.09 -14.82 2.48
C SER G 245 -20.92 -16.06 2.70
N ARG G 246 -20.64 -17.10 1.89
CA ARG G 246 -21.25 -18.42 2.03
C ARG G 246 -22.78 -18.42 2.11
N PRO G 247 -23.47 -17.81 1.14
CA PRO G 247 -24.94 -17.74 1.25
C PRO G 247 -25.62 -19.10 1.10
N THR G 248 -25.09 -19.97 0.22
CA THR G 248 -25.73 -21.25 -0.03
C THR G 248 -25.69 -22.17 1.19
N GLU G 249 -24.52 -22.26 1.84
CA GLU G 249 -24.41 -23.08 3.04
C GLU G 249 -25.37 -22.58 4.12
N LYS G 250 -25.47 -21.27 4.29
CA LYS G 250 -26.37 -20.71 5.29
C LYS G 250 -27.83 -20.98 4.96
N THR G 251 -28.19 -20.94 3.68
CA THR G 251 -29.55 -21.33 3.28
C THR G 251 -29.82 -22.79 3.60
N VAL G 252 -28.86 -23.67 3.32
CA VAL G 252 -29.03 -25.09 3.63
C VAL G 252 -29.25 -25.28 5.13
N PHE G 253 -28.43 -24.62 5.94
CA PHE G 253 -28.60 -24.72 7.40
C PHE G 253 -29.98 -24.22 7.84
N LEU G 254 -30.41 -23.07 7.32
CA LEU G 254 -31.75 -22.56 7.62
C LEU G 254 -32.82 -23.60 7.34
N VAL G 255 -32.79 -24.18 6.13
CA VAL G 255 -33.84 -25.13 5.75
C VAL G 255 -33.80 -26.36 6.64
N PHE G 256 -32.60 -26.88 6.92
CA PHE G 256 -32.47 -28.04 7.79
C PHE G 256 -33.05 -27.76 9.17
N MET G 257 -32.74 -26.60 9.74
CA MET G 257 -33.25 -26.29 11.07
C MET G 257 -34.78 -26.17 11.08
N PHE G 258 -35.35 -25.56 10.04
CA PHE G 258 -36.81 -25.51 9.97
C PHE G 258 -37.40 -26.91 9.92
N ALA G 259 -36.79 -27.80 9.14
CA ALA G 259 -37.28 -29.16 9.03
C ALA G 259 -37.23 -29.86 10.37
N VAL G 260 -36.11 -29.75 11.08
CA VAL G 260 -35.97 -30.39 12.39
C VAL G 260 -37.02 -29.86 13.36
N SER G 261 -37.19 -28.55 13.41
CA SER G 261 -38.15 -27.90 14.31
C SER G 261 -39.60 -28.30 14.06
N GLY G 262 -40.00 -28.53 12.81
CA GLY G 262 -41.36 -29.00 12.55
C GLY G 262 -41.74 -30.32 13.22
N ILE G 263 -40.84 -31.31 13.18
CA ILE G 263 -41.11 -32.60 13.84
C ILE G 263 -41.46 -32.43 15.32
N CYS G 264 -40.71 -31.62 16.06
CA CYS G 264 -41.00 -31.49 17.49
C CYS G 264 -42.39 -30.92 17.72
N VAL G 265 -42.78 -29.92 16.93
CA VAL G 265 -44.12 -29.34 17.06
C VAL G 265 -45.16 -30.42 16.82
N VAL G 266 -44.98 -31.20 15.75
CA VAL G 266 -45.95 -32.26 15.44
C VAL G 266 -46.06 -33.25 16.60
N LEU G 267 -44.92 -33.70 17.13
CA LEU G 267 -44.95 -34.70 18.19
C LEU G 267 -45.63 -34.17 19.43
N ASN G 268 -45.31 -32.94 19.82
CA ASN G 268 -45.90 -32.38 21.02
C ASN G 268 -47.40 -32.17 20.86
N LEU G 269 -47.86 -31.76 19.67
CA LEU G 269 -49.29 -31.69 19.46
C LEU G 269 -49.92 -33.07 19.54
N ALA G 270 -49.22 -34.08 19.03
CA ALA G 270 -49.71 -35.46 19.13
C ALA G 270 -50.02 -35.80 20.58
N GLU G 271 -49.02 -35.59 21.45
CA GLU G 271 -49.16 -35.99 22.84
C GLU G 271 -50.21 -35.13 23.54
N LEU G 272 -50.23 -33.82 23.24
CA LEU G 272 -51.28 -32.95 23.79
C LEU G 272 -52.67 -33.49 23.47
N ASN G 273 -52.89 -33.90 22.21
CA ASN G 273 -54.20 -34.40 21.80
C ASN G 273 -54.50 -35.80 22.31
N HIS G 274 -53.49 -36.62 22.63
CA HIS G 274 -53.83 -37.92 23.20
C HIS G 274 -54.50 -37.77 24.56
N LEU G 275 -54.54 -36.55 25.09
CA LEU G 275 -55.20 -36.27 26.36
C LEU G 275 -56.08 -35.03 26.23
N SER H 19 -14.70 34.04 -59.54
CA SER H 19 -15.04 32.78 -58.90
C SER H 19 -13.78 31.94 -58.66
N THR H 20 -12.92 31.88 -59.68
CA THR H 20 -11.62 31.25 -59.53
C THR H 20 -10.62 32.13 -58.78
N MET H 21 -10.91 33.43 -58.66
CA MET H 21 -10.01 34.32 -57.93
C MET H 21 -10.06 34.03 -56.43
N ILE H 22 -11.27 33.96 -55.86
CA ILE H 22 -11.42 33.75 -54.42
C ILE H 22 -11.02 32.34 -53.99
N GLY H 23 -11.10 31.36 -54.90
CA GLY H 23 -10.81 29.98 -54.53
C GLY H 23 -9.41 29.81 -53.96
N ARG H 24 -8.43 30.49 -54.55
CA ARG H 24 -7.06 30.40 -54.04
C ARG H 24 -6.97 30.98 -52.64
N ILE H 25 -7.63 32.11 -52.42
CA ILE H 25 -7.58 32.78 -51.12
C ILE H 25 -8.17 31.88 -50.06
N LEU H 26 -9.30 31.23 -50.37
CA LEU H 26 -9.95 30.39 -49.38
C LEU H 26 -9.17 29.10 -49.17
N LEU H 27 -8.51 28.57 -50.20
CA LEU H 27 -7.67 27.40 -50.00
C LEU H 27 -6.53 27.71 -49.04
N THR H 28 -5.88 28.87 -49.25
CA THR H 28 -4.80 29.27 -48.36
C THR H 28 -5.29 29.45 -46.93
N VAL H 29 -6.49 30.02 -46.78
CA VAL H 29 -7.01 30.27 -45.43
C VAL H 29 -7.35 28.96 -44.75
N VAL H 30 -7.92 28.00 -45.49
CA VAL H 30 -8.27 26.72 -44.90
C VAL H 30 -7.01 25.98 -44.47
N VAL H 31 -5.97 26.00 -45.31
CA VAL H 31 -4.72 25.32 -44.97
C VAL H 31 -4.13 25.91 -43.70
N ILE H 32 -4.07 27.24 -43.62
CA ILE H 32 -3.48 27.88 -42.44
C ILE H 32 -4.31 27.58 -41.20
N PHE H 33 -5.64 27.60 -41.35
CA PHE H 33 -6.53 27.30 -40.24
C PHE H 33 -6.28 25.90 -39.70
N ARG H 34 -6.18 24.92 -40.60
CA ARG H 34 -5.93 23.54 -40.18
C ARG H 34 -4.61 23.43 -39.43
N ILE H 35 -3.55 24.03 -39.98
CA ILE H 35 -2.25 23.96 -39.30
C ILE H 35 -2.35 24.57 -37.90
N LEU H 36 -2.99 25.74 -37.79
CA LEU H 36 -3.08 26.40 -36.49
C LEU H 36 -3.86 25.58 -35.48
N ILE H 37 -5.02 25.04 -35.91
CA ILE H 37 -5.84 24.24 -35.01
C ILE H 37 -5.08 23.01 -34.52
N VAL H 38 -4.36 22.34 -35.43
CA VAL H 38 -3.66 21.13 -35.02
C VAL H 38 -2.51 21.48 -34.10
N ALA H 39 -1.77 22.56 -34.43
CA ALA H 39 -0.55 22.88 -33.72
C ALA H 39 -0.80 23.44 -32.31
N ILE H 40 -1.86 24.20 -32.10
CA ILE H 40 -1.97 24.92 -30.83
C ILE H 40 -2.68 24.12 -29.74
N VAL H 41 -3.76 23.39 -30.03
CA VAL H 41 -4.53 22.74 -28.98
C VAL H 41 -4.45 21.21 -29.02
N GLY H 42 -4.33 20.61 -30.20
CA GLY H 42 -4.41 19.16 -30.32
C GLY H 42 -3.34 18.37 -29.59
N GLU H 43 -2.16 18.96 -29.40
CA GLU H 43 -1.06 18.30 -28.69
C GLU H 43 -1.34 18.00 -27.22
N THR H 44 -2.44 18.47 -26.63
CA THR H 44 -2.61 18.39 -25.18
C THR H 44 -3.86 17.63 -24.73
N VAL H 45 -4.75 17.25 -25.64
CA VAL H 45 -5.81 16.28 -25.33
C VAL H 45 -5.26 14.87 -25.20
N TYR H 46 -4.33 14.49 -26.07
CA TYR H 46 -3.78 13.12 -26.11
C TYR H 46 -2.58 12.92 -25.19
N ASP H 47 -2.12 13.95 -24.49
CA ASP H 47 -0.91 13.83 -23.67
C ASP H 47 -1.01 12.72 -22.63
N ASP H 48 -2.16 12.59 -21.96
CA ASP H 48 -2.37 11.58 -20.92
C ASP H 48 -3.02 10.31 -21.43
N GLU H 49 -2.77 9.94 -22.69
CA GLU H 49 -3.53 8.85 -23.31
C GLU H 49 -3.30 7.52 -22.62
N GLN H 50 -2.04 7.20 -22.29
CA GLN H 50 -1.70 5.91 -21.69
C GLN H 50 -1.67 5.92 -20.17
N THR H 51 -1.37 7.05 -19.55
CA THR H 51 -1.32 7.10 -18.08
C THR H 51 -2.70 6.94 -17.45
N MET H 52 -3.77 7.35 -18.12
CA MET H 52 -5.12 7.14 -17.63
C MET H 52 -5.86 6.02 -18.34
N PHE H 53 -5.18 5.17 -19.09
CA PHE H 53 -5.76 3.96 -19.64
C PHE H 53 -5.60 2.84 -18.62
N VAL H 54 -6.70 2.18 -18.28
CA VAL H 54 -6.71 1.18 -17.21
C VAL H 54 -7.60 0.01 -17.59
N CYS H 55 -7.19 -1.20 -17.19
CA CYS H 55 -7.91 -2.43 -17.43
C CYS H 55 -8.20 -3.14 -16.11
N ASN H 56 -9.29 -3.90 -16.09
CA ASN H 56 -9.70 -4.66 -14.91
C ASN H 56 -9.00 -6.01 -14.94
N THR H 57 -7.87 -6.09 -14.24
CA THR H 57 -6.99 -7.25 -14.30
C THR H 57 -5.91 -7.09 -13.23
N LEU H 58 -5.27 -8.21 -12.90
CA LEU H 58 -4.13 -8.23 -12.00
C LEU H 58 -2.87 -8.78 -12.66
N GLN H 59 -2.89 -8.95 -13.98
CA GLN H 59 -1.77 -9.58 -14.67
C GLN H 59 -0.78 -8.50 -15.11
N PRO H 60 0.50 -8.60 -14.73
CA PRO H 60 1.48 -7.61 -15.20
C PRO H 60 1.73 -7.72 -16.70
N GLY H 61 1.75 -6.56 -17.36
CA GLY H 61 1.96 -6.49 -18.79
C GLY H 61 0.72 -6.45 -19.65
N CYS H 62 -0.47 -6.59 -19.05
CA CYS H 62 -1.68 -6.63 -19.85
C CYS H 62 -2.06 -5.25 -20.36
N ASN H 63 -1.85 -4.22 -19.53
CA ASN H 63 -2.14 -2.85 -19.95
C ASN H 63 -1.34 -2.45 -21.18
N GLN H 64 -0.05 -2.78 -21.22
CA GLN H 64 0.77 -2.44 -22.38
C GLN H 64 0.23 -3.08 -23.66
N ALA H 65 -0.01 -4.40 -23.63
CA ALA H 65 -0.50 -5.08 -24.82
C ALA H 65 -1.86 -4.57 -25.25
N CYS H 66 -2.77 -4.33 -24.30
CA CYS H 66 -4.11 -3.90 -24.68
C CYS H 66 -4.12 -2.46 -25.19
N TYR H 67 -3.33 -1.57 -24.57
CA TYR H 67 -3.22 -0.23 -25.13
C TYR H 67 -2.63 -0.27 -26.54
N ASP H 68 -1.60 -1.09 -26.75
CA ASP H 68 -0.99 -1.17 -28.07
C ASP H 68 -1.97 -1.70 -29.11
N ARG H 69 -2.80 -2.68 -28.74
CA ARG H 69 -3.77 -3.21 -29.69
C ARG H 69 -4.92 -2.25 -29.93
N ALA H 70 -5.33 -1.49 -28.91
CA ALA H 70 -6.42 -0.54 -29.09
C ALA H 70 -5.98 0.70 -29.87
N PHE H 71 -4.76 1.18 -29.64
CA PHE H 71 -4.25 2.41 -30.27
C PHE H 71 -2.89 2.16 -30.90
N PRO H 72 -2.86 1.56 -32.09
CA PRO H 72 -1.56 1.26 -32.73
C PRO H 72 -0.78 2.50 -33.11
N ILE H 73 -1.41 3.46 -33.78
CA ILE H 73 -0.83 4.77 -34.04
C ILE H 73 -1.79 5.83 -33.55
N SER H 74 -1.29 6.73 -32.70
CA SER H 74 -2.10 7.80 -32.14
C SER H 74 -2.51 8.81 -33.22
N HIS H 75 -3.69 9.40 -33.02
CA HIS H 75 -4.26 10.32 -34.01
C HIS H 75 -3.29 11.45 -34.35
N ILE H 76 -2.66 12.03 -33.32
CA ILE H 76 -1.87 13.24 -33.52
C ILE H 76 -0.65 12.97 -34.39
N ARG H 77 -0.05 11.79 -34.26
CA ARG H 77 1.06 11.42 -35.15
C ARG H 77 0.61 11.34 -36.60
N TYR H 78 -0.51 10.68 -36.85
CA TYR H 78 -1.03 10.59 -38.21
C TYR H 78 -1.32 11.97 -38.78
N TRP H 79 -1.91 12.86 -37.98
CA TRP H 79 -2.26 14.18 -38.48
C TRP H 79 -1.01 15.03 -38.75
N VAL H 80 -0.01 14.97 -37.87
CA VAL H 80 1.24 15.68 -38.12
C VAL H 80 1.88 15.19 -39.40
N PHE H 81 1.96 13.87 -39.57
CA PHE H 81 2.57 13.32 -40.79
C PHE H 81 1.83 13.80 -42.04
N GLN H 82 0.50 13.71 -42.02
CA GLN H 82 -0.28 14.17 -43.17
C GLN H 82 -0.04 15.64 -43.47
N ILE H 83 -0.07 16.48 -42.43
CA ILE H 83 0.16 17.91 -42.61
C ILE H 83 1.51 18.17 -43.26
N ILE H 84 2.56 17.49 -42.78
CA ILE H 84 3.89 17.72 -43.34
C ILE H 84 3.96 17.23 -44.78
N MET H 85 3.38 16.07 -45.07
CA MET H 85 3.49 15.49 -46.41
C MET H 85 2.69 16.25 -47.46
N VAL H 86 1.60 16.91 -47.07
CA VAL H 86 0.81 17.67 -48.06
C VAL H 86 1.40 19.03 -48.42
N CYS H 87 2.56 19.41 -47.89
CA CYS H 87 3.18 20.69 -48.22
C CYS H 87 4.46 20.57 -49.05
N THR H 88 4.80 19.39 -49.56
CA THR H 88 6.06 19.18 -50.27
C THR H 88 6.09 19.71 -51.71
N PRO H 89 5.02 19.56 -52.50
CA PRO H 89 5.06 20.10 -53.86
C PRO H 89 5.28 21.61 -53.93
N SER H 90 4.69 22.37 -53.00
CA SER H 90 4.95 23.81 -52.97
C SER H 90 6.42 24.09 -52.71
N LEU H 91 7.03 23.38 -51.77
CA LEU H 91 8.45 23.59 -51.50
C LEU H 91 9.30 23.25 -52.71
N CYS H 92 8.96 22.18 -53.42
CA CYS H 92 9.70 21.83 -54.62
C CYS H 92 9.60 22.92 -55.68
N PHE H 93 8.39 23.40 -55.93
CA PHE H 93 8.22 24.47 -56.92
C PHE H 93 9.00 25.72 -56.52
N ILE H 94 8.98 26.06 -55.23
CA ILE H 94 9.70 27.25 -54.77
C ILE H 94 11.19 27.09 -54.98
N THR H 95 11.73 25.92 -54.61
CA THR H 95 13.16 25.70 -54.77
C THR H 95 13.57 25.74 -56.23
N TYR H 96 12.75 25.16 -57.12
CA TYR H 96 13.04 25.25 -58.55
C TYR H 96 13.06 26.70 -59.01
N SER H 97 12.02 27.47 -58.68
CA SER H 97 11.97 28.85 -59.18
C SER H 97 13.11 29.68 -58.61
N VAL H 98 13.49 29.43 -57.36
CA VAL H 98 14.63 30.12 -56.77
C VAL H 98 15.92 29.79 -57.52
N HIS H 99 16.09 28.52 -57.90
CA HIS H 99 17.27 28.15 -58.67
C HIS H 99 17.27 28.78 -60.05
N GLN H 100 16.09 28.95 -60.65
CA GLN H 100 16.03 29.53 -61.99
C GLN H 100 16.63 30.92 -62.05
N SER H 101 16.74 31.61 -60.92
CA SER H 101 17.23 32.99 -60.92
C SER H 101 18.75 33.03 -60.80
N GLY H 194 9.85 25.16 -68.78
CA GLY H 194 8.53 24.57 -68.71
C GLY H 194 7.90 24.70 -67.34
N ILE H 195 7.73 25.94 -66.88
CA ILE H 195 7.16 26.17 -65.56
C ILE H 195 5.72 25.67 -65.49
N SER H 196 4.97 25.83 -66.58
CA SER H 196 3.57 25.45 -66.58
C SER H 196 3.40 23.94 -66.44
N ARG H 197 4.29 23.16 -67.04
CA ARG H 197 4.23 21.72 -66.86
C ARG H 197 4.43 21.36 -65.39
N PHE H 198 5.38 22.02 -64.72
CA PHE H 198 5.56 21.78 -63.29
C PHE H 198 4.32 22.17 -62.50
N TYR H 199 3.68 23.27 -62.85
CA TYR H 199 2.45 23.65 -62.17
C TYR H 199 1.39 22.57 -62.30
N ILE H 200 1.18 22.07 -63.52
CA ILE H 200 0.18 21.03 -63.73
C ILE H 200 0.49 19.80 -62.88
N ILE H 201 1.75 19.34 -62.96
CA ILE H 201 2.13 18.09 -62.31
C ILE H 201 1.99 18.20 -60.80
N GLN H 202 2.41 19.33 -60.21
CA GLN H 202 2.32 19.43 -58.76
C GLN H 202 0.87 19.47 -58.29
N VAL H 203 -0.01 20.08 -59.08
CA VAL H 203 -1.44 20.06 -58.73
C VAL H 203 -1.96 18.63 -58.74
N VAL H 204 -1.59 17.87 -59.78
CA VAL H 204 -2.01 16.47 -59.86
C VAL H 204 -1.54 15.70 -58.63
N PHE H 205 -0.28 15.88 -58.28
CA PHE H 205 0.30 15.14 -57.16
C PHE H 205 -0.38 15.51 -55.84
N ARG H 206 -0.63 16.80 -55.63
CA ARG H 206 -1.30 17.22 -54.40
C ARG H 206 -2.69 16.62 -54.30
N ASN H 207 -3.44 16.64 -55.41
CA ASN H 207 -4.76 16.02 -55.42
C ASN H 207 -4.67 14.56 -55.00
N ALA H 208 -3.76 13.81 -55.65
CA ALA H 208 -3.65 12.39 -55.35
C ALA H 208 -3.31 12.16 -53.88
N LEU H 209 -2.35 12.93 -53.36
CA LEU H 209 -1.91 12.72 -51.98
C LEU H 209 -3.05 12.99 -51.01
N GLU H 210 -3.85 14.03 -51.27
CA GLU H 210 -4.88 14.37 -50.30
C GLU H 210 -6.03 13.37 -50.35
N ILE H 211 -6.34 12.84 -51.54
CA ILE H 211 -7.38 11.82 -51.61
C ILE H 211 -6.91 10.54 -50.90
N GLY H 212 -5.65 10.17 -51.13
CA GLY H 212 -5.11 9.00 -50.44
C GLY H 212 -5.16 9.16 -48.94
N PHE H 213 -4.79 10.33 -48.44
CA PHE H 213 -4.75 10.53 -46.99
C PHE H 213 -6.15 10.50 -46.39
N LEU H 214 -7.13 11.10 -47.07
CA LEU H 214 -8.50 11.05 -46.56
C LEU H 214 -9.02 9.62 -46.50
N VAL H 215 -8.79 8.85 -47.57
CA VAL H 215 -9.22 7.45 -47.57
C VAL H 215 -8.53 6.68 -46.45
N GLY H 216 -7.22 6.88 -46.28
CA GLY H 216 -6.52 6.19 -45.21
C GLY H 216 -7.03 6.54 -43.84
N GLN H 217 -7.36 7.81 -43.60
CA GLN H 217 -7.95 8.21 -42.33
C GLN H 217 -9.24 7.45 -42.07
N TYR H 218 -10.13 7.43 -43.07
CA TYR H 218 -11.40 6.72 -42.93
C TYR H 218 -11.18 5.24 -42.62
N PHE H 219 -10.21 4.62 -43.30
CA PHE H 219 -9.99 3.19 -43.10
C PHE H 219 -9.27 2.88 -41.79
N LEU H 220 -8.48 3.82 -41.27
CA LEU H 220 -7.75 3.59 -40.03
C LEU H 220 -8.61 3.81 -38.79
N TYR H 221 -9.43 4.86 -38.76
CA TYR H 221 -10.06 5.27 -37.50
C TYR H 221 -11.58 5.23 -37.50
N GLY H 222 -12.23 5.36 -38.64
CA GLY H 222 -13.68 5.46 -38.66
C GLY H 222 -14.22 6.80 -38.22
N PHE H 223 -15.36 6.79 -37.51
CA PHE H 223 -16.04 8.03 -37.14
C PHE H 223 -16.29 8.16 -35.64
N SER H 224 -15.78 7.26 -34.80
CA SER H 224 -16.04 7.37 -33.38
C SER H 224 -14.94 6.66 -32.59
N VAL H 225 -14.81 7.07 -31.33
CA VAL H 225 -13.92 6.44 -30.35
C VAL H 225 -14.79 5.92 -29.20
N PRO H 226 -14.95 4.62 -29.04
CA PRO H 226 -15.78 4.11 -27.94
C PRO H 226 -15.07 4.19 -26.59
N GLY H 227 -15.89 4.20 -25.54
CA GLY H 227 -15.38 4.26 -24.18
C GLY H 227 -14.89 2.94 -23.61
N LEU H 228 -15.37 1.82 -24.13
CA LEU H 228 -14.92 0.50 -23.70
C LEU H 228 -14.19 -0.21 -24.82
N TYR H 229 -13.24 -1.07 -24.44
CA TYR H 229 -12.51 -1.91 -25.37
C TYR H 229 -12.33 -3.30 -24.76
N GLU H 230 -12.53 -4.32 -25.59
CA GLU H 230 -12.42 -5.72 -25.18
C GLU H 230 -11.14 -6.31 -25.75
N CYS H 231 -10.30 -6.85 -24.88
CA CYS H 231 -8.93 -7.23 -25.23
C CYS H 231 -8.73 -8.70 -24.90
N ASN H 232 -8.04 -9.41 -25.80
CA ASN H 232 -7.73 -10.83 -25.61
C ASN H 232 -6.31 -11.15 -26.08
N ARG H 233 -5.34 -10.30 -25.71
CA ARG H 233 -3.95 -10.51 -26.11
C ARG H 233 -3.10 -10.96 -24.92
N TYR H 234 -2.18 -11.88 -25.19
CA TYR H 234 -1.22 -12.32 -24.20
C TYR H 234 -0.43 -11.11 -23.69
N PRO H 235 -0.17 -11.03 -22.37
CA PRO H 235 -0.40 -12.01 -21.31
C PRO H 235 -1.77 -11.95 -20.65
N CYS H 236 -2.72 -11.23 -21.24
CA CYS H 236 -4.06 -11.19 -20.68
C CYS H 236 -4.71 -12.57 -20.81
N ILE H 237 -5.33 -13.03 -19.73
CA ILE H 237 -6.08 -14.29 -19.72
C ILE H 237 -7.45 -14.06 -20.35
N LYS H 238 -7.79 -14.92 -21.32
CA LYS H 238 -9.02 -14.78 -22.09
C LYS H 238 -9.30 -13.34 -22.47
N GLU H 239 -10.55 -12.87 -22.38
CA GLU H 239 -10.88 -11.51 -22.73
C GLU H 239 -11.12 -10.64 -21.49
N VAL H 240 -10.57 -9.43 -21.52
CA VAL H 240 -10.63 -8.46 -20.44
C VAL H 240 -11.25 -7.17 -20.96
N GLU H 241 -11.74 -6.35 -20.04
CA GLU H 241 -12.37 -5.07 -20.37
C GLU H 241 -11.51 -3.91 -19.90
N CYS H 242 -11.31 -2.93 -20.78
CA CYS H 242 -10.47 -1.76 -20.52
C CYS H 242 -11.28 -0.51 -20.82
N TYR H 243 -10.80 0.63 -20.28
CA TYR H 243 -11.55 1.88 -20.27
C TYR H 243 -10.69 3.02 -20.78
N VAL H 244 -11.25 3.83 -21.69
CA VAL H 244 -10.54 4.86 -22.42
C VAL H 244 -10.76 6.21 -21.75
N SER H 245 -9.78 7.10 -21.93
CA SER H 245 -9.84 8.47 -21.45
C SER H 245 -10.34 9.45 -22.51
N ARG H 246 -11.23 10.35 -22.10
CA ARG H 246 -11.73 11.44 -22.94
C ARG H 246 -12.25 11.00 -24.31
N PRO H 247 -13.19 10.05 -24.36
CA PRO H 247 -13.63 9.58 -25.69
C PRO H 247 -14.43 10.63 -26.46
N THR H 248 -15.24 11.44 -25.78
CA THR H 248 -16.09 12.41 -26.48
C THR H 248 -15.27 13.51 -27.14
N GLU H 249 -14.28 14.05 -26.43
CA GLU H 249 -13.42 15.07 -27.02
C GLU H 249 -12.69 14.53 -28.25
N LYS H 250 -12.20 13.30 -28.17
CA LYS H 250 -11.50 12.70 -29.29
C LYS H 250 -12.44 12.47 -30.48
N THR H 251 -13.69 12.08 -30.22
CA THR H 251 -14.67 11.97 -31.29
C THR H 251 -14.93 13.33 -31.95
N VAL H 252 -15.05 14.38 -31.14
CA VAL H 252 -15.26 15.72 -31.70
C VAL H 252 -14.09 16.11 -32.60
N PHE H 253 -12.87 15.89 -32.12
CA PHE H 253 -11.69 16.19 -32.92
C PHE H 253 -11.67 15.41 -34.24
N LEU H 254 -11.97 14.11 -34.18
CA LEU H 254 -12.07 13.30 -35.38
C LEU H 254 -13.03 13.91 -36.39
N VAL H 255 -14.25 14.24 -35.94
CA VAL H 255 -15.26 14.75 -36.86
C VAL H 255 -14.82 16.08 -37.46
N PHE H 256 -14.27 16.96 -36.62
CA PHE H 256 -13.80 18.25 -37.11
C PHE H 256 -12.73 18.08 -38.18
N MET H 257 -11.76 17.19 -37.95
CA MET H 257 -10.71 16.99 -38.93
C MET H 257 -11.26 16.44 -40.25
N PHE H 258 -12.20 15.51 -40.18
CA PHE H 258 -12.81 15.02 -41.41
C PHE H 258 -13.49 16.15 -42.17
N ALA H 259 -14.20 17.02 -41.44
CA ALA H 259 -14.88 18.14 -42.08
C ALA H 259 -13.89 19.05 -42.77
N VAL H 260 -12.81 19.41 -42.08
CA VAL H 260 -11.80 20.30 -42.65
C VAL H 260 -11.19 19.68 -43.90
N SER H 261 -10.83 18.40 -43.84
CA SER H 261 -10.22 17.68 -44.95
C SER H 261 -11.11 17.58 -46.19
N GLY H 262 -12.42 17.44 -46.03
CA GLY H 262 -13.31 17.45 -47.19
C GLY H 262 -13.26 18.70 -48.07
N ILE H 263 -13.23 19.89 -47.45
CA ILE H 263 -13.14 21.13 -48.21
C ILE H 263 -11.93 21.15 -49.15
N CYS H 264 -10.76 20.75 -48.67
CA CYS H 264 -9.58 20.80 -49.53
C CYS H 264 -9.73 19.90 -50.75
N VAL H 265 -10.29 18.70 -50.55
CA VAL H 265 -10.53 17.80 -51.68
C VAL H 265 -11.44 18.46 -52.69
N VAL H 266 -12.54 19.05 -52.20
CA VAL H 266 -13.50 19.70 -53.10
C VAL H 266 -12.81 20.81 -53.90
N LEU H 267 -12.05 21.66 -53.22
CA LEU H 267 -11.42 22.80 -53.90
C LEU H 267 -10.41 22.33 -54.95
N ASN H 268 -9.60 21.33 -54.61
CA ASN H 268 -8.61 20.85 -55.57
C ASN H 268 -9.27 20.20 -56.76
N LEU H 269 -10.37 19.45 -56.56
CA LEU H 269 -11.08 18.93 -57.72
C LEU H 269 -11.66 20.06 -58.56
N ALA H 270 -12.14 21.12 -57.91
CA ALA H 270 -12.63 22.28 -58.63
C ALA H 270 -11.58 22.79 -59.60
N GLU H 271 -10.37 23.03 -59.08
CA GLU H 271 -9.32 23.64 -59.90
C GLU H 271 -8.87 22.65 -60.97
N LEU H 272 -8.75 21.36 -60.62
CA LEU H 272 -8.43 20.34 -61.62
C LEU H 272 -9.40 20.39 -62.79
N ASN H 273 -10.70 20.46 -62.50
CA ASN H 273 -11.70 20.48 -63.56
C ASN H 273 -11.78 21.80 -64.31
N HIS H 274 -11.35 22.91 -63.72
CA HIS H 274 -11.37 24.14 -64.50
C HIS H 274 -10.38 24.06 -65.67
N LEU H 275 -9.58 23.01 -65.71
CA LEU H 275 -8.64 22.80 -66.81
C LEU H 275 -8.72 21.34 -67.29
N SER I 19 -17.12 59.90 -32.24
CA SER I 19 -17.78 58.81 -31.53
C SER I 19 -17.54 57.49 -32.24
N THR I 20 -17.66 57.50 -33.58
CA THR I 20 -17.30 56.34 -34.38
C THR I 20 -15.80 56.20 -34.55
N MET I 21 -15.03 57.25 -34.27
CA MET I 21 -13.57 57.16 -34.37
C MET I 21 -12.99 56.28 -33.28
N ILE I 22 -13.37 56.53 -32.02
CA ILE I 22 -12.83 55.78 -30.89
C ILE I 22 -13.32 54.33 -30.86
N GLY I 23 -14.50 54.06 -31.44
CA GLY I 23 -15.04 52.71 -31.37
C GLY I 23 -14.10 51.66 -31.96
N ARG I 24 -13.44 51.98 -33.07
CA ARG I 24 -12.51 51.03 -33.67
C ARG I 24 -11.34 50.78 -32.75
N ILE I 25 -10.83 51.85 -32.12
CA ILE I 25 -9.68 51.74 -31.23
C ILE I 25 -10.02 50.85 -30.06
N LEU I 26 -11.21 51.03 -29.49
CA LEU I 26 -11.59 50.24 -28.32
C LEU I 26 -11.90 48.81 -28.71
N LEU I 27 -12.44 48.58 -29.91
CA LEU I 27 -12.66 47.21 -30.35
C LEU I 27 -11.33 46.46 -30.48
N THR I 28 -10.34 47.12 -31.08
CA THR I 28 -9.02 46.51 -31.20
C THR I 28 -8.41 46.23 -29.84
N VAL I 29 -8.59 47.14 -28.90
CA VAL I 29 -7.99 46.96 -27.58
C VAL I 29 -8.67 45.81 -26.85
N VAL I 30 -10.00 45.72 -26.97
CA VAL I 30 -10.72 44.63 -26.30
C VAL I 30 -10.29 43.29 -26.87
N VAL I 31 -10.19 43.20 -28.20
CA VAL I 31 -9.77 41.94 -28.83
C VAL I 31 -8.39 41.52 -28.34
N ILE I 32 -7.44 42.47 -28.34
CA ILE I 32 -6.08 42.11 -27.92
C ILE I 32 -6.08 41.72 -26.44
N PHE I 33 -6.84 42.44 -25.61
CA PHE I 33 -6.93 42.12 -24.20
C PHE I 33 -7.43 40.70 -23.99
N ARG I 34 -8.50 40.32 -24.70
CA ARG I 34 -9.04 38.98 -24.56
C ARG I 34 -8.02 37.93 -24.96
N ILE I 35 -7.35 38.14 -26.10
CA ILE I 35 -6.34 37.16 -26.52
C ILE I 35 -5.24 37.02 -25.46
N LEU I 36 -4.76 38.15 -24.93
CA LEU I 36 -3.68 38.09 -23.95
C LEU I 36 -4.11 37.38 -22.68
N ILE I 37 -5.30 37.71 -22.17
CA ILE I 37 -5.79 37.08 -20.95
C ILE I 37 -5.93 35.58 -21.13
N VAL I 38 -6.47 35.15 -22.27
CA VAL I 38 -6.68 33.72 -22.47
C VAL I 38 -5.34 33.02 -22.62
N ALA I 39 -4.41 33.63 -23.38
CA ALA I 39 -3.16 32.98 -23.73
C ALA I 39 -2.19 32.87 -22.56
N ILE I 40 -2.15 33.85 -21.66
CA ILE I 40 -1.07 33.86 -20.69
C ILE I 40 -1.38 33.08 -19.42
N VAL I 41 -2.59 33.18 -18.86
CA VAL I 41 -2.87 32.57 -17.57
C VAL I 41 -3.85 31.40 -17.64
N GLY I 42 -4.82 31.43 -18.56
CA GLY I 42 -5.88 30.43 -18.58
C GLY I 42 -5.43 29.00 -18.81
N GLU I 43 -4.32 28.80 -19.51
CA GLU I 43 -3.78 27.46 -19.77
C GLU I 43 -3.34 26.68 -18.53
N THR I 44 -3.31 27.29 -17.34
CA THR I 44 -2.69 26.64 -16.18
C THR I 44 -3.61 26.45 -14.99
N VAL I 45 -4.82 27.01 -15.00
CA VAL I 45 -5.85 26.63 -14.03
C VAL I 45 -6.43 25.24 -14.32
N TYR I 46 -6.65 24.92 -15.59
CA TYR I 46 -7.27 23.66 -16.00
C TYR I 46 -6.27 22.51 -16.19
N ASP I 47 -4.98 22.75 -16.02
CA ASP I 47 -3.98 21.72 -16.28
C ASP I 47 -4.21 20.45 -15.46
N ASP I 48 -4.55 20.58 -14.18
CA ASP I 48 -4.77 19.45 -13.29
C ASP I 48 -6.23 19.03 -13.19
N GLU I 49 -7.01 19.21 -14.26
CA GLU I 49 -8.46 19.03 -14.16
C GLU I 49 -8.84 17.60 -13.82
N GLN I 50 -8.20 16.62 -14.47
CA GLN I 50 -8.55 15.21 -14.28
C GLN I 50 -7.72 14.50 -13.21
N THR I 51 -6.49 14.94 -12.98
CA THR I 51 -5.65 14.28 -11.99
C THR I 51 -6.15 14.51 -10.56
N MET I 52 -6.82 15.63 -10.30
CA MET I 52 -7.41 15.90 -9.00
C MET I 52 -8.92 15.72 -8.97
N PHE I 53 -9.51 15.10 -9.99
CA PHE I 53 -10.91 14.71 -9.95
C PHE I 53 -11.01 13.33 -9.34
N VAL I 54 -11.85 13.19 -8.32
CA VAL I 54 -11.96 11.95 -7.54
C VAL I 54 -13.41 11.66 -7.18
N CYS I 55 -13.76 10.38 -7.19
CA CYS I 55 -15.09 9.90 -6.84
C CYS I 55 -15.00 8.90 -5.71
N ASN I 56 -16.07 8.82 -4.91
CA ASN I 56 -16.18 7.90 -3.79
C ASN I 56 -16.69 6.56 -4.29
N THR I 57 -15.77 5.65 -4.59
CA THR I 57 -16.10 4.39 -5.24
C THR I 57 -14.85 3.52 -5.25
N LEU I 58 -15.07 2.22 -5.43
CA LEU I 58 -13.99 1.25 -5.59
C LEU I 58 -14.03 0.55 -6.95
N GLN I 59 -14.85 1.03 -7.88
CA GLN I 59 -15.04 0.35 -9.16
C GLN I 59 -14.03 0.90 -10.16
N PRO I 60 -13.22 0.05 -10.79
CA PRO I 60 -12.29 0.55 -11.82
C PRO I 60 -13.03 1.04 -13.06
N GLY I 61 -12.61 2.20 -13.55
CA GLY I 61 -13.21 2.81 -14.72
C GLY I 61 -14.30 3.82 -14.46
N CYS I 62 -14.71 4.01 -13.21
CA CYS I 62 -15.81 4.91 -12.91
C CYS I 62 -15.37 6.36 -13.02
N ASN I 63 -14.15 6.65 -12.59
CA ASN I 63 -13.62 8.02 -12.69
C ASN I 63 -13.59 8.51 -14.13
N GLN I 64 -13.13 7.68 -15.05
CA GLN I 64 -13.09 8.07 -16.46
C GLN I 64 -14.47 8.43 -16.99
N ALA I 65 -15.45 7.54 -16.79
CA ALA I 65 -16.80 7.79 -17.29
C ALA I 65 -17.42 9.02 -16.65
N CYS I 66 -17.23 9.20 -15.34
CA CYS I 66 -17.87 10.32 -14.67
C CYS I 66 -17.20 11.65 -15.02
N TYR I 67 -15.88 11.67 -15.14
CA TYR I 67 -15.23 12.88 -15.63
C TYR I 67 -15.69 13.22 -17.04
N ASP I 68 -15.79 12.21 -17.91
CA ASP I 68 -16.22 12.47 -19.28
C ASP I 68 -17.65 13.01 -19.33
N ARG I 69 -18.53 12.49 -18.49
CA ARG I 69 -19.91 12.98 -18.48
C ARG I 69 -20.01 14.37 -17.84
N ALA I 70 -19.19 14.66 -16.83
CA ALA I 70 -19.24 15.97 -16.20
C ALA I 70 -18.61 17.05 -17.07
N PHE I 71 -17.52 16.73 -17.77
CA PHE I 71 -16.77 17.71 -18.57
C PHE I 71 -16.54 17.17 -19.97
N PRO I 72 -17.56 17.25 -20.85
CA PRO I 72 -17.40 16.70 -22.21
C PRO I 72 -16.37 17.45 -23.04
N ILE I 73 -16.43 18.77 -23.08
CA ILE I 73 -15.40 19.61 -23.68
C ILE I 73 -14.95 20.64 -22.65
N SER I 74 -13.64 20.69 -22.40
CA SER I 74 -13.07 21.63 -21.44
C SER I 74 -13.21 23.07 -21.93
N HIS I 75 -13.34 23.98 -20.96
CA HIS I 75 -13.56 25.39 -21.28
C HIS I 75 -12.48 25.95 -22.19
N ILE I 76 -11.22 25.61 -21.91
CA ILE I 76 -10.11 26.25 -22.61
C ILE I 76 -10.10 25.87 -24.09
N ARG I 77 -10.49 24.64 -24.42
CA ARG I 77 -10.60 24.24 -25.82
C ARG I 77 -11.67 25.06 -26.55
N TYR I 78 -12.84 25.21 -25.93
CA TYR I 78 -13.90 26.01 -26.54
C TYR I 78 -13.45 27.45 -26.74
N TRP I 79 -12.75 28.02 -25.76
CA TRP I 79 -12.34 29.41 -25.89
C TRP I 79 -11.26 29.59 -26.95
N VAL I 80 -10.29 28.67 -27.03
CA VAL I 80 -9.29 28.73 -28.09
C VAL I 80 -9.95 28.64 -29.46
N PHE I 81 -10.88 27.69 -29.62
CA PHE I 81 -11.55 27.55 -30.90
C PHE I 81 -12.29 28.83 -31.28
N GLN I 82 -13.06 29.39 -30.33
CA GLN I 82 -13.78 30.63 -30.61
C GLN I 82 -12.83 31.76 -31.00
N ILE I 83 -11.75 31.93 -30.25
CA ILE I 83 -10.79 32.99 -30.55
C ILE I 83 -10.23 32.83 -31.95
N ILE I 84 -9.87 31.61 -32.33
CA ILE I 84 -9.31 31.42 -33.67
C ILE I 84 -10.36 31.67 -34.75
N MET I 85 -11.59 31.21 -34.54
CA MET I 85 -12.62 31.33 -35.57
C MET I 85 -13.11 32.76 -35.76
N VAL I 86 -13.05 33.60 -34.72
CA VAL I 86 -13.49 34.99 -34.87
C VAL I 86 -12.48 35.91 -35.55
N CYS I 87 -11.32 35.40 -35.99
CA CYS I 87 -10.32 36.23 -36.66
C CYS I 87 -10.16 35.92 -38.15
N THR I 88 -11.03 35.10 -38.75
CA THR I 88 -10.87 34.68 -40.14
C THR I 88 -11.27 35.73 -41.18
N PRO I 89 -12.36 36.47 -41.00
CA PRO I 89 -12.70 37.50 -42.00
C PRO I 89 -11.64 38.56 -42.21
N SER I 90 -10.96 38.98 -41.14
CA SER I 90 -9.86 39.93 -41.30
C SER I 90 -8.75 39.33 -42.17
N LEU I 91 -8.39 38.07 -41.91
CA LEU I 91 -7.35 37.43 -42.72
C LEU I 91 -7.76 37.34 -44.18
N CYS I 92 -9.03 37.01 -44.44
CA CYS I 92 -9.51 36.95 -45.81
C CYS I 92 -9.39 38.30 -46.50
N PHE I 93 -9.87 39.36 -45.82
CA PHE I 93 -9.78 40.70 -46.41
C PHE I 93 -8.33 41.09 -46.69
N ILE I 94 -7.42 40.76 -45.77
CA ILE I 94 -6.02 41.12 -45.94
C ILE I 94 -5.43 40.38 -47.14
N THR I 95 -5.72 39.08 -47.25
CA THR I 95 -5.19 38.31 -48.37
C THR I 95 -5.73 38.82 -49.69
N TYR I 96 -7.00 39.18 -49.74
CA TYR I 96 -7.55 39.77 -50.96
C TYR I 96 -6.83 41.07 -51.32
N SER I 97 -6.70 41.97 -50.36
CA SER I 97 -6.10 43.27 -50.68
C SER I 97 -4.63 43.09 -51.08
N VAL I 98 -3.93 42.15 -50.46
CA VAL I 98 -2.55 41.87 -50.84
C VAL I 98 -2.49 41.36 -52.28
N HIS I 99 -3.42 40.50 -52.66
CA HIS I 99 -3.46 40.01 -54.04
C HIS I 99 -3.78 41.12 -55.02
N GLN I 100 -4.62 42.08 -54.62
CA GLN I 100 -4.98 43.16 -55.53
C GLN I 100 -3.77 43.95 -56.01
N SER I 101 -2.65 43.91 -55.29
CA SER I 101 -1.48 44.71 -55.63
C SER I 101 -0.58 43.97 -56.61
N GLY I 194 -14.75 45.89 -56.01
CA GLY I 194 -15.81 46.04 -55.02
C GLY I 194 -15.33 45.80 -53.61
N ILE I 195 -14.36 46.60 -53.17
CA ILE I 195 -13.81 46.45 -51.83
C ILE I 195 -14.88 46.71 -50.77
N SER I 196 -15.75 47.68 -51.03
CA SER I 196 -16.75 48.06 -50.03
C SER I 196 -17.75 46.94 -49.80
N ARG I 197 -18.12 46.20 -50.86
CA ARG I 197 -18.99 45.07 -50.68
C ARG I 197 -18.35 44.03 -49.78
N PHE I 198 -17.05 43.77 -49.97
CA PHE I 198 -16.34 42.84 -49.08
C PHE I 198 -16.34 43.35 -47.64
N TYR I 199 -16.14 44.66 -47.44
CA TYR I 199 -16.19 45.21 -46.09
C TYR I 199 -17.53 44.96 -45.44
N ILE I 200 -18.62 45.23 -46.15
CA ILE I 200 -19.95 45.02 -45.60
C ILE I 200 -20.15 43.55 -45.21
N ILE I 201 -19.81 42.65 -46.14
CA ILE I 201 -20.08 41.23 -45.94
C ILE I 201 -19.28 40.69 -44.77
N GLN I 202 -18.00 41.07 -44.66
CA GLN I 202 -17.21 40.52 -43.56
C GLN I 202 -17.71 41.02 -42.21
N VAL I 203 -18.21 42.25 -42.16
CA VAL I 203 -18.80 42.75 -40.91
C VAL I 203 -20.02 41.93 -40.54
N VAL I 204 -20.87 41.65 -41.53
CA VAL I 204 -22.06 40.84 -41.29
C VAL I 204 -21.66 39.47 -40.73
N PHE I 205 -20.68 38.84 -41.38
CA PHE I 205 -20.27 37.50 -40.97
C PHE I 205 -19.69 37.50 -39.56
N ARG I 206 -18.85 38.49 -39.24
CA ARG I 206 -18.29 38.57 -37.91
C ARG I 206 -19.38 38.71 -36.85
N ASN I 207 -20.34 39.60 -37.11
CA ASN I 207 -21.47 39.75 -36.19
C ASN I 207 -22.16 38.41 -35.95
N ALA I 208 -22.51 37.73 -37.04
CA ALA I 208 -23.22 36.46 -36.90
C ALA I 208 -22.41 35.45 -36.10
N LEU I 209 -21.12 35.34 -36.40
CA LEU I 209 -20.28 34.34 -35.73
C LEU I 209 -20.19 34.63 -34.24
N GLU I 210 -20.08 35.91 -33.87
CA GLU I 210 -19.90 36.22 -32.45
C GLU I 210 -21.19 36.04 -31.68
N ILE I 211 -22.33 36.31 -32.31
CA ILE I 211 -23.60 36.07 -31.62
C ILE I 211 -23.81 34.56 -31.44
N GLY I 212 -23.51 33.79 -32.49
CA GLY I 212 -23.62 32.35 -32.37
C GLY I 212 -22.75 31.79 -31.27
N PHE I 213 -21.51 32.27 -31.18
CA PHE I 213 -20.59 31.74 -30.17
C PHE I 213 -21.03 32.11 -28.76
N LEU I 214 -21.53 33.33 -28.56
CA LEU I 214 -22.01 33.70 -27.23
C LEU I 214 -23.21 32.83 -26.83
N VAL I 215 -24.16 32.64 -27.74
CA VAL I 215 -25.31 31.79 -27.43
C VAL I 215 -24.85 30.37 -27.11
N GLY I 216 -23.93 29.83 -27.91
CA GLY I 216 -23.45 28.48 -27.64
C GLY I 216 -22.76 28.36 -26.30
N GLN I 217 -21.97 29.36 -25.91
CA GLN I 217 -21.34 29.35 -24.60
C GLN I 217 -22.40 29.27 -23.50
N TYR I 218 -23.42 30.14 -23.59
CA TYR I 218 -24.48 30.13 -22.60
C TYR I 218 -25.18 28.78 -22.52
N PHE I 219 -25.43 28.16 -23.67
CA PHE I 219 -26.14 26.88 -23.69
C PHE I 219 -25.27 25.72 -23.26
N LEU I 220 -23.95 25.81 -23.44
CA LEU I 220 -23.06 24.73 -23.07
C LEU I 220 -22.71 24.74 -21.58
N TYR I 221 -22.44 25.90 -20.99
CA TYR I 221 -21.84 25.93 -19.66
C TYR I 221 -22.68 26.61 -18.59
N GLY I 222 -23.55 27.54 -18.95
CA GLY I 222 -24.27 28.30 -17.94
C GLY I 222 -23.44 29.37 -17.25
N PHE I 223 -23.68 29.56 -15.96
CA PHE I 223 -23.03 30.65 -15.22
C PHE I 223 -22.28 30.18 -13.97
N SER I 224 -22.16 28.87 -13.74
CA SER I 224 -21.46 28.42 -12.54
C SER I 224 -20.92 27.01 -12.74
N VAL I 225 -19.92 26.68 -11.94
CA VAL I 225 -19.33 25.34 -11.87
C VAL I 225 -19.52 24.84 -10.44
N PRO I 226 -20.39 23.85 -10.20
CA PRO I 226 -20.58 23.36 -8.83
C PRO I 226 -19.44 22.46 -8.38
N GLY I 227 -19.30 22.37 -7.04
CA GLY I 227 -18.27 21.55 -6.44
C GLY I 227 -18.58 20.07 -6.37
N LEU I 228 -19.84 19.69 -6.39
CA LEU I 228 -20.23 18.28 -6.39
C LEU I 228 -20.92 17.91 -7.70
N TYR I 229 -20.76 16.65 -8.09
CA TYR I 229 -21.42 16.10 -9.26
C TYR I 229 -21.92 14.69 -8.94
N GLU I 230 -23.13 14.38 -9.40
CA GLU I 230 -23.78 13.10 -9.17
C GLU I 230 -23.78 12.32 -10.48
N CYS I 231 -23.22 11.11 -10.45
CA CYS I 231 -22.93 10.34 -11.65
C CYS I 231 -23.62 8.98 -11.55
N ASN I 232 -24.20 8.54 -12.67
CA ASN I 232 -24.85 7.23 -12.75
C ASN I 232 -24.55 6.54 -14.09
N ARG I 233 -23.29 6.56 -14.50
CA ARG I 233 -22.90 5.92 -15.76
C ARG I 233 -22.11 4.65 -15.51
N TYR I 234 -22.37 3.64 -16.34
CA TYR I 234 -21.61 2.40 -16.30
C TYR I 234 -20.12 2.70 -16.51
N PRO I 235 -19.23 2.05 -15.76
CA PRO I 235 -19.43 0.92 -14.83
C PRO I 235 -19.77 1.31 -13.41
N CYS I 236 -20.12 2.57 -13.15
CA CYS I 236 -20.52 2.97 -11.82
C CYS I 236 -21.84 2.30 -11.44
N ILE I 237 -21.89 1.74 -10.24
CA ILE I 237 -23.11 1.14 -9.69
C ILE I 237 -24.04 2.25 -9.18
N LYS I 238 -25.29 2.22 -9.63
CA LYS I 238 -26.28 3.25 -9.33
C LYS I 238 -25.67 4.64 -9.40
N GLU I 239 -26.00 5.54 -8.46
CA GLU I 239 -25.45 6.88 -8.48
C GLU I 239 -24.36 7.08 -7.43
N VAL I 240 -23.29 7.75 -7.85
CA VAL I 240 -22.10 8.01 -7.05
C VAL I 240 -21.87 9.52 -6.99
N GLU I 241 -21.10 9.95 -5.99
CA GLU I 241 -20.77 11.35 -5.78
C GLU I 241 -19.29 11.61 -6.07
N CYS I 242 -19.01 12.65 -6.84
CA CYS I 242 -17.66 13.03 -7.25
C CYS I 242 -17.42 14.49 -6.90
N TYR I 243 -16.13 14.86 -6.85
CA TYR I 243 -15.71 16.16 -6.33
C TYR I 243 -14.77 16.84 -7.30
N VAL I 244 -15.02 18.14 -7.55
CA VAL I 244 -14.35 18.92 -8.60
C VAL I 244 -13.22 19.72 -7.97
N SER I 245 -12.21 20.03 -8.78
CA SER I 245 -11.08 20.87 -8.40
C SER I 245 -11.27 22.32 -8.81
N ARG I 246 -10.94 23.23 -7.90
CA ARG I 246 -10.94 24.67 -8.15
C ARG I 246 -12.23 25.22 -8.76
N PRO I 247 -13.39 24.98 -8.14
CA PRO I 247 -14.64 25.43 -8.76
C PRO I 247 -14.79 26.95 -8.77
N THR I 248 -14.33 27.63 -7.71
CA THR I 248 -14.50 29.08 -7.61
C THR I 248 -13.70 29.83 -8.67
N GLU I 249 -12.44 29.45 -8.86
CA GLU I 249 -11.62 30.08 -9.89
C GLU I 249 -12.23 29.90 -11.27
N LYS I 250 -12.75 28.70 -11.55
CA LYS I 250 -13.36 28.43 -12.85
C LYS I 250 -14.64 29.24 -13.03
N THR I 251 -15.42 29.42 -11.97
CA THR I 251 -16.59 30.29 -12.04
C THR I 251 -16.19 31.74 -12.33
N VAL I 252 -15.14 32.22 -11.67
CA VAL I 252 -14.67 33.59 -11.92
C VAL I 252 -14.26 33.74 -13.39
N PHE I 253 -13.50 32.78 -13.91
CA PHE I 253 -13.10 32.83 -15.32
C PHE I 253 -14.31 32.82 -16.25
N LEU I 254 -15.27 31.95 -16.00
CA LEU I 254 -16.51 31.94 -16.78
C LEU I 254 -17.17 33.32 -16.83
N VAL I 255 -17.35 33.94 -15.65
CA VAL I 255 -18.05 35.22 -15.60
C VAL I 255 -17.25 36.29 -16.34
N PHE I 256 -15.94 36.31 -16.13
CA PHE I 256 -15.09 37.28 -16.82
C PHE I 256 -15.20 37.14 -18.34
N MET I 257 -15.15 35.91 -18.84
CA MET I 257 -15.23 35.71 -20.28
C MET I 257 -16.59 36.16 -20.83
N PHE I 258 -17.67 35.87 -20.12
CA PHE I 258 -18.98 36.36 -20.57
C PHE I 258 -19.00 37.88 -20.64
N ALA I 259 -18.42 38.53 -19.62
CA ALA I 259 -18.39 39.99 -19.59
C ALA I 259 -17.63 40.53 -20.80
N VAL I 260 -16.45 39.97 -21.06
CA VAL I 260 -15.63 40.43 -22.18
C VAL I 260 -16.38 40.24 -23.50
N SER I 261 -17.00 39.08 -23.70
CA SER I 261 -17.73 38.78 -24.92
C SER I 261 -18.93 39.68 -25.17
N GLY I 262 -19.64 40.13 -24.14
CA GLY I 262 -20.73 41.07 -24.34
C GLY I 262 -20.33 42.40 -25.01
N ILE I 263 -19.22 43.00 -24.59
CA ILE I 263 -18.75 44.24 -25.20
C ILE I 263 -18.60 44.11 -26.72
N CYS I 264 -17.97 43.04 -27.20
CA CYS I 264 -17.76 42.92 -28.64
C CYS I 264 -19.09 42.88 -29.39
N VAL I 265 -20.07 42.13 -28.86
CA VAL I 265 -21.39 42.09 -29.49
C VAL I 265 -21.98 43.49 -29.57
N VAL I 266 -21.92 44.22 -28.46
CA VAL I 266 -22.48 45.56 -28.42
C VAL I 266 -21.81 46.45 -29.48
N LEU I 267 -20.48 46.42 -29.54
CA LEU I 267 -19.76 47.29 -30.46
C LEU I 267 -20.09 46.95 -31.92
N ASN I 268 -20.13 45.66 -32.24
CA ASN I 268 -20.42 45.27 -33.61
C ASN I 268 -21.85 45.64 -34.00
N LEU I 269 -22.81 45.50 -33.08
CA LEU I 269 -24.16 45.97 -33.40
C LEU I 269 -24.16 47.48 -33.61
N ALA I 270 -23.37 48.21 -32.80
CA ALA I 270 -23.26 49.65 -32.99
C ALA I 270 -22.88 49.98 -34.41
N GLU I 271 -21.80 49.36 -34.89
CA GLU I 271 -21.28 49.69 -36.22
C GLU I 271 -22.26 49.22 -37.30
N LEU I 272 -22.86 48.05 -37.12
CA LEU I 272 -23.88 47.58 -38.06
C LEU I 272 -24.99 48.60 -38.21
N ASN I 273 -25.48 49.14 -37.09
CA ASN I 273 -26.57 50.11 -37.13
C ASN I 273 -26.15 51.49 -37.63
N HIS I 274 -24.86 51.85 -37.51
CA HIS I 274 -24.49 53.16 -38.06
C HIS I 274 -24.63 53.16 -39.58
N LEU I 275 -24.91 52.00 -40.17
CA LEU I 275 -25.14 51.91 -41.62
C LEU I 275 -26.39 51.08 -41.89
N SER J 19 13.08 67.99 -11.22
CA SER J 19 12.38 67.17 -10.25
C SER J 19 11.26 66.38 -10.92
N THR J 20 10.50 67.05 -11.78
CA THR J 20 9.50 66.39 -12.61
C THR J 20 10.12 65.64 -13.78
N MET J 21 11.37 65.95 -14.13
CA MET J 21 12.04 65.25 -15.22
C MET J 21 12.36 63.81 -14.85
N ILE J 22 12.98 63.61 -13.68
CA ILE J 22 13.37 62.27 -13.25
C ILE J 22 12.18 61.39 -12.88
N GLY J 23 11.07 62.00 -12.48
CA GLY J 23 9.93 61.21 -12.03
C GLY J 23 9.43 60.24 -13.10
N ARG J 24 9.39 60.68 -14.36
CA ARG J 24 8.96 59.81 -15.43
C ARG J 24 9.92 58.64 -15.60
N ILE J 25 11.22 58.92 -15.51
CA ILE J 25 12.23 57.88 -15.70
C ILE J 25 12.09 56.83 -14.62
N LEU J 26 11.88 57.27 -13.37
CA LEU J 26 11.77 56.32 -12.27
C LEU J 26 10.45 55.56 -12.33
N LEU J 27 9.38 56.19 -12.79
CA LEU J 27 8.12 55.46 -12.95
C LEU J 27 8.28 54.34 -13.96
N THR J 28 8.93 54.64 -15.10
CA THR J 28 9.16 53.62 -16.11
C THR J 28 10.03 52.49 -15.57
N VAL J 29 11.04 52.84 -14.77
CA VAL J 29 11.94 51.81 -14.25
C VAL J 29 11.20 50.94 -13.25
N VAL J 30 10.37 51.54 -12.41
CA VAL J 30 9.63 50.75 -11.41
C VAL J 30 8.67 49.80 -12.12
N VAL J 31 7.96 50.29 -13.14
CA VAL J 31 7.02 49.44 -13.87
C VAL J 31 7.75 48.25 -14.49
N ILE J 32 8.88 48.52 -15.16
CA ILE J 32 9.60 47.42 -15.81
C ILE J 32 10.12 46.44 -14.76
N PHE J 33 10.62 46.96 -13.64
CA PHE J 33 11.12 46.11 -12.57
C PHE J 33 10.04 45.18 -12.06
N ARG J 34 8.84 45.73 -11.81
CA ARG J 34 7.73 44.91 -11.33
C ARG J 34 7.38 43.82 -12.33
N ILE J 35 7.27 44.18 -13.61
CA ILE J 35 6.94 43.16 -14.61
C ILE J 35 8.00 42.06 -14.62
N LEU J 36 9.28 42.44 -14.59
CA LEU J 36 10.34 41.43 -14.65
C LEU J 36 10.32 40.51 -13.44
N ILE J 37 10.17 41.09 -12.24
CA ILE J 37 10.15 40.29 -11.02
C ILE J 37 8.99 39.31 -11.04
N VAL J 38 7.81 39.77 -11.48
CA VAL J 38 6.65 38.87 -11.48
C VAL J 38 6.83 37.79 -12.52
N ALA J 39 7.33 38.15 -13.71
CA ALA J 39 7.38 37.23 -14.83
C ALA J 39 8.44 36.16 -14.68
N ILE J 40 9.59 36.47 -14.07
CA ILE J 40 10.71 35.52 -14.14
C ILE J 40 10.69 34.50 -13.01
N VAL J 41 10.40 34.88 -11.76
CA VAL J 41 10.55 33.97 -10.65
C VAL J 41 9.21 33.57 -10.01
N GLY J 42 8.23 34.47 -9.99
CA GLY J 42 6.99 34.23 -9.25
C GLY J 42 6.17 33.04 -9.72
N GLU J 43 6.26 32.69 -11.00
CA GLU J 43 5.53 31.55 -11.55
C GLU J 43 5.92 30.19 -10.97
N THR J 44 6.96 30.08 -10.15
CA THR J 44 7.48 28.78 -9.76
C THR J 44 7.50 28.51 -8.26
N VAL J 45 7.20 29.51 -7.43
CA VAL J 45 6.92 29.27 -6.01
C VAL J 45 5.55 28.63 -5.80
N TYR J 46 4.55 29.07 -6.55
CA TYR J 46 3.18 28.60 -6.41
C TYR J 46 2.85 27.35 -7.23
N ASP J 47 3.79 26.84 -8.02
CA ASP J 47 3.50 25.71 -8.91
C ASP J 47 2.98 24.49 -8.15
N ASP J 48 3.58 24.16 -7.01
CA ASP J 48 3.19 23.00 -6.21
C ASP J 48 2.18 23.33 -5.11
N GLU J 49 1.31 24.32 -5.32
CA GLU J 49 0.48 24.82 -4.24
C GLU J 49 -0.50 23.76 -3.73
N GLN J 50 -1.14 23.03 -4.62
CA GLN J 50 -2.15 22.04 -4.23
C GLN J 50 -1.62 20.63 -4.06
N THR J 51 -0.54 20.27 -4.77
CA THR J 51 0.01 18.92 -4.64
C THR J 51 0.65 18.67 -3.27
N MET J 52 1.17 19.71 -2.63
CA MET J 52 1.72 19.60 -1.28
C MET J 52 0.80 20.16 -0.20
N PHE J 53 -0.45 20.44 -0.51
CA PHE J 53 -1.45 20.79 0.50
C PHE J 53 -2.08 19.51 1.02
N VAL J 54 -2.09 19.34 2.34
CA VAL J 54 -2.54 18.10 2.96
C VAL J 54 -3.31 18.39 4.24
N CYS J 55 -4.34 17.60 4.49
CA CYS J 55 -5.19 17.70 5.67
C CYS J 55 -5.19 16.38 6.42
N ASN J 56 -5.41 16.47 7.74
CA ASN J 56 -5.46 15.29 8.62
C ASN J 56 -6.88 14.77 8.64
N THR J 57 -7.14 13.78 7.77
CA THR J 57 -8.49 13.29 7.55
C THR J 57 -8.40 12.05 6.68
N LEU J 58 -9.48 11.25 6.70
CA LEU J 58 -9.61 10.09 5.83
C LEU J 58 -10.83 10.20 4.90
N GLN J 59 -11.45 11.38 4.81
CA GLN J 59 -12.66 11.53 4.03
C GLN J 59 -12.30 11.93 2.60
N PRO J 60 -12.76 11.20 1.59
CA PRO J 60 -12.47 11.62 0.21
C PRO J 60 -13.20 12.90 -0.16
N GLY J 61 -12.48 13.81 -0.82
CA GLY J 61 -13.01 15.09 -1.24
C GLY J 61 -12.81 16.24 -0.28
N CYS J 62 -12.24 16.00 0.90
CA CYS J 62 -12.07 17.06 1.88
C CYS J 62 -10.95 18.00 1.49
N ASN J 63 -9.87 17.45 0.92
CA ASN J 63 -8.75 18.27 0.49
C ASN J 63 -9.16 19.28 -0.57
N GLN J 64 -9.97 18.87 -1.55
CA GLN J 64 -10.43 19.79 -2.57
C GLN J 64 -11.22 20.95 -1.98
N ALA J 65 -12.22 20.65 -1.15
CA ALA J 65 -13.03 21.71 -0.56
C ALA J 65 -12.22 22.63 0.33
N CYS J 66 -11.31 22.08 1.13
CA CYS J 66 -10.55 22.92 2.05
C CYS J 66 -9.51 23.77 1.32
N TYR J 67 -8.86 23.21 0.31
CA TYR J 67 -7.97 24.04 -0.51
C TYR J 67 -8.75 25.16 -1.19
N ASP J 68 -9.93 24.85 -1.73
CA ASP J 68 -10.71 25.88 -2.41
C ASP J 68 -11.15 26.97 -1.45
N ARG J 69 -11.51 26.61 -0.23
CA ARG J 69 -11.92 27.62 0.75
C ARG J 69 -10.74 28.43 1.28
N ALA J 70 -9.56 27.80 1.42
CA ALA J 70 -8.39 28.52 1.89
C ALA J 70 -7.81 29.44 0.83
N PHE J 71 -7.80 29.01 -0.44
CA PHE J 71 -7.19 29.76 -1.54
C PHE J 71 -8.17 29.89 -2.69
N PRO J 72 -9.12 30.82 -2.61
CA PRO J 72 -10.12 30.96 -3.69
C PRO J 72 -9.52 31.42 -5.00
N ILE J 73 -8.70 32.46 -4.99
CA ILE J 73 -7.92 32.89 -6.15
C ILE J 73 -6.46 32.98 -5.73
N SER J 74 -5.59 32.29 -6.48
CA SER J 74 -4.17 32.29 -6.20
C SER J 74 -3.55 33.67 -6.46
N HIS J 75 -2.51 33.97 -5.68
CA HIS J 75 -1.87 35.28 -5.75
C HIS J 75 -1.40 35.61 -7.17
N ILE J 76 -0.81 34.64 -7.85
CA ILE J 76 -0.17 34.91 -9.13
C ILE J 76 -1.20 35.31 -10.20
N ARG J 77 -2.39 34.70 -10.15
CA ARG J 77 -3.45 35.11 -11.06
C ARG J 77 -3.86 36.56 -10.84
N TYR J 78 -4.08 36.94 -9.57
CA TYR J 78 -4.43 38.32 -9.27
C TYR J 78 -3.36 39.28 -9.74
N TRP J 79 -2.09 38.94 -9.53
CA TRP J 79 -1.01 39.85 -9.91
C TRP J 79 -0.89 39.97 -11.43
N VAL J 80 -1.02 38.86 -12.16
CA VAL J 80 -1.00 38.92 -13.61
C VAL J 80 -2.14 39.78 -14.12
N PHE J 81 -3.35 39.57 -13.59
CA PHE J 81 -4.49 40.38 -14.04
C PHE J 81 -4.24 41.86 -13.79
N GLN J 82 -3.78 42.21 -12.58
CA GLN J 82 -3.50 43.61 -12.27
C GLN J 82 -2.46 44.20 -13.22
N ILE J 83 -1.37 43.46 -13.45
CA ILE J 83 -0.31 43.96 -14.33
C ILE J 83 -0.87 44.22 -15.73
N ILE J 84 -1.68 43.30 -16.25
CA ILE J 84 -2.22 43.50 -17.60
C ILE J 84 -3.19 44.69 -17.63
N MET J 85 -4.03 44.82 -16.61
CA MET J 85 -5.06 45.87 -16.63
C MET J 85 -4.47 47.26 -16.43
N VAL J 86 -3.34 47.39 -15.73
CA VAL J 86 -2.75 48.72 -15.53
C VAL J 86 -1.97 49.25 -16.73
N CYS J 87 -1.90 48.53 -17.84
CA CYS J 87 -1.19 48.98 -19.04
C CYS J 87 -2.10 49.36 -20.20
N THR J 88 -3.41 49.42 -20.02
CA THR J 88 -4.35 49.67 -21.12
C THR J 88 -4.42 51.12 -21.59
N PRO J 89 -4.42 52.11 -20.69
CA PRO J 89 -4.46 53.51 -21.17
C PRO J 89 -3.31 53.89 -22.07
N SER J 90 -2.10 53.41 -21.79
CA SER J 90 -0.98 53.68 -22.69
C SER J 90 -1.23 53.11 -24.08
N LEU J 91 -1.73 51.87 -24.15
CA LEU J 91 -2.02 51.27 -25.44
C LEU J 91 -3.08 52.06 -26.20
N CYS J 92 -4.11 52.53 -25.48
CA CYS J 92 -5.14 53.34 -26.13
C CYS J 92 -4.55 54.62 -26.70
N PHE J 93 -3.75 55.33 -25.90
CA PHE J 93 -3.14 56.57 -26.39
C PHE J 93 -2.26 56.31 -27.59
N ILE J 94 -1.49 55.21 -27.58
CA ILE J 94 -0.60 54.90 -28.68
C ILE J 94 -1.41 54.62 -29.94
N THR J 95 -2.47 53.82 -29.82
CA THR J 95 -3.30 53.50 -30.99
C THR J 95 -3.95 54.75 -31.56
N TYR J 96 -4.43 55.65 -30.70
CA TYR J 96 -4.97 56.91 -31.18
C TYR J 96 -3.92 57.71 -31.95
N SER J 97 -2.75 57.89 -31.36
CA SER J 97 -1.75 58.73 -32.02
C SER J 97 -1.30 58.10 -33.33
N VAL J 98 -1.21 56.77 -33.38
CA VAL J 98 -0.86 56.09 -34.63
C VAL J 98 -1.92 56.33 -35.68
N HIS J 99 -3.20 56.30 -35.30
CA HIS J 99 -4.26 56.57 -36.25
C HIS J 99 -4.22 58.01 -36.73
N GLN J 100 -3.83 58.95 -35.86
CA GLN J 100 -3.80 60.36 -36.26
C GLN J 100 -2.89 60.60 -37.45
N SER J 101 -1.93 59.71 -37.72
CA SER J 101 -0.97 59.92 -38.78
C SER J 101 -1.49 59.39 -40.11
N GLY J 194 -7.49 67.22 -29.75
CA GLY J 194 -7.44 67.38 -28.30
C GLY J 194 -6.58 66.33 -27.64
N ILE J 195 -5.31 66.28 -28.00
CA ILE J 195 -4.40 65.28 -27.44
C ILE J 195 -4.24 65.50 -25.94
N SER J 196 -4.20 66.76 -25.51
CA SER J 196 -3.95 67.06 -24.10
C SER J 196 -5.11 66.58 -23.24
N ARG J 197 -6.35 66.68 -23.73
CA ARG J 197 -7.47 66.14 -22.98
C ARG J 197 -7.33 64.64 -22.78
N PHE J 198 -6.91 63.93 -23.82
CA PHE J 198 -6.65 62.50 -23.68
C PHE J 198 -5.56 62.22 -22.67
N TYR J 199 -4.49 63.02 -22.67
CA TYR J 199 -3.44 62.84 -21.68
C TYR J 199 -3.98 62.97 -20.26
N ILE J 200 -4.76 64.02 -20.01
CA ILE J 200 -5.32 64.24 -18.68
C ILE J 200 -6.18 63.05 -18.27
N ILE J 201 -7.09 62.64 -19.16
CA ILE J 201 -8.06 61.61 -18.82
C ILE J 201 -7.36 60.28 -18.55
N GLN J 202 -6.36 59.92 -19.36
CA GLN J 202 -5.72 58.62 -19.14
C GLN J 202 -4.95 58.62 -17.83
N VAL J 203 -4.37 59.76 -17.44
CA VAL J 203 -3.69 59.84 -16.14
C VAL J 203 -4.70 59.62 -15.02
N VAL J 204 -5.85 60.27 -15.12
CA VAL J 204 -6.89 60.11 -14.11
C VAL J 204 -7.29 58.63 -14.00
N PHE J 205 -7.51 57.99 -15.14
CA PHE J 205 -7.96 56.60 -15.14
C PHE J 205 -6.90 55.67 -14.54
N ARG J 206 -5.63 55.88 -14.91
CA ARG J 206 -4.57 55.05 -14.34
C ARG J 206 -4.50 55.20 -12.83
N ASN J 207 -4.58 56.44 -12.34
CA ASN J 207 -4.59 56.67 -10.89
C ASN J 207 -5.71 55.87 -10.23
N ALA J 208 -6.93 56.01 -10.76
CA ALA J 208 -8.07 55.34 -10.16
C ALA J 208 -7.86 53.82 -10.15
N LEU J 209 -7.41 53.27 -11.28
CA LEU J 209 -7.26 51.83 -11.37
C LEU J 209 -6.23 51.31 -10.38
N GLU J 210 -5.13 52.06 -10.20
CA GLU J 210 -4.08 51.54 -9.32
C GLU J 210 -4.48 51.65 -7.86
N ILE J 211 -5.24 52.70 -7.51
CA ILE J 211 -5.72 52.79 -6.13
C ILE J 211 -6.72 51.68 -5.84
N GLY J 212 -7.62 51.43 -6.80
CA GLY J 212 -8.57 50.34 -6.62
C GLY J 212 -7.88 49.01 -6.45
N PHE J 213 -6.86 48.75 -7.27
CA PHE J 213 -6.18 47.46 -7.19
C PHE J 213 -5.43 47.29 -5.87
N LEU J 214 -4.78 48.35 -5.39
CA LEU J 214 -4.09 48.25 -4.10
C LEU J 214 -5.08 47.97 -2.96
N VAL J 215 -6.21 48.70 -2.96
CA VAL J 215 -7.22 48.45 -1.93
C VAL J 215 -7.73 47.02 -2.01
N GLY J 216 -8.03 46.54 -3.22
CA GLY J 216 -8.50 45.18 -3.36
C GLY J 216 -7.50 44.15 -2.89
N GLN J 217 -6.22 44.36 -3.17
CA GLN J 217 -5.20 43.45 -2.68
C GLN J 217 -5.22 43.39 -1.15
N TYR J 218 -5.24 44.56 -0.50
CA TYR J 218 -5.30 44.60 0.96
C TYR J 218 -6.51 43.87 1.50
N PHE J 219 -7.67 44.05 0.85
CA PHE J 219 -8.89 43.43 1.35
C PHE J 219 -8.96 41.95 1.05
N LEU J 220 -8.30 41.48 -0.01
CA LEU J 220 -8.34 40.06 -0.36
C LEU J 220 -7.36 39.23 0.45
N TYR J 221 -6.13 39.71 0.69
CA TYR J 221 -5.09 38.83 1.20
C TYR J 221 -4.51 39.25 2.55
N GLY J 222 -4.56 40.53 2.90
CA GLY J 222 -3.91 40.99 4.12
C GLY J 222 -2.40 41.08 4.02
N PHE J 223 -1.71 40.75 5.11
CA PHE J 223 -0.26 40.92 5.18
C PHE J 223 0.49 39.64 5.55
N SER J 224 -0.16 38.49 5.63
CA SER J 224 0.54 37.27 5.99
C SER J 224 -0.20 36.05 5.49
N VAL J 225 0.54 34.96 5.36
CA VAL J 225 0.01 33.64 5.00
C VAL J 225 0.34 32.70 6.15
N PRO J 226 -0.64 32.24 6.93
CA PRO J 226 -0.34 31.34 8.04
C PRO J 226 -0.08 29.91 7.57
N GLY J 227 0.64 29.18 8.43
CA GLY J 227 0.98 27.79 8.14
C GLY J 227 -0.12 26.79 8.41
N LEU J 228 -1.06 27.11 9.29
CA LEU J 228 -2.19 26.23 9.56
C LEU J 228 -3.50 26.88 9.11
N TYR J 229 -4.45 26.02 8.73
CA TYR J 229 -5.79 26.46 8.36
C TYR J 229 -6.82 25.48 8.94
N GLU J 230 -7.91 26.03 9.47
CA GLU J 230 -8.97 25.26 10.09
C GLU J 230 -10.18 25.28 9.17
N CYS J 231 -10.67 24.09 8.80
CA CYS J 231 -11.66 23.93 7.75
C CYS J 231 -12.86 23.18 8.30
N ASN J 232 -14.05 23.63 7.92
CA ASN J 232 -15.30 22.99 8.33
C ASN J 232 -16.30 22.93 7.17
N ARG J 233 -15.85 22.55 5.98
CA ARG J 233 -16.72 22.46 4.81
C ARG J 233 -17.00 21.01 4.44
N TYR J 234 -18.24 20.76 4.04
CA TYR J 234 -18.63 19.45 3.54
C TYR J 234 -17.75 19.07 2.35
N PRO J 235 -17.29 17.81 2.26
CA PRO J 235 -17.66 16.64 3.07
C PRO J 235 -16.82 16.44 4.33
N CYS J 236 -16.05 17.43 4.74
CA CYS J 236 -15.29 17.31 5.97
C CYS J 236 -16.25 17.26 7.16
N ILE J 237 -15.99 16.31 8.07
CA ILE J 237 -16.74 16.18 9.31
C ILE J 237 -16.25 17.21 10.32
N LYS J 238 -17.18 17.98 10.88
CA LYS J 238 -16.86 19.09 11.79
C LYS J 238 -15.66 19.89 11.30
N GLU J 239 -14.75 20.28 12.19
CA GLU J 239 -13.58 21.05 11.80
C GLU J 239 -12.32 20.20 11.76
N VAL J 240 -11.52 20.40 10.72
CA VAL J 240 -10.29 19.67 10.46
C VAL J 240 -9.14 20.66 10.32
N GLU J 241 -7.92 20.17 10.50
CA GLU J 241 -6.71 20.99 10.41
C GLU J 241 -5.91 20.61 9.16
N CYS J 242 -5.48 21.62 8.41
CA CYS J 242 -4.72 21.45 7.17
C CYS J 242 -3.45 22.28 7.24
N TYR J 243 -2.49 21.94 6.38
CA TYR J 243 -1.13 22.48 6.45
C TYR J 243 -0.70 23.00 5.09
N VAL J 244 -0.11 24.20 5.08
CA VAL J 244 0.20 24.96 3.87
C VAL J 244 1.66 24.74 3.51
N SER J 245 1.97 24.87 2.23
CA SER J 245 3.33 24.80 1.70
C SER J 245 3.96 26.17 1.53
N ARG J 246 5.23 26.28 1.95
CA ARG J 246 6.04 27.48 1.76
C ARG J 246 5.38 28.79 2.23
N PRO J 247 4.93 28.86 3.48
CA PRO J 247 4.23 30.08 3.92
C PRO J 247 5.15 31.30 4.02
N THR J 248 6.40 31.11 4.44
CA THR J 248 7.31 32.23 4.62
C THR J 248 7.67 32.90 3.31
N GLU J 249 8.00 32.11 2.28
CA GLU J 249 8.31 32.68 0.97
C GLU J 249 7.12 33.47 0.42
N LYS J 250 5.91 32.93 0.59
CA LYS J 250 4.72 33.61 0.10
C LYS J 250 4.47 34.91 0.86
N THR J 251 4.73 34.93 2.17
CA THR J 251 4.64 36.17 2.93
C THR J 251 5.65 37.20 2.43
N VAL J 252 6.88 36.77 2.16
CA VAL J 252 7.89 37.69 1.65
C VAL J 252 7.44 38.29 0.32
N PHE J 253 6.94 37.44 -0.58
CA PHE J 253 6.43 37.93 -1.87
C PHE J 253 5.30 38.93 -1.69
N LEU J 254 4.33 38.61 -0.82
CA LEU J 254 3.24 39.55 -0.51
C LEU J 254 3.79 40.92 -0.09
N VAL J 255 4.71 40.92 0.87
CA VAL J 255 5.21 42.20 1.40
C VAL J 255 5.94 42.97 0.30
N PHE J 256 6.77 42.27 -0.48
CA PHE J 256 7.50 42.92 -1.56
C PHE J 256 6.54 43.57 -2.56
N MET J 257 5.48 42.84 -2.95
CA MET J 257 4.55 43.40 -3.92
C MET J 257 3.82 44.63 -3.36
N PHE J 258 3.44 44.58 -2.09
CA PHE J 258 2.82 45.78 -1.49
C PHE J 258 3.77 46.95 -1.54
N ALA J 259 5.05 46.72 -1.22
CA ALA J 259 6.03 47.80 -1.23
C ALA J 259 6.17 48.38 -2.62
N VAL J 260 6.28 47.53 -3.64
CA VAL J 260 6.43 48.01 -5.02
C VAL J 260 5.20 48.82 -5.43
N SER J 261 4.01 48.33 -5.13
CA SER J 261 2.76 49.00 -5.48
C SER J 261 2.58 50.37 -4.83
N GLY J 262 3.05 50.55 -3.59
CA GLY J 262 2.98 51.88 -2.98
C GLY J 262 3.70 53.00 -3.74
N ILE J 263 4.91 52.73 -4.23
CA ILE J 263 5.65 53.73 -5.00
C ILE J 263 4.85 54.26 -6.18
N CYS J 264 4.22 53.37 -6.96
CA CYS J 264 3.48 53.86 -8.13
C CYS J 264 2.34 54.78 -7.73
N VAL J 265 1.63 54.45 -6.66
CA VAL J 265 0.55 55.32 -6.19
C VAL J 265 1.12 56.68 -5.83
N VAL J 266 2.22 56.70 -5.08
CA VAL J 266 2.82 57.97 -4.68
C VAL J 266 3.20 58.80 -5.90
N LEU J 267 3.86 58.18 -6.88
CA LEU J 267 4.32 58.93 -8.05
C LEU J 267 3.15 59.49 -8.84
N ASN J 268 2.11 58.68 -9.05
CA ASN J 268 0.97 59.16 -9.82
C ASN J 268 0.25 60.28 -9.09
N LEU J 269 0.12 60.21 -7.77
CA LEU J 269 -0.45 61.34 -7.05
C LEU J 269 0.43 62.58 -7.20
N ALA J 270 1.74 62.39 -7.19
CA ALA J 270 2.66 63.50 -7.40
C ALA J 270 2.32 64.23 -8.69
N GLU J 271 2.24 63.47 -9.78
CA GLU J 271 2.03 64.08 -11.09
C GLU J 271 0.63 64.69 -11.18
N LEU J 272 -0.37 63.99 -10.62
CA LEU J 272 -1.73 64.56 -10.57
C LEU J 272 -1.73 65.92 -9.90
N ASN J 273 -1.04 66.05 -8.76
CA ASN J 273 -1.01 67.31 -8.04
C ASN J 273 -0.14 68.37 -8.69
N HIS J 274 0.85 68.00 -9.51
CA HIS J 274 1.61 69.05 -10.17
C HIS J 274 0.73 69.82 -11.15
N LEU J 275 -0.50 69.36 -11.37
CA LEU J 275 -1.45 70.05 -12.23
C LEU J 275 -2.80 70.13 -11.54
N SER K 19 45.72 50.24 -17.51
CA SER K 19 45.31 49.50 -16.32
C SER K 19 43.83 49.73 -16.02
N THR K 20 43.42 50.99 -16.10
CA THR K 20 42.00 51.34 -15.98
C THR K 20 41.23 51.03 -17.25
N MET K 21 41.91 50.83 -18.37
CA MET K 21 41.22 50.49 -19.62
C MET K 21 40.65 49.08 -19.56
N ILE K 22 41.47 48.10 -19.17
CA ILE K 22 41.02 46.71 -19.14
C ILE K 22 40.01 46.43 -18.03
N GLY K 23 40.03 47.24 -16.96
CA GLY K 23 39.13 46.98 -15.84
C GLY K 23 37.67 46.97 -16.24
N ARG K 24 37.27 47.89 -17.13
CA ARG K 24 35.88 47.93 -17.58
C ARG K 24 35.54 46.68 -18.36
N ILE K 25 36.47 46.24 -19.21
CA ILE K 25 36.23 45.06 -20.05
C ILE K 25 36.04 43.85 -19.17
N LEU K 26 36.88 43.71 -18.15
CA LEU K 26 36.78 42.53 -17.29
C LEU K 26 35.55 42.61 -16.39
N LEU K 27 35.15 43.81 -15.97
CA LEU K 27 33.91 43.91 -15.20
C LEU K 27 32.72 43.45 -16.03
N THR K 28 32.66 43.91 -17.29
CA THR K 28 31.57 43.49 -18.17
C THR K 28 31.59 41.98 -18.39
N VAL K 29 32.78 41.40 -18.52
CA VAL K 29 32.86 39.97 -18.79
C VAL K 29 32.43 39.19 -17.56
N VAL K 30 32.82 39.65 -16.37
CA VAL K 30 32.44 38.95 -15.14
C VAL K 30 30.92 39.01 -14.96
N VAL K 31 30.32 40.18 -15.20
CA VAL K 31 28.88 40.32 -15.05
C VAL K 31 28.15 39.36 -16.00
N ILE K 32 28.56 39.34 -17.27
CA ILE K 32 27.89 38.47 -18.23
C ILE K 32 28.09 37.01 -17.85
N PHE K 33 29.29 36.65 -17.40
CA PHE K 33 29.56 35.28 -16.99
C PHE K 33 28.64 34.87 -15.85
N ARG K 34 28.50 35.72 -14.84
CA ARG K 34 27.63 35.41 -13.72
C ARG K 34 26.19 35.20 -14.17
N ILE K 35 25.68 36.12 -15.01
CA ILE K 35 24.31 35.96 -15.49
C ILE K 35 24.14 34.64 -16.23
N LEU K 36 25.09 34.31 -17.12
CA LEU K 36 24.97 33.08 -17.90
C LEU K 36 24.99 31.84 -17.01
N ILE K 37 25.93 31.80 -16.06
CA ILE K 37 26.03 30.64 -15.18
C ILE K 37 24.76 30.46 -14.37
N VAL K 38 24.21 31.56 -13.85
CA VAL K 38 23.00 31.43 -13.03
C VAL K 38 21.82 31.00 -13.90
N ALA K 39 21.70 31.60 -15.09
CA ALA K 39 20.52 31.40 -15.92
C ALA K 39 20.47 30.02 -16.56
N ILE K 40 21.61 29.43 -16.93
CA ILE K 40 21.54 28.22 -17.76
C ILE K 40 21.47 26.93 -16.94
N VAL K 41 22.23 26.80 -15.85
CA VAL K 41 22.30 25.53 -15.15
C VAL K 41 21.67 25.56 -13.76
N GLY K 42 21.74 26.69 -13.05
CA GLY K 42 21.32 26.75 -11.66
C GLY K 42 19.84 26.47 -11.41
N GLU K 43 18.98 26.73 -12.39
CA GLU K 43 17.55 26.48 -12.26
C GLU K 43 17.17 25.00 -12.11
N THR K 44 18.10 24.06 -12.26
CA THR K 44 17.72 22.64 -12.35
C THR K 44 18.35 21.75 -11.29
N VAL K 45 19.30 22.25 -10.49
CA VAL K 45 19.73 21.56 -9.28
C VAL K 45 18.69 21.63 -8.17
N TYR K 46 18.05 22.77 -8.00
CA TYR K 46 17.08 22.99 -6.93
C TYR K 46 15.65 22.59 -7.28
N ASP K 47 15.40 22.13 -8.50
CA ASP K 47 14.04 21.82 -8.92
C ASP K 47 13.35 20.79 -8.02
N ASP K 48 14.06 19.74 -7.61
CA ASP K 48 13.51 18.69 -6.77
C ASP K 48 13.78 18.90 -5.28
N GLU K 49 13.85 20.16 -4.83
CA GLU K 49 14.31 20.42 -3.47
C GLU K 49 13.37 19.86 -2.41
N GLN K 50 12.06 20.02 -2.60
CA GLN K 50 11.09 19.56 -1.61
C GLN K 50 10.53 18.17 -1.86
N THR K 51 10.49 17.72 -3.11
CA THR K 51 9.97 16.39 -3.40
C THR K 51 10.88 15.27 -2.87
N MET K 52 12.18 15.51 -2.79
CA MET K 52 13.11 14.55 -2.21
C MET K 52 13.57 14.91 -0.81
N PHE K 53 12.92 15.85 -0.14
CA PHE K 53 13.16 16.12 1.28
C PHE K 53 12.25 15.22 2.09
N VAL K 54 12.83 14.48 3.04
CA VAL K 54 12.10 13.47 3.81
C VAL K 54 12.57 13.47 5.25
N CYS K 55 11.62 13.24 6.17
CA CYS K 55 11.87 13.18 7.60
C CYS K 55 11.40 11.84 8.15
N ASN K 56 12.05 11.40 9.23
CA ASN K 56 11.72 10.14 9.90
C ASN K 56 10.62 10.40 10.90
N THR K 57 9.38 10.18 10.49
CA THR K 57 8.21 10.55 11.28
C THR K 57 6.98 9.96 10.60
N LEU K 58 5.90 9.86 11.37
CA LEU K 58 4.59 9.46 10.85
C LEU K 58 3.53 10.54 11.04
N GLN K 59 3.92 11.76 11.41
CA GLN K 59 2.96 12.80 11.71
C GLN K 59 2.66 13.59 10.43
N PRO K 60 1.39 13.72 10.03
CA PRO K 60 1.08 14.54 8.86
C PRO K 60 1.33 16.02 9.10
N GLY K 61 1.97 16.66 8.12
CA GLY K 61 2.30 18.06 8.19
C GLY K 61 3.68 18.38 8.72
N CYS K 62 4.45 17.39 9.16
CA CYS K 62 5.75 17.67 9.74
C CYS K 62 6.77 18.04 8.66
N ASN K 63 6.68 17.37 7.51
CA ASN K 63 7.59 17.66 6.40
C ASN K 63 7.48 19.11 5.94
N GLN K 64 6.26 19.62 5.81
CA GLN K 64 6.06 21.01 5.40
C GLN K 64 6.73 21.98 6.37
N ALA K 65 6.43 21.84 7.67
CA ALA K 65 7.01 22.75 8.66
C ALA K 65 8.52 22.66 8.70
N CYS K 66 9.07 21.44 8.64
CA CYS K 66 10.52 21.30 8.76
C CYS K 66 11.24 21.78 7.51
N TYR K 67 10.68 21.52 6.32
CA TYR K 67 11.27 22.11 5.12
C TYR K 67 11.23 23.63 5.17
N ASP K 68 10.11 24.19 5.62
CA ASP K 68 10.01 25.65 5.68
C ASP K 68 11.01 26.24 6.67
N ARG K 69 11.22 25.57 7.81
CA ARG K 69 12.19 26.08 8.77
C ARG K 69 13.63 25.89 8.31
N ALA K 70 13.91 24.81 7.59
CA ALA K 70 15.27 24.58 7.10
C ALA K 70 15.61 25.49 5.93
N PHE K 71 14.67 25.73 5.03
CA PHE K 71 14.91 26.52 3.82
C PHE K 71 13.85 27.61 3.67
N PRO K 72 14.01 28.72 4.40
CA PRO K 72 12.98 29.79 4.33
C PRO K 72 12.91 30.46 2.97
N ILE K 73 14.04 30.85 2.40
CA ILE K 73 14.12 31.34 1.03
C ILE K 73 15.18 30.53 0.29
N SER K 74 14.79 29.95 -0.84
CA SER K 74 15.70 29.14 -1.65
C SER K 74 16.80 30.01 -2.27
N HIS K 75 17.96 29.39 -2.45
CA HIS K 75 19.13 30.11 -2.96
C HIS K 75 18.85 30.79 -4.29
N ILE K 76 18.17 30.09 -5.19
CA ILE K 76 18.00 30.58 -6.56
C ILE K 76 17.14 31.84 -6.59
N ARG K 77 16.13 31.93 -5.72
CA ARG K 77 15.35 33.16 -5.63
C ARG K 77 16.20 34.33 -5.18
N TYR K 78 17.01 34.15 -4.14
CA TYR K 78 17.89 35.22 -3.67
C TYR K 78 18.85 35.66 -4.77
N TRP K 79 19.41 34.71 -5.51
CA TRP K 79 20.38 35.06 -6.54
C TRP K 79 19.71 35.79 -7.70
N VAL K 80 18.53 35.34 -8.13
CA VAL K 80 17.81 36.05 -9.18
C VAL K 80 17.49 37.47 -8.75
N PHE K 81 17.00 37.64 -7.52
CA PHE K 81 16.69 38.98 -7.04
C PHE K 81 17.92 39.88 -7.04
N GLN K 82 19.03 39.36 -6.51
CA GLN K 82 20.27 40.14 -6.49
C GLN K 82 20.71 40.54 -7.90
N ILE K 83 20.69 39.57 -8.82
CA ILE K 83 21.10 39.85 -10.20
C ILE K 83 20.24 40.95 -10.81
N ILE K 84 18.92 40.88 -10.60
CA ILE K 84 18.06 41.90 -11.18
C ILE K 84 18.30 43.26 -10.54
N MET K 85 18.47 43.30 -9.20
CA MET K 85 18.61 44.57 -8.51
C MET K 85 19.95 45.26 -8.78
N VAL K 86 21.01 44.51 -9.08
CA VAL K 86 22.30 45.14 -9.37
C VAL K 86 22.43 45.72 -10.77
N CYS K 87 21.39 45.66 -11.60
CA CYS K 87 21.44 46.21 -12.96
C CYS K 87 20.58 47.46 -13.16
N THR K 88 20.01 48.04 -12.09
CA THR K 88 19.09 49.16 -12.23
C THR K 88 19.76 50.52 -12.52
N PRO K 89 20.89 50.85 -11.89
CA PRO K 89 21.53 52.14 -12.19
C PRO K 89 21.92 52.31 -13.65
N SER K 90 22.40 51.24 -14.30
CA SER K 90 22.70 51.33 -15.73
C SER K 90 21.45 51.65 -16.53
N LEU K 91 20.34 50.99 -16.23
CA LEU K 91 19.09 51.26 -16.94
C LEU K 91 18.65 52.70 -16.74
N CYS K 92 18.78 53.21 -15.51
CA CYS K 92 18.42 54.61 -15.25
C CYS K 92 19.28 55.56 -16.09
N PHE K 93 20.60 55.35 -16.08
CA PHE K 93 21.47 56.22 -16.87
C PHE K 93 21.13 56.16 -18.34
N ILE K 94 20.84 54.96 -18.85
CA ILE K 94 20.51 54.82 -20.27
C ILE K 94 19.23 55.57 -20.60
N THR K 95 18.20 55.41 -19.76
CA THR K 95 16.94 56.09 -20.00
C THR K 95 17.10 57.61 -19.97
N TYR K 96 17.90 58.11 -19.02
CA TYR K 96 18.17 59.54 -18.98
C TYR K 96 18.84 60.00 -20.27
N SER K 97 19.92 59.31 -20.68
CA SER K 97 20.65 59.78 -21.86
C SER K 97 19.77 59.69 -23.10
N VAL K 98 18.93 58.66 -23.19
CA VAL K 98 18.00 58.56 -24.32
C VAL K 98 17.03 59.73 -24.33
N HIS K 99 16.53 60.12 -23.16
CA HIS K 99 15.64 61.28 -23.10
C HIS K 99 16.35 62.57 -23.47
N GLN K 100 17.64 62.69 -23.13
CA GLN K 100 18.36 63.92 -23.44
C GLN K 100 18.38 64.22 -24.93
N SER K 101 18.16 63.21 -25.78
CA SER K 101 18.25 63.41 -27.22
C SER K 101 16.91 63.87 -27.80
N GLY K 194 24.37 67.84 -16.24
CA GLY K 194 25.27 67.27 -15.26
C GLY K 194 25.39 65.76 -15.38
N ILE K 195 25.85 65.30 -16.54
CA ILE K 195 25.97 63.86 -16.77
C ILE K 195 26.99 63.26 -15.82
N SER K 196 28.07 64.00 -15.54
CA SER K 196 29.15 63.46 -14.72
C SER K 196 28.69 63.25 -13.28
N ARG K 197 27.83 64.13 -12.77
CA ARG K 197 27.28 63.91 -11.44
C ARG K 197 26.47 62.62 -11.39
N PHE K 198 25.67 62.36 -12.43
CA PHE K 198 24.94 61.10 -12.49
C PHE K 198 25.87 59.91 -12.54
N TYR K 199 26.97 60.01 -13.30
CA TYR K 199 27.94 58.92 -13.33
C TYR K 199 28.49 58.63 -11.94
N ILE K 200 28.90 59.67 -11.23
CA ILE K 200 29.45 59.49 -9.88
C ILE K 200 28.43 58.80 -8.98
N ILE K 201 27.20 59.33 -8.97
CA ILE K 201 26.19 58.86 -8.05
C ILE K 201 25.83 57.40 -8.33
N GLN K 202 25.68 57.03 -9.61
CA GLN K 202 25.31 55.65 -9.89
C GLN K 202 26.40 54.68 -9.51
N VAL K 203 27.67 55.09 -9.64
CA VAL K 203 28.78 54.24 -9.20
C VAL K 203 28.69 54.03 -7.70
N VAL K 204 28.45 55.11 -6.95
CA VAL K 204 28.32 55.01 -5.50
C VAL K 204 27.21 54.04 -5.13
N PHE K 205 26.06 54.18 -5.79
CA PHE K 205 24.90 53.35 -5.47
C PHE K 205 25.18 51.88 -5.77
N ARG K 206 25.80 51.60 -6.93
CA ARG K 206 26.12 50.22 -7.28
C ARG K 206 27.06 49.61 -6.24
N ASN K 207 28.10 50.35 -5.84
CA ASN K 207 29.00 49.86 -4.82
C ASN K 207 28.24 49.49 -3.55
N ALA K 208 27.40 50.41 -3.07
CA ALA K 208 26.66 50.15 -1.84
C ALA K 208 25.78 48.92 -1.97
N LEU K 209 25.07 48.81 -3.09
CA LEU K 209 24.14 47.69 -3.25
C LEU K 209 24.89 46.36 -3.27
N GLU K 210 26.05 46.31 -3.91
CA GLU K 210 26.75 45.04 -4.03
C GLU K 210 27.38 44.64 -2.70
N ILE K 211 27.85 45.62 -1.92
CA ILE K 211 28.39 45.28 -0.61
C ILE K 211 27.27 44.79 0.30
N GLY K 212 26.12 45.46 0.27
CA GLY K 212 24.99 45.01 1.06
C GLY K 212 24.57 43.60 0.71
N PHE K 213 24.52 43.29 -0.60
CA PHE K 213 24.07 41.97 -1.02
C PHE K 213 25.06 40.89 -0.60
N LEU K 214 26.36 41.16 -0.72
CA LEU K 214 27.34 40.17 -0.28
C LEU K 214 27.24 39.91 1.23
N VAL K 215 27.12 40.97 2.02
CA VAL K 215 26.97 40.80 3.46
C VAL K 215 25.70 40.00 3.77
N GLY K 216 24.59 40.33 3.11
CA GLY K 216 23.37 39.60 3.36
C GLY K 216 23.48 38.13 2.99
N GLN K 217 24.15 37.81 1.89
CA GLN K 217 24.36 36.41 1.53
C GLN K 217 25.12 35.68 2.63
N TYR K 218 26.22 36.28 3.11
CA TYR K 218 26.99 35.66 4.17
C TYR K 218 26.15 35.44 5.42
N PHE K 219 25.31 36.41 5.78
CA PHE K 219 24.51 36.29 6.99
C PHE K 219 23.34 35.35 6.83
N LEU K 220 22.83 35.16 5.62
CA LEU K 220 21.69 34.28 5.40
C LEU K 220 22.09 32.82 5.29
N TYR K 221 23.19 32.50 4.60
CA TYR K 221 23.45 31.11 4.24
C TYR K 221 24.74 30.53 4.79
N GLY K 222 25.75 31.36 5.07
CA GLY K 222 27.04 30.84 5.48
C GLY K 222 27.86 30.24 4.34
N PHE K 223 28.59 29.16 4.64
CA PHE K 223 29.51 28.58 3.66
C PHE K 223 29.28 27.09 3.41
N SER K 224 28.20 26.50 3.94
CA SER K 224 27.97 25.08 3.71
C SER K 224 26.50 24.74 3.86
N VAL K 225 26.11 23.62 3.25
CA VAL K 225 24.78 23.05 3.39
C VAL K 225 24.95 21.66 3.98
N PRO K 226 24.53 21.42 5.23
CA PRO K 226 24.69 20.08 5.81
C PRO K 226 23.65 19.10 5.30
N GLY K 227 24.00 17.82 5.41
CA GLY K 227 23.12 16.74 4.97
C GLY K 227 22.01 16.39 5.94
N LEU K 228 22.18 16.67 7.22
CA LEU K 228 21.15 16.42 8.22
C LEU K 228 20.64 17.72 8.82
N TYR K 229 19.37 17.70 9.22
CA TYR K 229 18.74 18.83 9.89
C TYR K 229 17.86 18.31 11.03
N GLU K 230 17.93 18.99 12.17
CA GLU K 230 17.18 18.63 13.36
C GLU K 230 16.05 19.63 13.56
N CYS K 231 14.82 19.13 13.65
CA CYS K 231 13.62 19.96 13.59
C CYS K 231 12.78 19.71 14.83
N ASN K 232 12.23 20.78 15.40
CA ASN K 232 11.36 20.71 16.57
C ASN K 232 10.17 21.67 16.44
N ARG K 233 9.54 21.71 15.28
CA ARG K 233 8.39 22.59 15.06
C ARG K 233 7.09 21.79 15.00
N TYR K 234 6.05 22.38 15.59
CA TYR K 234 4.72 21.80 15.52
C TYR K 234 4.30 21.65 14.06
N PRO K 235 3.67 20.52 13.68
CA PRO K 235 3.14 19.44 14.51
C PRO K 235 4.12 18.31 14.82
N CYS K 236 5.40 18.52 14.57
CA CYS K 236 6.39 17.49 14.91
C CYS K 236 6.48 17.35 16.42
N ILE K 237 6.47 16.12 16.90
CA ILE K 237 6.65 15.81 18.32
C ILE K 237 8.12 15.87 18.68
N LYS K 238 8.43 16.65 19.73
CA LYS K 238 9.80 16.90 20.14
C LYS K 238 10.72 17.18 18.95
N GLU K 239 11.93 16.62 18.94
CA GLU K 239 12.85 16.84 17.83
C GLU K 239 12.95 15.62 16.93
N VAL K 240 12.95 15.88 15.62
CA VAL K 240 12.99 14.87 14.57
C VAL K 240 14.19 15.14 13.67
N GLU K 241 14.60 14.11 12.94
CA GLU K 241 15.74 14.20 12.02
C GLU K 241 15.26 14.10 10.57
N CYS K 242 15.75 15.01 9.73
CA CYS K 242 15.39 15.09 8.32
C CYS K 242 16.65 15.09 7.47
N TYR K 243 16.48 14.78 6.19
CA TYR K 243 17.59 14.51 5.28
C TYR K 243 17.45 15.32 4.00
N VAL K 244 18.54 15.96 3.58
CA VAL K 244 18.56 16.93 2.49
C VAL K 244 19.02 16.25 1.21
N SER K 245 18.58 16.79 0.08
CA SER K 245 18.98 16.34 -1.25
C SER K 245 20.13 17.15 -1.82
N ARG K 246 21.10 16.46 -2.41
CA ARG K 246 22.22 17.06 -3.12
C ARG K 246 22.97 18.14 -2.34
N PRO K 247 23.46 17.83 -1.13
CA PRO K 247 24.12 18.88 -0.33
C PRO K 247 25.45 19.32 -0.91
N THR K 248 26.23 18.39 -1.49
CA THR K 248 27.55 18.73 -2.00
C THR K 248 27.48 19.67 -3.19
N GLU K 249 26.59 19.39 -4.15
CA GLU K 249 26.43 20.27 -5.30
C GLU K 249 26.02 21.67 -4.87
N LYS K 250 25.12 21.77 -3.89
CA LYS K 250 24.67 23.07 -3.41
C LYS K 250 25.79 23.81 -2.69
N THR K 251 26.63 23.10 -1.95
CA THR K 251 27.81 23.72 -1.35
C THR K 251 28.76 24.26 -2.42
N VAL K 252 28.99 23.48 -3.47
CA VAL K 252 29.86 23.94 -4.55
C VAL K 252 29.31 25.21 -5.19
N PHE K 253 28.01 25.22 -5.47
CA PHE K 253 27.37 26.41 -6.04
C PHE K 253 27.51 27.62 -5.11
N LEU K 254 27.25 27.44 -3.82
CA LEU K 254 27.46 28.51 -2.84
C LEU K 254 28.87 29.09 -2.93
N VAL K 255 29.88 28.22 -2.89
CA VAL K 255 31.26 28.71 -2.87
C VAL K 255 31.57 29.44 -4.17
N PHE K 256 31.15 28.88 -5.30
CA PHE K 256 31.38 29.53 -6.59
C PHE K 256 30.78 30.93 -6.63
N MET K 257 29.53 31.06 -6.16
CA MET K 257 28.87 32.36 -6.20
C MET K 257 29.58 33.37 -5.30
N PHE K 258 30.03 32.94 -4.12
CA PHE K 258 30.80 33.85 -3.27
C PHE K 258 32.06 34.31 -3.98
N ALA K 259 32.75 33.39 -4.64
CA ALA K 259 33.98 33.74 -5.35
C ALA K 259 33.70 34.77 -6.43
N VAL K 260 32.66 34.53 -7.25
CA VAL K 260 32.32 35.46 -8.32
C VAL K 260 31.99 36.83 -7.76
N SER K 261 31.18 36.89 -6.71
CA SER K 261 30.77 38.14 -6.09
C SER K 261 31.92 38.96 -5.50
N GLY K 262 32.94 38.31 -4.95
CA GLY K 262 34.11 39.06 -4.47
C GLY K 262 34.82 39.91 -5.53
N ILE K 263 35.03 39.37 -6.72
CA ILE K 263 35.68 40.12 -7.79
C ILE K 263 34.97 41.44 -8.08
N CYS K 264 33.63 41.43 -8.19
CA CYS K 264 32.94 42.67 -8.50
C CYS K 264 33.15 43.73 -7.42
N VAL K 265 33.12 43.32 -6.15
CA VAL K 265 33.36 44.26 -5.07
C VAL K 265 34.75 44.87 -5.22
N VAL K 266 35.75 44.02 -5.47
CA VAL K 266 37.12 44.50 -5.61
C VAL K 266 37.22 45.52 -6.74
N LEU K 267 36.65 45.19 -7.90
CA LEU K 267 36.76 46.06 -9.06
C LEU K 267 36.08 47.40 -8.81
N ASN K 268 34.89 47.38 -8.22
CA ASN K 268 34.19 48.63 -7.96
C ASN K 268 34.91 49.49 -6.95
N LEU K 269 35.51 48.88 -5.91
CA LEU K 269 36.33 49.68 -5.01
C LEU K 269 37.54 50.26 -5.74
N ALA K 270 38.12 49.49 -6.65
CA ALA K 270 39.23 49.99 -7.45
C ALA K 270 38.84 51.30 -8.13
N GLU K 271 37.72 51.27 -8.85
CA GLU K 271 37.31 52.42 -9.64
C GLU K 271 36.91 53.58 -8.72
N LEU K 272 36.22 53.27 -7.62
CA LEU K 272 35.90 54.31 -6.64
C LEU K 272 37.14 55.03 -6.16
N ASN K 273 38.20 54.28 -5.84
CA ASN K 273 39.44 54.89 -5.35
C ASN K 273 40.25 55.57 -6.43
N HIS K 274 40.09 55.20 -7.70
CA HIS K 274 40.83 55.94 -8.71
C HIS K 274 40.35 57.39 -8.80
N LEU K 275 39.28 57.72 -8.09
CA LEU K 275 38.76 59.08 -8.04
C LEU K 275 38.46 59.47 -6.60
N SER L 19 48.14 24.38 -44.82
CA SER L 19 48.07 23.47 -43.68
C SER L 19 47.60 24.20 -42.44
N THR L 20 48.16 25.39 -42.20
CA THR L 20 47.69 26.25 -41.13
C THR L 20 46.39 26.97 -41.48
N MET L 21 46.03 27.02 -42.77
CA MET L 21 44.78 27.65 -43.17
C MET L 21 43.58 26.84 -42.71
N ILE L 22 43.58 25.54 -43.01
CA ILE L 22 42.44 24.67 -42.67
C ILE L 22 42.31 24.45 -41.17
N GLY L 23 43.41 24.54 -40.42
CA GLY L 23 43.36 24.25 -38.99
C GLY L 23 42.36 25.13 -38.25
N ARG L 24 42.29 26.41 -38.60
CA ARG L 24 41.34 27.30 -37.95
C ARG L 24 39.91 26.87 -38.27
N ILE L 25 39.66 26.50 -39.51
CA ILE L 25 38.32 26.11 -39.94
C ILE L 25 37.89 24.88 -39.18
N LEU L 26 38.80 23.91 -39.04
CA LEU L 26 38.43 22.68 -38.35
C LEU L 26 38.29 22.90 -36.85
N LEU L 27 39.08 23.81 -36.27
CA LEU L 27 38.91 24.11 -34.86
C LEU L 27 37.52 24.71 -34.61
N THR L 28 37.12 25.65 -35.46
CA THR L 28 35.80 26.25 -35.32
C THR L 28 34.70 25.21 -35.48
N VAL L 29 34.87 24.27 -36.41
CA VAL L 29 33.84 23.28 -36.64
C VAL L 29 33.75 22.32 -35.46
N VAL L 30 34.90 21.94 -34.90
CA VAL L 30 34.88 21.04 -33.74
C VAL L 30 34.21 21.71 -32.55
N VAL L 31 34.54 22.98 -32.32
CA VAL L 31 33.93 23.70 -31.19
C VAL L 31 32.41 23.76 -31.35
N ILE L 32 31.95 24.12 -32.55
CA ILE L 32 30.51 24.23 -32.75
C ILE L 32 29.85 22.86 -32.61
N PHE L 33 30.50 21.82 -33.14
CA PHE L 33 29.96 20.47 -33.03
C PHE L 33 29.79 20.06 -31.58
N ARG L 34 30.81 20.31 -30.75
CA ARG L 34 30.75 19.97 -29.34
C ARG L 34 29.59 20.70 -28.66
N ILE L 35 29.48 22.02 -28.90
CA ILE L 35 28.39 22.76 -28.28
C ILE L 35 27.04 22.19 -28.68
N LEU L 36 26.86 21.90 -29.98
CA LEU L 36 25.57 21.39 -30.44
C LEU L 36 25.24 20.04 -29.82
N ILE L 37 26.22 19.13 -29.80
CA ILE L 37 25.98 17.80 -29.24
C ILE L 37 25.62 17.89 -27.76
N VAL L 38 26.31 18.75 -27.01
CA VAL L 38 26.02 18.84 -25.59
C VAL L 38 24.65 19.47 -25.37
N ALA L 39 24.35 20.52 -26.14
CA ALA L 39 23.14 21.31 -25.90
C ALA L 39 21.86 20.59 -26.31
N ILE L 40 21.89 19.78 -27.37
CA ILE L 40 20.62 19.28 -27.91
C ILE L 40 20.18 17.96 -27.27
N VAL L 41 21.06 17.00 -27.03
CA VAL L 41 20.64 15.69 -26.57
C VAL L 41 21.07 15.38 -25.13
N GLY L 42 22.22 15.87 -24.70
CA GLY L 42 22.77 15.47 -23.40
C GLY L 42 21.93 15.84 -22.19
N GLU L 43 21.13 16.90 -22.28
CA GLU L 43 20.27 17.31 -21.19
C GLU L 43 19.17 16.31 -20.80
N THR L 44 18.96 15.24 -21.55
CA THR L 44 17.79 14.39 -21.34
C THR L 44 18.10 12.93 -21.03
N VAL L 45 19.37 12.50 -21.13
CA VAL L 45 19.78 11.21 -20.58
C VAL L 45 19.86 11.25 -19.05
N TYR L 46 20.36 12.34 -18.48
CA TYR L 46 20.56 12.47 -17.04
C TYR L 46 19.34 12.99 -16.29
N ASP L 47 18.25 13.33 -16.98
CA ASP L 47 17.10 13.93 -16.32
C ASP L 47 16.54 13.06 -15.19
N ASP L 48 16.44 11.75 -15.39
CA ASP L 48 15.90 10.83 -14.39
C ASP L 48 16.98 10.19 -13.52
N GLU L 49 18.08 10.89 -13.26
CA GLU L 49 19.23 10.25 -12.62
C GLU L 49 18.91 9.77 -11.21
N GLN L 50 18.23 10.60 -10.42
CA GLN L 50 17.93 10.27 -9.03
C GLN L 50 16.59 9.58 -8.81
N THR L 51 15.60 9.83 -9.67
CA THR L 51 14.29 9.21 -9.50
C THR L 51 14.32 7.71 -9.75
N MET L 52 15.23 7.23 -10.61
CA MET L 52 15.40 5.80 -10.85
C MET L 52 16.63 5.21 -10.18
N PHE L 53 17.24 5.93 -9.24
CA PHE L 53 18.31 5.37 -8.41
C PHE L 53 17.66 4.73 -7.19
N VAL L 54 17.99 3.47 -6.93
CA VAL L 54 17.35 2.70 -5.86
C VAL L 54 18.37 1.83 -5.15
N CYS L 55 18.20 1.67 -3.84
CA CYS L 55 19.04 0.86 -2.99
C CYS L 55 18.21 -0.19 -2.26
N ASN L 56 18.84 -1.32 -1.95
CA ASN L 56 18.19 -2.42 -1.24
C ASN L 56 18.31 -2.17 0.25
N THR L 57 17.28 -1.56 0.83
CA THR L 57 17.32 -1.10 2.21
C THR L 57 15.91 -0.64 2.60
N LEU L 58 15.68 -0.56 3.91
CA LEU L 58 14.44 -0.02 4.46
C LEU L 58 14.68 1.20 5.33
N GLN L 59 15.89 1.78 5.31
CA GLN L 59 16.23 2.88 6.19
C GLN L 59 15.90 4.19 5.50
N PRO L 60 15.10 5.07 6.10
CA PRO L 60 14.85 6.38 5.47
C PRO L 60 16.09 7.26 5.46
N GLY L 61 16.32 7.89 4.31
CA GLY L 61 17.46 8.77 4.13
C GLY L 61 18.69 8.12 3.54
N CYS L 62 18.68 6.80 3.31
CA CYS L 62 19.88 6.13 2.80
C CYS L 62 20.08 6.43 1.32
N ASN L 63 18.98 6.49 0.57
CA ASN L 63 19.08 6.79 -0.86
C ASN L 63 19.71 8.15 -1.12
N GLN L 64 19.33 9.16 -0.35
CA GLN L 64 19.92 10.49 -0.52
C GLN L 64 21.43 10.47 -0.30
N ALA L 65 21.87 9.91 0.83
CA ALA L 65 23.30 9.87 1.13
C ALA L 65 24.08 9.07 0.10
N CYS L 66 23.54 7.92 -0.32
CA CYS L 66 24.28 7.08 -1.25
C CYS L 66 24.31 7.67 -2.65
N TYR L 67 23.22 8.28 -3.11
CA TYR L 67 23.28 9.00 -4.38
C TYR L 67 24.29 10.14 -4.32
N ASP L 68 24.30 10.89 -3.22
CA ASP L 68 25.22 12.01 -3.11
C ASP L 68 26.67 11.53 -3.11
N ARG L 69 26.96 10.41 -2.45
CA ARG L 69 28.33 9.89 -2.44
C ARG L 69 28.72 9.28 -3.78
N ALA L 70 27.77 8.66 -4.49
CA ALA L 70 28.09 8.07 -5.79
C ALA L 70 28.24 9.13 -6.88
N PHE L 71 27.42 10.17 -6.84
CA PHE L 71 27.43 11.22 -7.88
C PHE L 71 27.51 12.60 -7.24
N PRO L 72 28.70 13.03 -6.84
CA PRO L 72 28.82 14.34 -6.18
C PRO L 72 28.50 15.51 -7.10
N ILE L 73 29.06 15.54 -8.30
CA ILE L 73 28.69 16.50 -9.34
C ILE L 73 28.33 15.73 -10.60
N SER L 74 27.14 15.99 -11.13
CA SER L 74 26.68 15.32 -12.34
C SER L 74 27.50 15.75 -13.56
N HIS L 75 27.61 14.81 -14.50
CA HIS L 75 28.44 15.04 -15.69
C HIS L 75 28.02 16.29 -16.43
N ILE L 76 26.72 16.50 -16.61
CA ILE L 76 26.24 17.58 -17.46
C ILE L 76 26.59 18.95 -16.88
N ARG L 77 26.58 19.09 -15.55
CA ARG L 77 27.01 20.34 -14.94
C ARG L 77 28.48 20.63 -15.23
N TYR L 78 29.34 19.62 -15.06
CA TYR L 78 30.76 19.79 -15.36
C TYR L 78 30.98 20.19 -16.80
N TRP L 79 30.26 19.54 -17.72
CA TRP L 79 30.46 19.83 -19.14
C TRP L 79 29.96 21.22 -19.51
N VAL L 80 28.81 21.64 -18.98
CA VAL L 80 28.33 22.99 -19.22
C VAL L 80 29.33 24.02 -18.70
N PHE L 81 29.83 23.81 -17.48
CA PHE L 81 30.80 24.75 -16.92
C PHE L 81 32.04 24.84 -17.78
N GLN L 82 32.59 23.69 -18.20
CA GLN L 82 33.77 23.69 -19.05
C GLN L 82 33.52 24.42 -20.37
N ILE L 83 32.38 24.13 -21.01
CA ILE L 83 32.04 24.78 -22.27
C ILE L 83 32.00 26.29 -22.10
N ILE L 84 31.36 26.77 -21.04
CA ILE L 84 31.25 28.21 -20.85
C ILE L 84 32.62 28.83 -20.56
N MET L 85 33.44 28.16 -19.74
CA MET L 85 34.71 28.73 -19.34
C MET L 85 35.74 28.75 -20.48
N VAL L 86 35.65 27.82 -21.44
CA VAL L 86 36.60 27.81 -22.56
C VAL L 86 36.31 28.83 -23.64
N CYS L 87 35.27 29.67 -23.50
CA CYS L 87 34.94 30.68 -24.51
C CYS L 87 35.20 32.12 -24.05
N THR L 88 35.85 32.32 -22.90
CA THR L 88 36.03 33.67 -22.35
C THR L 88 37.12 34.51 -23.04
N PRO L 89 38.28 33.94 -23.38
CA PRO L 89 39.29 34.76 -24.06
C PRO L 89 38.83 35.37 -25.37
N SER L 90 38.05 34.63 -26.17
CA SER L 90 37.51 35.21 -27.40
C SER L 90 36.62 36.41 -27.08
N LEU L 91 35.76 36.30 -26.08
CA LEU L 91 34.89 37.41 -25.72
C LEU L 91 35.71 38.62 -25.27
N CYS L 92 36.77 38.38 -24.49
CA CYS L 92 37.63 39.48 -24.06
C CYS L 92 38.28 40.18 -25.26
N PHE L 93 38.84 39.40 -26.18
CA PHE L 93 39.46 40.00 -27.36
C PHE L 93 38.46 40.79 -28.18
N ILE L 94 37.24 40.27 -28.32
CA ILE L 94 36.22 40.96 -29.11
C ILE L 94 35.85 42.28 -28.44
N THR L 95 35.66 42.26 -27.12
CA THR L 95 35.29 43.48 -26.41
C THR L 95 36.39 44.53 -26.51
N TYR L 96 37.65 44.10 -26.39
CA TYR L 96 38.76 45.03 -26.57
C TYR L 96 38.74 45.65 -27.96
N SER L 97 38.64 44.82 -29.00
CA SER L 97 38.71 45.35 -30.35
C SER L 97 37.52 46.28 -30.63
N VAL L 98 36.34 45.95 -30.08
CA VAL L 98 35.18 46.82 -30.24
C VAL L 98 35.42 48.16 -29.57
N HIS L 99 36.05 48.15 -28.39
CA HIS L 99 36.36 49.42 -27.72
C HIS L 99 37.39 50.23 -28.50
N GLN L 100 38.33 49.56 -29.16
CA GLN L 100 39.36 50.27 -29.90
C GLN L 100 38.78 51.18 -30.98
N SER L 101 37.55 50.93 -31.42
CA SER L 101 36.96 51.69 -32.51
C SER L 101 36.24 52.93 -31.98
N GLY L 194 48.98 47.10 -29.02
CA GLY L 194 49.61 45.81 -28.94
C GLY L 194 48.62 44.66 -29.10
N ILE L 195 47.94 44.64 -30.24
CA ILE L 195 46.94 43.60 -30.49
C ILE L 195 47.60 42.23 -30.53
N SER L 196 48.80 42.15 -31.10
CA SER L 196 49.47 40.85 -31.26
C SER L 196 49.84 40.26 -29.91
N ARG L 197 50.24 41.08 -28.95
CA ARG L 197 50.50 40.56 -27.62
C ARG L 197 49.24 39.96 -27.00
N PHE L 198 48.10 40.61 -27.18
CA PHE L 198 46.85 40.04 -26.71
C PHE L 198 46.53 38.72 -27.39
N TYR L 199 46.79 38.63 -28.71
CA TYR L 199 46.58 37.36 -29.41
C TYR L 199 47.41 36.26 -28.80
N ILE L 200 48.70 36.51 -28.59
CA ILE L 200 49.58 35.50 -28.01
C ILE L 200 49.07 35.05 -26.65
N ILE L 201 48.76 36.02 -25.79
CA ILE L 201 48.40 35.72 -24.41
C ILE L 201 47.10 34.92 -24.36
N GLN L 202 46.11 35.30 -25.16
CA GLN L 202 44.84 34.57 -25.09
C GLN L 202 45.00 33.13 -25.58
N VAL L 203 45.87 32.91 -26.56
CA VAL L 203 46.14 31.55 -27.03
C VAL L 203 46.75 30.74 -25.89
N VAL L 204 47.73 31.33 -25.20
CA VAL L 204 48.37 30.65 -24.08
C VAL L 204 47.33 30.27 -23.03
N PHE L 205 46.46 31.23 -22.69
CA PHE L 205 45.47 30.98 -21.64
C PHE L 205 44.48 29.90 -22.05
N ARG L 206 44.03 29.92 -23.31
CA ARG L 206 43.10 28.89 -23.77
C ARG L 206 43.75 27.51 -23.69
N ASN L 207 45.00 27.40 -24.14
CA ASN L 207 45.71 26.14 -24.04
C ASN L 207 45.73 25.63 -22.60
N ALA L 208 46.14 26.50 -21.67
CA ALA L 208 46.24 26.09 -20.28
C ALA L 208 44.88 25.63 -19.75
N LEU L 209 43.84 26.39 -20.05
CA LEU L 209 42.52 26.07 -19.50
C LEU L 209 42.03 24.72 -20.03
N GLU L 210 42.29 24.44 -21.31
CA GLU L 210 41.76 23.20 -21.87
C GLU L 210 42.55 21.99 -21.37
N ILE L 211 43.85 22.16 -21.15
CA ILE L 211 44.61 21.04 -20.60
C ILE L 211 44.17 20.77 -19.16
N GLY L 212 43.98 21.85 -18.39
CA GLY L 212 43.50 21.67 -17.02
C GLY L 212 42.17 20.97 -16.97
N PHE L 213 41.24 21.35 -17.86
CA PHE L 213 39.91 20.76 -17.83
C PHE L 213 39.95 19.29 -18.23
N LEU L 214 40.76 18.94 -19.22
CA LEU L 214 40.87 17.53 -19.60
C LEU L 214 41.44 16.69 -18.46
N VAL L 215 42.50 17.19 -17.82
CA VAL L 215 43.06 16.46 -16.68
C VAL L 215 42.04 16.31 -15.57
N GLY L 216 41.30 17.38 -15.26
CA GLY L 216 40.29 17.30 -14.22
C GLY L 216 39.20 16.31 -14.54
N GLN L 217 38.76 16.26 -15.80
CA GLN L 217 37.77 15.27 -16.20
C GLN L 217 38.27 13.86 -15.94
N TYR L 218 39.50 13.58 -16.38
CA TYR L 218 40.08 12.25 -16.16
C TYR L 218 40.15 11.90 -14.68
N PHE L 219 40.53 12.88 -13.85
CA PHE L 219 40.67 12.60 -12.41
C PHE L 219 39.33 12.51 -11.70
N LEU L 220 38.30 13.17 -12.21
CA LEU L 220 36.99 13.14 -11.56
C LEU L 220 36.19 11.90 -11.91
N TYR L 221 36.19 11.46 -13.18
CA TYR L 221 35.23 10.45 -13.61
C TYR L 221 35.84 9.16 -14.11
N GLY L 222 37.07 9.18 -14.63
CA GLY L 222 37.63 7.99 -15.24
C GLY L 222 37.07 7.68 -16.62
N PHE L 223 36.90 6.39 -16.92
CA PHE L 223 36.49 5.96 -18.26
C PHE L 223 35.26 5.07 -18.27
N SER L 224 34.58 4.88 -17.14
CA SER L 224 33.40 4.03 -17.13
C SER L 224 32.47 4.40 -15.98
N VAL L 225 31.21 4.02 -16.14
CA VAL L 225 30.19 4.15 -15.11
C VAL L 225 29.68 2.75 -14.79
N PRO L 226 29.97 2.19 -13.61
CA PRO L 226 29.48 0.84 -13.30
C PRO L 226 28.01 0.84 -12.93
N GLY L 227 27.40 -0.35 -13.09
CA GLY L 227 26.01 -0.55 -12.78
C GLY L 227 25.69 -0.74 -11.31
N LEU L 228 26.64 -1.20 -10.52
CA LEU L 228 26.46 -1.36 -9.08
C LEU L 228 27.36 -0.41 -8.31
N TYR L 229 26.89 -0.01 -7.13
CA TYR L 229 27.65 0.82 -6.22
C TYR L 229 27.44 0.33 -4.79
N GLU L 230 28.53 0.29 -4.02
CA GLU L 230 28.53 -0.18 -2.64
C GLU L 230 28.68 1.02 -1.72
N CYS L 231 27.75 1.18 -0.79
CA CYS L 231 27.62 2.39 0.01
C CYS L 231 27.67 2.03 1.48
N ASN L 232 28.38 2.84 2.27
CA ASN L 232 28.49 2.65 3.71
C ASN L 232 28.42 3.99 4.45
N ARG L 233 27.49 4.85 4.07
CA ARG L 233 27.34 6.15 4.72
C ARG L 233 26.09 6.20 5.59
N TYR L 234 26.23 6.85 6.73
CA TYR L 234 25.11 7.08 7.62
C TYR L 234 24.00 7.83 6.87
N PRO L 235 22.72 7.46 7.06
CA PRO L 235 22.17 6.50 8.04
C PRO L 235 22.12 5.06 7.57
N CYS L 236 22.80 4.71 6.49
CA CYS L 236 22.84 3.33 6.04
C CYS L 236 23.60 2.48 7.06
N ILE L 237 23.03 1.34 7.41
CA ILE L 237 23.68 0.37 8.30
C ILE L 237 24.70 -0.44 7.52
N LYS L 238 25.94 -0.48 8.04
CA LYS L 238 27.06 -1.12 7.38
C LYS L 238 27.09 -0.81 5.87
N GLU L 239 27.38 -1.78 5.03
CA GLU L 239 27.42 -1.54 3.59
C GLU L 239 26.19 -2.10 2.87
N VAL L 240 25.66 -1.30 1.95
CA VAL L 240 24.46 -1.60 1.18
C VAL L 240 24.80 -1.54 -0.30
N GLU L 241 23.96 -2.19 -1.12
CA GLU L 241 24.13 -2.23 -2.57
C GLU L 241 23.05 -1.41 -3.26
N CYS L 242 23.46 -0.57 -4.21
CA CYS L 242 22.57 0.31 -4.95
C CYS L 242 22.79 0.11 -6.45
N TYR L 243 21.81 0.54 -7.24
CA TYR L 243 21.74 0.23 -8.67
C TYR L 243 21.52 1.50 -9.48
N VAL L 244 22.31 1.65 -10.56
CA VAL L 244 22.37 2.88 -11.34
C VAL L 244 21.49 2.74 -12.57
N SER L 245 21.01 3.87 -13.08
CA SER L 245 20.22 3.95 -14.31
C SER L 245 21.07 4.28 -15.52
N ARG L 246 20.80 3.58 -16.61
CA ARG L 246 21.43 3.83 -17.92
C ARG L 246 22.96 3.93 -17.88
N PRO L 247 23.65 2.91 -17.36
CA PRO L 247 25.11 3.03 -17.27
C PRO L 247 25.82 3.00 -18.62
N THR L 248 25.31 2.20 -19.56
CA THR L 248 25.96 2.06 -20.86
C THR L 248 25.91 3.36 -21.68
N GLU L 249 24.74 4.00 -21.73
CA GLU L 249 24.63 5.27 -22.44
C GLU L 249 25.57 6.32 -21.84
N LYS L 250 25.66 6.36 -20.52
CA LYS L 250 26.53 7.33 -19.86
C LYS L 250 28.00 7.04 -20.14
N THR L 251 28.38 5.76 -20.21
CA THR L 251 29.74 5.42 -20.61
C THR L 251 30.03 5.86 -22.04
N VAL L 252 29.08 5.64 -22.94
CA VAL L 252 29.26 6.07 -24.33
C VAL L 252 29.47 7.58 -24.40
N PHE L 253 28.63 8.34 -23.69
CA PHE L 253 28.78 9.79 -23.66
C PHE L 253 30.14 10.21 -23.10
N LEU L 254 30.57 9.60 -21.99
CA LEU L 254 31.89 9.86 -21.45
C LEU L 254 32.99 9.68 -22.50
N VAL L 255 32.98 8.54 -23.18
CA VAL L 255 34.04 8.24 -24.14
C VAL L 255 34.00 9.24 -25.29
N PHE L 256 32.81 9.54 -25.79
CA PHE L 256 32.68 10.51 -26.87
C PHE L 256 33.25 11.87 -26.48
N MET L 257 32.91 12.34 -25.27
CA MET L 257 33.40 13.64 -24.85
C MET L 257 34.92 13.65 -24.71
N PHE L 258 35.51 12.58 -24.18
CA PHE L 258 36.96 12.51 -24.12
C PHE L 258 37.57 12.60 -25.52
N ALA L 259 36.97 11.88 -26.47
CA ALA L 259 37.48 11.89 -27.84
C ALA L 259 37.44 13.29 -28.43
N VAL L 260 36.30 13.97 -28.26
CA VAL L 260 36.15 15.32 -28.79
C VAL L 260 37.17 16.26 -28.17
N SER L 261 37.34 16.19 -26.85
CA SER L 261 38.28 17.05 -26.12
C SER L 261 39.74 16.86 -26.52
N GLY L 262 40.15 15.64 -26.86
CA GLY L 262 41.52 15.43 -27.33
C GLY L 262 41.91 16.22 -28.58
N ILE L 263 41.02 16.26 -29.59
CA ILE L 263 41.29 17.02 -30.81
C ILE L 263 41.63 18.48 -30.51
N CYS L 264 40.86 19.15 -29.66
CA CYS L 264 41.13 20.55 -29.40
C CYS L 264 42.51 20.76 -28.79
N VAL L 265 42.90 19.88 -27.85
CA VAL L 265 44.23 19.98 -27.26
C VAL L 265 45.29 19.86 -28.34
N VAL L 266 45.12 18.85 -29.22
CA VAL L 266 46.10 18.64 -30.27
C VAL L 266 46.22 19.88 -31.16
N LEU L 267 45.08 20.43 -31.58
CA LEU L 267 45.10 21.57 -32.49
C LEU L 267 45.76 22.79 -31.85
N ASN L 268 45.42 23.05 -30.59
CA ASN L 268 45.99 24.21 -29.92
C ASN L 268 47.49 24.04 -29.71
N LEU L 269 47.96 22.83 -29.39
CA LEU L 269 49.40 22.63 -29.32
C LEU L 269 50.04 22.84 -30.69
N ALA L 270 49.36 22.40 -31.75
CA ALA L 270 49.86 22.64 -33.11
C ALA L 270 50.14 24.11 -33.32
N GLU L 271 49.15 24.94 -33.04
CA GLU L 271 49.28 26.37 -33.32
C GLU L 271 50.30 27.01 -32.39
N LEU L 272 50.32 26.59 -31.13
CA LEU L 272 51.34 27.08 -30.20
C LEU L 272 52.75 26.82 -30.75
N ASN L 273 52.99 25.60 -31.25
CA ASN L 273 54.30 25.25 -31.77
C ASN L 273 54.61 25.89 -33.12
N HIS L 274 53.61 26.26 -33.91
CA HIS L 274 53.96 26.94 -35.17
C HIS L 274 54.61 28.29 -34.89
N LEU L 275 54.62 28.72 -33.63
CA LEU L 275 55.27 29.97 -33.24
C LEU L 275 56.13 29.74 -32.00
C32 MC3 M . 27.08 -1.41 -27.39
C33 MC3 M . 26.60 -0.05 -27.81
C34 MC3 M . 27.52 0.60 -28.82
C35 MC3 M . 26.89 1.89 -29.29
C36 MC3 M . 27.66 2.70 -30.34
C37 MC3 M . 26.80 3.91 -30.67
C38 MC3 M . 27.43 4.94 -31.59
C39 MC3 M . 26.56 6.19 -31.71
C40 MC3 M . 26.49 6.99 -30.41
C41 MC3 M . 25.66 8.26 -30.49
C42 MC3 M . 25.64 9.07 -29.19
C43 MC3 M . 24.87 8.36 -28.08
C44 MC3 M . 24.61 9.19 -26.85
C32 MC3 N . 25.73 -4.77 -29.90
C33 MC3 N . 26.01 -4.81 -31.39
C34 MC3 N . 27.15 -3.86 -31.72
C35 MC3 N . 27.17 -3.40 -33.17
C36 MC3 N . 27.53 -1.93 -33.11
C37 MC3 N . 27.66 -1.24 -34.45
C38 MC3 N . 27.70 0.26 -34.21
C39 MC3 N . 27.82 0.95 -35.54
C40 MC3 N . 27.99 2.44 -35.37
C41 MC3 N . 28.59 2.95 -36.66
C42 MC3 N . 28.74 4.46 -36.65
C43 MC3 N . 29.60 4.95 -37.80
C35 MC3 O . 30.98 -3.11 -29.07
C36 MC3 O . 31.61 -1.73 -29.25
C37 MC3 O . 31.07 -0.96 -30.44
C38 MC3 O . 31.76 0.39 -30.56
C39 MC3 O . 31.87 0.85 -32.00
C40 MC3 O . 32.37 2.28 -32.11
C41 MC3 O . 32.11 2.87 -33.49
C42 MC3 O . 32.20 4.38 -33.43
C31 MC3 P . 7.46 -6.88 -38.71
C32 MC3 P . 7.89 -5.81 -39.68
C33 MC3 P . 9.02 -6.36 -40.54
C34 MC3 P . 8.86 -5.81 -41.96
C35 MC3 P . 10.16 -5.82 -42.75
C36 MC3 P . 10.19 -4.53 -43.56
C37 MC3 P . 11.55 -4.22 -44.18
C38 MC3 P . 11.48 -2.77 -44.59
C39 MC3 P . 12.53 -2.41 -45.64
C40 MC3 P . 12.08 -1.19 -46.44
C41 MC3 P . 13.24 -0.81 -47.34
C42 MC3 P . 12.89 0.21 -48.41
C43 MC3 P . 14.10 0.51 -49.28
C44 MC3 P . 13.86 1.68 -50.18
C31 MC3 Q . 3.15 -4.26 -37.14
C32 MC3 Q . 4.09 -3.92 -38.28
C33 MC3 Q . 3.68 -2.64 -38.98
C34 MC3 Q . 4.62 -2.30 -40.11
C35 MC3 Q . 4.28 -0.88 -40.52
C36 MC3 Q . 5.15 -0.35 -41.64
C37 MC3 Q . 4.78 1.09 -41.89
C38 MC3 Q . 5.51 1.57 -43.10
C39 MC3 Q . 5.66 3.08 -43.13
C40 MC3 Q . 6.49 3.45 -44.34
C41 MC3 Q . 6.90 4.91 -44.40
C42 MC3 Q . 7.69 5.24 -45.67
C43 MC3 Q . 7.96 6.75 -45.76
C44 MC3 Q . 8.61 7.17 -47.06
CAA HE2 R . 16.41 18.69 -33.28
CAC HE2 R . 17.57 18.45 -34.22
CAE HE2 R . 18.21 19.74 -34.72
CAG HE2 R . 19.46 19.50 -35.57
CAF HE2 R . 20.02 20.78 -36.17
CAD HE2 R . 21.26 20.51 -37.01
OAB HE2 R . 21.65 21.69 -37.66
C32 MC3 S . 1.52 -38.25 -4.48
C33 MC3 S . 1.08 -38.35 -3.04
C34 MC3 S . 0.71 -39.77 -2.65
C35 MC3 S . 0.43 -39.79 -1.15
C36 MC3 S . 0.05 -41.14 -0.54
C37 MC3 S . -0.13 -40.90 0.95
C38 MC3 S . -0.64 -42.09 1.75
C39 MC3 S . -0.98 -41.69 3.19
C40 MC3 S . -2.16 -40.74 3.30
C41 MC3 S . -2.54 -40.35 4.71
C42 MC3 S . -3.76 -39.43 4.80
C43 MC3 S . -3.48 -38.04 4.24
C44 MC3 S . -4.56 -37.01 4.49
C32 MC3 T . 5.78 -38.97 -5.23
C33 MC3 T . 6.47 -40.25 -4.81
C34 MC3 T . 5.42 -41.33 -4.58
C35 MC3 T . 5.87 -42.45 -3.66
C36 MC3 T . 4.69 -42.76 -2.78
C37 MC3 T . 4.87 -43.89 -1.80
C38 MC3 T . 3.73 -43.85 -0.82
C39 MC3 T . 3.91 -44.97 0.18
C40 MC3 T . 2.75 -45.07 1.13
C41 MC3 T . 2.78 -46.47 1.71
C42 MC3 T . 1.69 -46.68 2.73
C43 MC3 T . 1.54 -48.14 3.11
C35 MC3 U . 1.52 -41.97 -7.13
C36 MC3 U . 0.36 -42.63 -6.38
C37 MC3 U . 0.78 -43.21 -5.04
C38 MC3 U . -0.43 -43.86 -4.37
C39 MC3 U . -0.01 -45.04 -3.49
C40 MC3 U . -1.17 -45.56 -2.65
C41 MC3 U . -0.69 -46.45 -1.52
C42 MC3 U . -1.78 -46.59 -0.47
C31 MC3 V . 21.41 -33.17 6.54
C32 MC3 V . 20.99 -34.26 7.49
C33 MC3 V . 21.22 -35.61 6.84
C34 MC3 V . 21.70 -36.59 7.89
C35 MC3 V . 21.47 -38.04 7.51
C36 MC3 V . 21.02 -38.76 8.78
C37 MC3 V . 20.44 -40.14 8.54
C38 MC3 V . 19.72 -40.53 9.82
C39 MC3 V . 19.50 -42.02 9.94
C40 MC3 V . 19.36 -42.41 11.41
C41 MC3 V . 18.97 -43.87 11.44
C42 MC3 V . 19.05 -44.52 12.82
C43 MC3 V . 18.69 -45.99 12.74
C44 MC3 V . 18.52 -46.59 14.11
C31 MC3 W . 21.06 -29.33 10.15
C32 MC3 W . 20.97 -30.82 10.35
C33 MC3 W . 20.69 -31.17 11.81
C34 MC3 W . 20.57 -32.66 12.03
C35 MC3 W . 20.04 -32.85 13.42
C36 MC3 W . 19.82 -34.29 13.81
C37 MC3 W . 19.19 -34.35 15.17
C38 MC3 W . 19.13 -35.76 15.62
C39 MC3 W . 18.07 -35.99 16.67
C40 MC3 W . 18.05 -37.48 16.99
C41 MC3 W . 16.89 -37.91 17.89
C42 MC3 W . 16.93 -39.40 18.22
C43 MC3 W . 15.84 -39.76 19.23
C44 MC3 W . 15.92 -41.19 19.72
CAA HE2 X . -3.18 -37.04 18.53
CAC HE2 X . -3.12 -38.50 18.10
CAE HE2 X . -4.04 -39.39 18.93
CAG HE2 X . -4.08 -40.82 18.42
CAF HE2 X . -4.91 -41.75 19.31
CAD HE2 X . -4.92 -43.17 18.79
OAB HE2 X . -5.57 -44.01 19.73
C32 MC3 Y . -26.72 -27.48 -4.06
C33 MC3 Y . -26.25 -28.01 -2.73
C34 MC3 Y . -27.16 -29.08 -2.18
C35 MC3 Y . -26.54 -29.65 -0.93
C36 MC3 Y . -27.30 -30.77 -0.22
C37 MC3 Y . -26.45 -31.19 0.97
C38 MC3 Y . -27.09 -32.21 1.91
C39 MC3 Y . -26.23 -32.42 3.16
C40 MC3 Y . -26.18 -31.19 4.06
C41 MC3 Y . -25.38 -31.37 5.34
C42 MC3 Y . -25.38 -30.14 6.25
C43 MC3 Y . -24.62 -28.97 5.65
C44 MC3 Y . -24.38 -27.80 6.59
C32 MC3 Z . -25.30 -29.68 -7.58
C33 MC3 Z . -25.57 -31.17 -7.77
C34 MC3 Z . -26.71 -31.59 -6.86
C35 MC3 Z . -26.72 -33.07 -6.53
C36 MC3 Z . -27.09 -33.14 -5.06
C37 MC3 Z . -27.22 -34.54 -4.49
C38 MC3 Z . -27.27 -34.42 -2.98
C39 MC3 Z . -27.38 -35.80 -2.40
C40 MC3 Z . -27.56 -35.77 -0.91
C41 MC3 Z . -28.16 -37.11 -0.51
C42 MC3 Z . -28.33 -37.22 0.99
C43 MC3 Z . -29.18 -38.43 1.38
C35 MC3 AA . -30.58 -29.07 -5.93
C36 MC3 AA . -31.23 -29.36 -4.58
C37 MC3 AA . -30.68 -30.61 -3.92
C38 MC3 AA . -31.38 -30.84 -2.59
C39 MC3 AA . -31.47 -32.33 -2.26
C40 MC3 AA . -31.99 -32.57 -0.84
C41 MC3 AA . -31.72 -33.97 -0.36
C42 MC3 AA . -31.83 -34.05 1.15
C31 MC3 BA . -6.89 -38.07 -10.22
C32 MC3 BA . -7.34 -39.13 -9.24
C33 MC3 BA . -8.44 -39.96 -9.87
C34 MC3 BA . -8.27 -41.41 -9.44
C35 MC3 BA . -9.55 -42.22 -9.53
C36 MC3 BA . -9.59 -43.13 -8.32
C37 MC3 BA . -10.94 -43.78 -8.07
C38 MC3 BA . -10.89 -44.33 -6.67
C39 MC3 BA . -11.92 -45.41 -6.41
C40 MC3 BA . -11.48 -46.31 -5.26
C41 MC3 BA . -12.63 -47.24 -4.96
C42 MC3 BA . -12.27 -48.39 -4.04
C43 MC3 BA . -13.48 -49.30 -3.83
C44 MC3 BA . -13.24 -50.30 -2.72
C31 MC3 CA . -2.63 -36.68 -7.42
C32 MC3 CA . -3.56 -37.84 -7.19
C33 MC3 CA . -3.16 -38.65 -5.96
C34 MC3 CA . -4.09 -39.82 -5.73
C35 MC3 CA . -3.76 -40.34 -4.35
C36 MC3 CA . -4.62 -41.50 -3.93
C37 MC3 CA . -4.26 -41.87 -2.50
C38 MC3 CA . -4.99 -43.12 -2.14
C39 MC3 CA . -5.14 -43.28 -0.65
C40 MC3 CA . -5.97 -44.54 -0.39
C41 MC3 CA . -6.39 -44.73 1.06
C42 MC3 CA . -7.18 -46.02 1.28
C43 MC3 CA . -7.46 -46.24 2.77
C44 MC3 CA . -8.10 -47.58 3.06
CAA HE2 DA . -16.20 -34.92 15.61
CAC HE2 DA . -17.35 -35.85 15.27
CAE HE2 DA . -18.00 -36.47 16.50
CAG HE2 DA . -19.22 -37.31 16.18
CAF HE2 DA . -19.80 -38.02 17.41
CAD HE2 DA . -21.02 -38.84 17.04
OAB HE2 DA . -21.42 -39.60 18.17
C32 MC3 EA . 21.95 -27.81 15.17
C33 MC3 EA . 20.75 -28.18 16.01
C34 MC3 EA . 20.95 -29.49 16.73
C35 MC3 EA . 19.76 -29.70 17.67
C36 MC3 EA . 19.76 -30.97 18.51
C37 MC3 EA . 18.50 -30.92 19.37
C38 MC3 EA . 18.23 -32.15 20.21
C39 MC3 EA . 16.86 -32.08 20.89
C40 MC3 EA . 15.70 -32.14 19.89
C41 MC3 EA . 14.32 -32.10 20.52
C42 MC3 EA . 13.17 -32.21 19.52
C43 MC3 EA . 13.06 -30.97 18.62
C44 MC3 EA . 11.82 -30.91 17.76
C32 MC3 FA . 25.09 -25.54 17.22
C33 MC3 FA . 25.78 -26.07 18.47
C34 MC3 FA . 25.56 -27.56 18.58
C35 MC3 FA . 25.69 -28.12 19.99
C36 MC3 FA . 24.58 -29.13 20.12
C37 MC3 FA . 24.53 -29.87 21.44
C38 MC3 FA . 23.20 -30.59 21.52
C39 MC3 FA . 23.13 -31.32 22.84
C40 MC3 FA . 21.89 -32.17 22.95
C41 MC3 FA . 22.15 -33.21 24.01
C42 MC3 FA . 20.94 -34.09 24.27
C43 MC3 FA . 21.29 -35.28 25.12
C35 MC3 GA . 25.56 -30.61 14.99
C36 MC3 GA . 24.73 -31.87 15.20
C37 MC3 GA . 24.29 -32.04 16.65
C38 MC3 GA . 23.47 -33.31 16.79
C39 MC3 GA . 23.63 -33.94 18.17
C40 MC3 GA . 22.67 -35.10 18.39
C41 MC3 GA . 22.55 -35.46 19.87
C42 MC3 GA . 21.30 -36.28 20.09
C31 MC3 HA . 22.47 -10.95 31.25
C32 MC3 HA . 22.10 -12.06 32.19
C33 MC3 HA . 23.31 -12.91 32.48
C34 MC3 HA . 23.28 -13.35 33.94
C35 MC3 HA . 24.11 -14.61 34.21
C36 MC3 HA . 23.32 -15.44 35.20
C37 MC3 HA . 23.82 -16.86 35.35
C38 MC3 HA . 22.73 -17.63 36.06
C39 MC3 HA . 23.22 -18.90 36.72
C40 MC3 HA . 22.31 -19.29 37.87
C41 MC3 HA . 22.76 -20.65 38.35
C42 MC3 HA . 22.14 -21.09 39.67
C43 MC3 HA . 22.69 -22.44 40.11
C44 MC3 HA . 21.93 -23.01 41.26
C31 MC3 IA . 17.94 -8.31 31.87
C32 MC3 IA . 18.45 -9.50 32.65
C33 MC3 IA . 17.44 -9.95 33.71
C34 MC3 IA . 17.93 -11.15 34.49
C35 MC3 IA . 16.75 -11.64 35.27
C36 MC3 IA . 17.04 -12.88 36.09
C37 MC3 IA . 15.77 -13.35 36.76
C38 MC3 IA . 16.10 -14.46 37.70
C39 MC3 IA . 14.89 -15.32 37.99
C40 MC3 IA . 15.36 -16.47 38.88
C41 MC3 IA . 14.32 -17.55 39.10
C42 MC3 IA . 14.81 -18.65 40.05
C43 MC3 IA . 13.68 -19.65 40.36
C44 MC3 IA . 14.06 -20.67 41.40
CAA HE2 JA . 2.72 -30.09 28.51
CAC HE2 JA . 3.73 -31.14 28.90
CAE HE2 JA . 3.09 -32.43 29.41
CAG HE2 JA . 4.10 -33.54 29.70
CAF HE2 JA . 3.46 -34.78 30.31
CAD HE2 JA . 4.50 -35.86 30.59
OAB HE2 JA . 3.89 -36.92 31.29
C32 MC3 KA . 14.17 -6.61 35.23
C33 MC3 KA . 13.12 -7.67 35.36
C34 MC3 KA . 13.32 -8.53 36.59
C35 MC3 KA . 12.14 -9.48 36.71
C36 MC3 KA . 12.14 -10.44 37.89
C37 MC3 KA . 10.84 -11.23 37.82
C38 MC3 KA . 10.69 -12.35 38.83
C39 MC3 KA . 9.45 -13.19 38.56
C40 MC3 KA . 9.55 -14.00 37.26
C41 MC3 KA . 8.35 -14.88 36.95
C42 MC3 KA . 8.50 -15.72 35.68
C43 MC3 KA . 8.49 -14.85 34.41
C44 MC3 KA . 8.40 -15.61 33.11
C32 MC3 LA . 13.34 -2.83 37.32
C33 MC3 LA . 13.07 -2.79 38.81
C34 MC3 LA . 13.58 -4.06 39.46
C35 MC3 LA . 12.92 -4.40 40.79
C36 MC3 LA . 12.72 -5.89 40.76
C37 MC3 LA . 12.11 -6.49 42.02
C38 MC3 LA . 11.69 -7.91 41.69
C39 MC3 LA . 11.06 -8.52 42.93
C40 MC3 LA . 10.72 -9.97 42.73
C41 MC3 LA . 10.60 -10.58 44.11
C42 MC3 LA . 10.20 -12.03 44.05
C43 MC3 LA . 10.35 -12.72 45.39
C35 MC3 MA . 17.54 -6.34 38.30
C36 MC3 MA . 17.54 -7.83 38.59
C37 MC3 MA . 16.37 -8.27 39.47
C38 MC3 MA . 16.44 -9.76 39.72
C39 MC3 MA . 15.84 -10.13 41.08
C40 MC3 MA . 15.72 -11.63 41.26
C41 MC3 MA . 14.80 -12.00 42.40
C42 MC3 MA . 14.35 -13.44 42.27
C31 MC3 NA . -4.78 6.36 39.21
C32 MC3 NA . -5.13 5.28 40.19
C33 MC3 NA . -4.27 5.43 41.44
C34 MC3 NA . -5.10 5.08 42.66
C35 MC3 NA . -4.27 4.67 43.87
C36 MC3 NA . -4.99 3.52 44.54
C37 MC3 NA . -4.16 2.77 45.57
C38 MC3 NA . -4.88 1.48 45.85
C39 MC3 NA . -4.48 0.85 47.15
C40 MC3 NA . -5.59 -0.06 47.66
C41 MC3 NA . -5.05 -0.79 48.88
C42 MC3 NA . -6.10 -1.53 49.69
C43 MC3 NA . -5.47 -2.19 50.91
C44 MC3 NA . -6.43 -3.12 51.59
C31 MC3 OA . -8.88 5.37 36.04
C32 MC3 OA . -8.61 4.80 37.41
C33 MC3 OA . -9.67 3.80 37.83
C34 MC3 OA . -9.39 3.21 39.20
C35 MC3 OA . -10.33 2.06 39.35
C36 MC3 OA . -10.17 1.32 40.67
C37 MC3 OA . -11.10 0.13 40.68
C38 MC3 OA . -11.07 -0.50 42.03
C39 MC3 OA . -11.50 -1.94 42.00
C40 MC3 OA . -11.34 -2.50 43.40
C41 MC3 OA . -11.55 -4.01 43.50
C42 MC3 OA . -11.43 -4.52 44.93
C43 MC3 OA . -11.78 -6.02 45.02
C44 MC3 OA . -11.82 -6.55 46.43
CAA HE2 PA . -4.40 -21.03 35.55
CAC HE2 PA . -3.63 -21.16 36.86
CAE HE2 PA . -3.74 -22.55 37.47
CAG HE2 PA . -2.88 -22.73 38.71
CAF HE2 PA . -3.06 -24.08 39.39
CAD HE2 PA . -2.20 -24.22 40.62
OAB HE2 PA . -2.52 -25.42 41.29
C32 MC3 QA . -14.06 4.17 35.65
C33 MC3 QA . -14.22 2.67 35.66
C34 MC3 QA . -14.56 2.15 37.04
C35 MC3 QA . -14.84 0.65 36.94
C36 MC3 QA . -15.22 -0.07 38.22
C37 MC3 QA . -15.48 -1.52 37.83
C38 MC3 QA . -15.76 -2.47 38.99
C39 MC3 QA . -15.82 -3.92 38.52
C40 MC3 QA . -14.48 -4.45 38.03
C41 MC3 QA . -14.49 -5.90 37.58
C42 MC3 QA . -13.13 -6.42 37.14
C43 MC3 QA . -12.65 -5.78 35.83
C44 MC3 QA . -11.42 -6.41 35.20
C32 MC3 RA . -17.76 6.45 34.96
C33 MC3 RA . -18.97 6.30 35.86
C34 MC3 RA . -18.55 5.68 37.18
C35 MC3 RA . -19.67 4.99 37.92
C36 MC3 RA . -19.06 3.71 38.48
C37 MC3 RA . -19.98 2.86 39.33
C38 MC3 RA . -19.32 1.52 39.53
C39 MC3 RA . -20.23 0.65 40.35
C40 MC3 RA . -19.59 -0.66 40.70
C41 MC3 RA . -20.33 -1.22 41.90
C42 MC3 RA . -19.82 -2.58 42.30
C43 MC3 RA . -20.37 -3.00 43.66
C35 MC3 SA . -14.55 6.58 39.50
C36 MC3 SA . -14.05 5.45 40.40
C37 MC3 SA . -15.08 4.35 40.59
C38 MC3 SA . -14.52 3.26 41.49
C39 MC3 SA . -15.62 2.59 42.30
C40 MC3 SA . -15.10 1.37 43.06
C41 MC3 SA . -16.23 0.48 43.55
C42 MC3 SA . -15.69 -0.90 43.90
C31 MC3 TA . -33.08 1.45 22.46
C32 MC3 TA . -33.46 0.40 23.47
C33 MC3 TA . -33.94 1.08 24.74
C34 MC3 TA . -35.08 0.25 25.33
C35 MC3 TA . -35.28 0.49 26.82
C36 MC3 TA . -35.60 -0.85 27.44
C37 MC3 TA . -35.53 -0.87 28.96
C38 MC3 TA . -35.50 -2.32 29.37
C39 MC3 TA . -35.90 -2.55 30.81
C40 MC3 TA . -36.43 -3.96 31.00
C41 MC3 TA . -36.65 -4.16 32.48
C42 MC3 TA . -37.43 -5.41 32.84
C43 MC3 TA . -37.65 -5.49 34.35
C44 MC3 TA . -38.19 -6.85 34.75
C31 MC3 UA . -32.58 -1.98 18.47
C32 MC3 UA . -33.12 -2.23 19.86
C33 MC3 UA . -33.52 -3.69 20.06
C34 MC3 UA . -34.05 -3.95 21.44
C35 MC3 UA . -34.12 -5.45 21.59
C36 MC3 UA . -34.62 -5.90 22.94
C37 MC3 UA . -34.55 -7.41 23.00
C38 MC3 UA . -35.19 -7.86 24.27
C39 MC3 UA . -34.72 -9.24 24.68
C40 MC3 UA . -35.37 -9.57 26.02
C41 MC3 UA . -34.84 -10.83 26.68
C42 MC3 UA . -35.53 -11.15 28.00
C43 MC3 UA . -35.08 -12.50 28.55
C44 MC3 UA . -35.84 -12.93 29.78
CAA HE2 VA . -17.42 -18.91 32.63
CAC HE2 VA . -17.87 -18.51 34.03
CAE HE2 VA . -17.69 -19.63 35.05
CAG HE2 VA . -18.03 -19.20 36.47
CAF HE2 VA . -17.96 -20.34 37.47
CAD HE2 VA . -18.30 -19.89 38.88
OAB HE2 VA . -18.37 -21.01 39.73
C32 MC3 WA . -34.49 -6.27 16.01
C33 MC3 WA . -33.89 -7.50 16.62
C34 MC3 WA . -34.79 -8.13 17.66
C35 MC3 WA . -34.16 -9.43 18.12
C36 MC3 WA . -34.93 -10.24 19.16
C37 MC3 WA . -34.12 -11.50 19.42
C38 MC3 WA . -34.63 -12.40 20.53
C39 MC3 WA . -33.65 -13.54 20.82
C40 MC3 WA . -32.34 -13.05 21.43
C41 MC3 WA . -31.34 -14.15 21.77
C42 MC3 WA . -30.05 -13.64 22.42
C43 MC3 WA . -29.19 -12.84 21.44
C44 MC3 WA . -27.80 -12.50 21.94
C32 MC3 XA . -37.06 -6.98 12.51
C33 MC3 XA . -38.28 -7.89 12.57
C34 MC3 XA . -38.68 -8.09 14.02
C35 MC3 XA . -39.48 -9.35 14.27
C36 MC3 XA . -38.95 -9.91 15.58
C37 MC3 XA . -39.63 -11.16 16.09
C38 MC3 XA . -38.78 -11.74 17.19
C39 MC3 XA . -39.44 -12.99 17.69
C40 MC3 XA . -38.73 -13.57 18.88
C41 MC3 XA . -39.71 -14.48 19.60
C42 MC3 XA . -39.08 -15.17 20.78
C43 MC3 XA . -40.11 -15.86 21.65
C35 MC3 YA . -38.59 -4.79 17.38
C36 MC3 YA . -38.42 -5.32 18.81
C37 MC3 YA . -38.59 -6.83 18.90
C38 MC3 YA . -38.41 -7.28 20.34
C39 MC3 YA . -39.26 -8.52 20.64
C40 MC3 YA . -38.94 -9.10 22.02
C41 MC3 YA . -39.47 -10.51 22.18
C42 MC3 YA . -38.78 -11.21 23.33
C31 MC3 ZA . -34.14 -20.75 -2.25
C32 MC3 ZA . -34.55 -21.80 -1.24
C33 MC3 ZA . -36.03 -21.61 -0.91
C34 MC3 ZA . -36.66 -22.98 -0.71
C35 MC3 ZA . -37.93 -22.94 0.12
C36 MC3 ZA . -37.90 -24.17 1.02
C37 MC3 ZA . -38.92 -24.14 2.14
C38 MC3 ZA . -38.50 -25.22 3.12
C39 MC3 ZA . -39.62 -25.66 4.02
C40 MC3 ZA . -39.37 -27.07 4.54
C41 MC3 ZA . -40.44 -27.38 5.56
C42 MC3 ZA . -40.52 -28.84 5.98
C43 MC3 ZA . -41.66 -29.05 6.98
C44 MC3 ZA . -41.60 -30.42 7.59
C31 MC3 AB . -29.47 -22.99 -3.25
C32 MC3 AB . -30.61 -23.55 -2.44
C33 MC3 AB . -30.27 -24.90 -1.84
C34 MC3 AB . -31.40 -25.46 -1.02
C35 MC3 AB . -30.84 -26.62 -0.27
C36 MC3 AB . -31.84 -27.30 0.65
C37 MC3 AB . -31.14 -28.40 1.42
C38 MC3 AB . -32.16 -29.17 2.19
C39 MC3 AB . -31.54 -29.90 3.36
C40 MC3 AB . -32.68 -30.57 4.13
C41 MC3 AB . -32.26 -31.18 5.45
C42 MC3 AB . -33.41 -31.89 6.17
C43 MC3 AB . -32.93 -32.61 7.43
C44 MC3 AB . -33.99 -33.45 8.10
CAA HE2 BB . -23.31 -25.86 22.65
CAC HE2 BB . -24.73 -25.86 23.23
CAE HE2 BB . -24.82 -26.60 24.56
CAG HE2 BB . -26.20 -26.50 25.20
CAF HE2 BB . -26.32 -27.32 26.48
CAD HE2 BB . -27.71 -27.21 27.09
OAB HE2 BB . -27.82 -28.11 28.16
C32 MC3 CB . -1.02 -1.24 -38.51
C33 MC3 CB . -0.60 0.21 -38.48
C34 MC3 CB . -0.22 0.73 -39.85
C35 MC3 CB . 0.04 2.22 -39.75
C36 MC3 CB . 0.43 2.94 -41.03
C37 MC3 CB . 0.59 4.41 -40.67
C38 MC3 CB . 1.11 5.31 -41.78
C39 MC3 CB . 1.41 6.72 -41.25
C40 MC3 CB . 2.59 6.76 -40.29
C41 MC3 CB . 2.94 8.14 -39.77
C42 MC3 CB . 4.15 8.16 -38.83
C43 MC3 CB . 3.86 7.48 -37.50
C44 MC3 CB . 4.93 7.67 -36.44
C32 MC3 DB . -5.27 -1.97 -39.33
C33 MC3 DB . -5.94 -1.46 -40.60
C34 MC3 DB . -4.89 -1.12 -41.63
C35 MC3 DB . -5.34 -0.12 -42.68
C36 MC3 DB . -4.16 0.79 -42.90
C37 MC3 DB . -4.34 1.87 -43.95
C38 MC3 DB . -3.22 2.86 -43.80
C39 MC3 DB . -3.40 3.94 -44.84
C40 MC3 DB . -2.24 4.91 -44.85
C41 MC3 DB . -2.27 5.61 -46.19
C42 MC3 DB . -1.19 6.66 -46.29
C43 MC3 DB . -1.02 7.16 -47.72
C35 MC3 EB . -0.94 -3.57 -42.44
C36 MC3 EB . 0.22 -2.76 -43.02
C37 MC3 EB . -0.21 -1.38 -43.49
C38 MC3 EB . 0.98 -0.63 -44.06
C39 MC3 EB . 0.57 0.34 -45.17
C40 MC3 EB . 1.72 1.23 -45.61
C41 MC3 EB . 1.25 2.43 -46.40
C42 MC3 EB . 2.32 3.50 -46.43
C31 MC3 FB . -21.11 9.07 -32.76
C32 MC3 FB . -20.69 10.11 -33.76
C33 MC3 FB . -20.91 9.57 -35.16
C34 MC3 FB . -21.38 10.71 -36.06
C35 MC3 FB . -21.12 10.47 -37.53
C36 MC3 FB . -20.69 11.79 -38.14
C37 MC3 FB . -20.08 11.67 -39.53
C38 MC3 FB . -19.38 12.99 -39.79
C39 MC3 FB . -19.14 13.24 -41.27
C40 MC3 FB . -19.02 14.73 -41.53
C41 MC3 FB . -18.61 14.90 -42.98
C42 MC3 FB . -18.70 16.32 -43.50
C43 MC3 FB . -18.33 16.37 -44.98
C44 MC3 FB . -18.16 17.79 -45.46
C31 MC3 GB . -20.85 12.35 -28.63
C32 MC3 GB . -20.74 12.69 -30.09
C33 MC3 GB . -20.48 14.17 -30.32
C34 MC3 GB . -20.36 14.52 -31.78
C35 MC3 GB . -19.82 15.91 -31.84
C36 MC3 GB . -19.60 16.43 -33.24
C37 MC3 GB . -18.98 17.81 -33.17
C38 MC3 GB . -18.91 18.37 -34.55
C39 MC3 GB . -17.86 19.45 -34.68
C40 MC3 GB . -17.83 19.89 -36.13
C41 MC3 GB . -16.68 20.83 -36.46
C42 MC3 GB . -16.70 21.29 -37.92
C43 MC3 GB . -15.62 22.35 -38.19
C44 MC3 GB . -15.69 22.94 -39.57
CAA HE2 HB . 3.37 21.64 -35.29
CAC HE2 HB . 3.33 21.33 -36.79
CAE HE2 HB . 4.25 22.24 -37.60
CAG HE2 HB . 4.31 21.87 -39.07
CAF HE2 HB . 5.14 22.84 -39.90
CAD HE2 HB . 5.18 22.44 -41.37
OAB HE2 HB . 5.81 23.45 -42.11
C32 MC3 IB . -21.83 17.22 -26.70
C33 MC3 IB . -20.64 18.10 -26.97
C34 MC3 IB . -20.82 18.95 -28.21
C35 MC3 IB . -19.64 19.90 -28.34
C36 MC3 IB . -19.65 20.85 -29.53
C37 MC3 IB . -18.39 21.72 -29.39
C38 MC3 IB . -18.12 22.66 -30.55
C39 MC3 IB . -16.76 23.34 -30.40
C40 MC3 IB . -15.59 22.37 -30.53
C41 MC3 IB . -14.22 23.01 -30.42
C42 MC3 IB . -13.05 22.03 -30.60
C43 MC3 IB . -12.95 21.03 -29.45
C44 MC3 IB . -11.69 20.18 -29.44
C32 MC3 JB . -25.01 19.05 -24.29
C33 MC3 JB . -25.71 20.33 -24.72
C34 MC3 JB . -25.47 20.57 -26.20
C35 MC3 JB . -25.62 22.01 -26.64
C36 MC3 JB . -24.50 22.25 -27.62
C37 MC3 JB . -24.46 23.63 -28.25
C38 MC3 JB . -23.11 23.78 -28.94
C39 MC3 JB . -23.05 25.16 -29.55
C40 MC3 JB . -21.81 25.35 -30.38
C41 MC3 JB . -22.08 26.49 -31.32
C42 MC3 JB . -20.86 26.83 -32.17
C43 MC3 JB . -21.21 27.78 -33.29
C35 MC3 KB . -25.41 17.24 -29.53
C36 MC3 KB . -24.56 17.57 -30.76
C37 MC3 KB . -24.13 19.03 -30.80
C38 MC3 KB . -23.30 19.29 -32.06
C39 MC3 KB . -23.48 20.72 -32.56
C40 MC3 KB . -22.51 21.05 -33.69
C41 MC3 KB . -22.40 22.55 -33.92
C42 MC3 KB . -21.14 22.86 -34.71
C31 MC3 LB . -22.72 31.81 -8.54
C32 MC3 LB . -22.34 32.86 -9.56
C33 MC3 LB . -23.55 33.20 -10.40
C34 MC3 LB . -23.54 34.69 -10.71
C35 MC3 LB . -24.35 35.05 -11.94
C36 MC3 LB . -23.57 36.12 -12.69
C37 MC3 LB . -24.06 36.39 -14.10
C38 MC3 LB . -22.97 37.17 -14.79
C39 MC3 LB . -23.45 37.93 -16.00
C40 MC3 LB . -22.55 39.12 -16.30
C41 MC3 LB . -22.99 39.71 -17.60
C42 MC3 LB . -22.38 41.07 -17.92
C43 MC3 LB . -22.93 41.61 -19.24
C44 MC3 LB . -22.16 42.82 -19.70
C31 MC3 MB . -18.23 32.26 -5.81
C32 MC3 MB . -18.73 33.13 -6.93
C33 MC3 MB . -17.73 34.23 -7.27
C34 MC3 MB . -18.22 35.11 -8.40
C35 MC3 MB . -17.04 35.94 -8.83
C36 MC3 MB . -17.34 36.86 -9.98
C37 MC3 MB . -16.06 37.58 -10.38
C38 MC3 MB . -16.39 38.61 -11.41
C39 MC3 MB . -15.19 38.98 -12.24
C40 MC3 MB . -15.65 39.97 -13.31
C41 MC3 MB . -14.58 40.29 -14.35
C42 MC3 MB . -15.08 41.32 -15.38
C43 MC3 MB . -13.95 41.72 -16.33
C44 MC3 MB . -14.33 42.84 -17.27
CAA HE2 NB . -2.74 30.92 -27.61
CAC HE2 NB . -3.75 31.40 -28.64
CAE HE2 NB . -3.09 32.02 -29.86
CAG HE2 NB . -4.09 32.39 -30.95
CAF HE2 NB . -3.44 33.11 -32.13
CAD HE2 NB . -4.47 33.46 -33.20
OAB HE2 NB . -3.86 34.27 -34.18
C32 MC3 OB . -14.53 35.50 -3.78
C33 MC3 OB . -13.46 35.73 -4.82
C34 MC3 OB . -13.67 37.01 -5.58
C35 MC3 OB . -12.48 37.24 -6.49
C36 MC3 OB . -12.49 38.50 -7.34
C37 MC3 OB . -11.18 38.50 -8.12
C38 MC3 OB . -11.02 39.62 -9.14
C39 MC3 OB . -9.77 39.41 -10.00
C40 MC3 OB . -9.85 38.20 -10.91
C41 MC3 OB . -8.64 37.98 -11.80
C42 MC3 OB . -8.75 36.78 -12.74
C43 MC3 OB . -8.74 35.45 -11.99
C44 MC3 OB . -8.62 34.21 -12.86
C32 MC3 PB . -13.77 37.27 0.16
C33 MC3 PB . -13.51 38.76 0.34
C34 MC3 PB . -14.03 39.51 -0.87
C35 MC3 PB . -13.38 40.86 -1.09
C36 MC3 PB . -13.16 40.96 -2.59
C37 MC3 PB . -12.56 42.27 -3.07
C38 MC3 PB . -12.11 42.08 -4.50
C39 MC3 PB . -11.50 43.37 -4.99
C40 MC3 PB . -11.14 43.30 -6.45
C41 MC3 PB . -11.03 44.73 -6.94
C42 MC3 PB . -10.61 44.79 -8.39
C43 MC3 PB . -10.76 46.19 -8.96
C35 MC3 QB . -17.95 38.49 -3.28
C36 MC3 QB . -17.93 38.91 -4.76
C37 MC3 QB . -16.77 39.83 -5.09
C38 MC3 QB . -16.81 40.21 -6.56
C39 MC3 QB . -16.23 41.60 -6.81
C40 MC3 QB . -16.10 41.91 -8.30
C41 MC3 QB . -15.18 43.09 -8.54
C42 MC3 QB . -14.72 43.10 -9.99
C31 MC3 RB . 4.21 38.59 9.72
C32 MC3 RB . 4.57 39.66 8.72
C33 MC3 RB . 3.69 40.88 8.97
C34 MC3 RB . 4.51 42.13 8.74
C35 MC3 RB . 3.66 43.36 8.42
C36 MC3 RB . 4.40 44.15 7.34
C37 MC3 RB . 3.56 45.22 6.67
C38 MC3 RB . 4.29 45.61 5.41
C39 MC3 RB . 3.88 46.96 4.89
C40 MC3 RB . 4.99 47.56 4.04
C41 MC3 RB . 4.45 48.83 3.41
C42 MC3 RB . 5.50 49.71 2.76
C43 MC3 RB . 4.86 50.98 2.20
C44 MC3 RB . 5.82 51.74 1.33
C31 MC3 SB . 8.37 35.57 8.51
C32 MC3 SB . 8.08 36.97 8.06
C33 MC3 SB . 9.15 37.49 7.10
C34 MC3 SB . 8.85 38.90 6.64
C35 MC3 SB . 9.82 39.16 5.52
C36 MC3 SB . 9.65 40.53 4.89
C37 MC3 SB . 10.59 40.65 3.71
C38 MC3 SB . 10.55 42.05 3.20
C39 MC3 SB . 11.00 42.14 1.76
C40 MC3 SB . 10.83 43.60 1.32
C41 MC3 SB . 11.05 43.82 -0.16
C42 MC3 SB . 10.92 45.30 -0.56
C43 MC3 SB . 11.28 45.50 -2.04
C44 MC3 SB . 11.32 46.96 -2.44
CAA HE2 TB . 4.20 37.26 -17.88
CAC HE2 TB . 3.43 38.56 -17.92
CAE HE2 TB . 3.53 39.29 -19.25
CAG HE2 TB . 2.65 40.53 -19.33
CAF HE2 TB . 2.85 41.32 -20.62
CAD HE2 TB . 1.96 42.55 -20.67
OAB HE2 TB . 2.29 43.32 -21.80
C32 MC3 UB . 13.56 35.32 7.34
C33 MC3 UB . 13.73 35.47 5.85
C34 MC3 UB . 14.07 36.89 5.45
C35 MC3 UB . 14.36 36.91 3.96
C36 MC3 UB . 14.74 38.26 3.35
C37 MC3 UB . 15.02 38.01 1.88
C38 MC3 UB . 15.29 39.24 1.03
C39 MC3 UB . 15.37 38.89 -0.45
C40 MC3 UB . 14.04 38.43 -1.03
C41 MC3 UB . 14.07 38.10 -2.52
C42 MC3 UB . 12.72 37.69 -3.10
C43 MC3 UB . 12.27 36.33 -2.56
C44 MC3 UB . 11.04 35.75 -3.26
C32 MC3 VB . 17.23 34.49 9.61
C33 MC3 VB . 18.44 35.41 9.54
C34 MC3 VB . 18.01 36.77 9.03
C35 MC3 VB . 19.13 37.59 8.42
C36 MC3 VB . 18.53 38.25 7.20
C37 MC3 VB . 19.45 39.18 6.43
C38 MC3 VB . 18.79 39.47 5.09
C39 MC3 VB . 19.71 40.37 4.31
C40 MC3 VB . 19.08 40.83 3.02
C41 MC3 VB . 19.81 42.08 2.58
C42 MC3 VB . 19.32 42.60 1.26
C43 MC3 VB . 19.84 43.99 0.95
C35 MC3 WB . 13.97 38.96 10.07
C36 MC3 WB . 13.47 39.94 9.01
C37 MC3 WB . 14.52 40.24 7.95
C38 MC3 WB . 13.96 41.22 6.94
C39 MC3 WB . 15.05 42.11 6.35
C40 MC3 WB . 14.54 42.97 5.19
C41 MC3 WB . 15.67 43.54 4.37
C42 MC3 WB . 15.15 43.99 3.01
C31 MC3 XB . 32.78 22.63 3.76
C32 MC3 XB . 33.14 23.74 2.80
C33 MC3 XB . 33.61 24.95 3.59
C34 MC3 XB . 34.75 25.62 2.83
C35 MC3 XB . 34.94 27.09 3.20
C36 MC3 XB . 35.26 27.83 1.92
C37 MC3 XB . 35.17 29.34 2.03
C38 MC3 XB . 35.15 29.86 0.62
C39 MC3 XB . 35.54 31.32 0.51
C40 MC3 XB . 36.07 31.64 -0.87
C41 MC3 XB . 36.29 33.14 -0.94
C42 MC3 XB . 37.07 33.61 -2.15
C43 MC3 XB . 37.27 35.12 -2.10
C44 MC3 XB . 37.83 35.64 -3.40
C31 MC3 YB . 32.37 18.95 0.00
C32 MC3 YB . 32.89 20.36 -0.12
C33 MC3 YB . 33.30 20.68 -1.56
C34 MC3 YB . 33.82 22.09 -1.69
C35 MC3 YB . 33.91 22.36 -3.17
C36 MC3 YB . 34.39 23.75 -3.50
C37 MC3 YB . 34.34 23.95 -5.00
C38 MC3 YB . 34.97 25.25 -5.34
C39 MC3 YB . 34.51 25.77 -6.68
C40 MC3 YB . 35.14 27.15 -6.88
C41 MC3 YB . 34.61 27.89 -8.10
C42 MC3 YB . 35.30 29.25 -8.30
C43 MC3 YB . 34.85 29.92 -9.59
C44 MC3 YB . 35.61 31.18 -9.92
CAA HE2 ZB . 17.23 34.31 -15.86
CAC HE2 ZB . 17.64 35.67 -15.34
CAE HE2 ZB . 17.47 36.78 -16.38
CAG HE2 ZB . 17.78 38.17 -15.83
CAF HE2 ZB . 17.72 39.26 -16.88
CAD HE2 ZB . 18.03 40.63 -16.31
OAB HE2 ZB . 18.11 41.57 -17.35
C32 MC3 AC . 34.37 16.86 -4.47
C33 MC3 AC . 33.76 17.58 -5.66
C34 MC3 AC . 34.67 18.67 -6.18
C35 MC3 AC . 34.05 19.24 -7.44
C36 MC3 AC . 34.81 20.35 -8.16
C37 MC3 AC . 34.01 20.71 -9.40
C38 MC3 AC . 34.51 21.89 -10.20
C39 MC3 AC . 33.54 22.27 -11.31
C40 MC3 AC . 32.22 22.82 -10.78
C41 MC3 AC . 31.23 23.24 -11.87
C42 MC3 AC . 29.93 23.83 -11.33
C43 MC3 AC . 29.07 22.78 -10.62
C44 MC3 AC . 27.67 23.24 -10.26
C32 MC3 BC . 36.99 13.47 -5.44
C33 MC3 BC . 38.21 13.63 -6.33
C34 MC3 BC . 38.60 15.08 -6.40
C35 MC3 BC . 39.41 15.45 -7.63
C36 MC3 BC . 38.87 16.80 -8.08
C37 MC3 BC . 39.56 17.41 -9.28
C38 MC3 BC . 38.70 18.56 -9.77
C39 MC3 BC . 39.37 19.17 -10.97
C40 MC3 BC . 38.64 20.40 -11.45
C41 MC3 BC . 39.63 21.20 -12.28
C42 MC3 BC . 38.99 22.43 -12.88
C43 MC3 BC . 40.03 23.37 -13.48
C35 MC3 CC . 38.44 18.16 -2.83
C36 MC3 CC . 38.25 19.62 -3.24
C37 MC3 CC . 38.44 19.84 -4.73
C38 MC3 CC . 38.24 21.31 -5.06
C39 MC3 CC . 39.10 21.73 -6.26
C40 MC3 CC . 38.77 23.15 -6.73
C41 MC3 CC . 39.31 23.42 -8.12
C42 MC3 CC . 38.61 24.64 -8.71
C31 MC3 DC . 34.40 -0.09 -20.46
C32 MC3 DC . 34.80 1.00 -21.40
C33 MC3 DC . 36.27 1.34 -21.18
C34 MC3 DC . 36.91 1.65 -22.51
C35 MC3 DC . 38.17 2.49 -22.39
C36 MC3 DC . 38.15 3.49 -23.54
C37 MC3 DC . 39.15 4.62 -23.40
C38 MC3 DC . 38.74 5.68 -24.39
C39 MC3 DC . 39.85 6.64 -24.75
C40 MC3 DC . 39.61 7.26 -26.12
C41 MC3 DC . 40.67 8.32 -26.31
C42 MC3 DC . 40.76 8.87 -27.74
C43 MC3 DC . 41.88 9.88 -27.84
C44 MC3 DC . 41.83 10.62 -29.17
C31 MC3 EC . 29.75 -0.96 -22.83
C32 MC3 EC . 30.90 -0.08 -23.30
C33 MC3 EC . 30.56 0.62 -24.60
C34 MC3 EC . 31.70 1.50 -25.07
C35 MC3 EC . 31.14 2.35 -26.18
C36 MC3 EC . 32.13 3.33 -26.76
C37 MC3 EC . 31.43 4.17 -27.79
C38 MC3 EC . 32.44 5.02 -28.49
C39 MC3 EC . 31.82 6.24 -29.12
C40 MC3 EC . 32.96 7.08 -29.71
C41 MC3 EC . 32.53 8.45 -30.21
C42 MC3 EC . 33.68 9.23 -30.85
C43 MC3 EC . 33.19 10.54 -31.45
C44 MC3 EC . 34.25 11.29 -32.22
CAA HE2 FC . 23.32 25.03 -23.56
CAC HE2 FC . 24.72 25.61 -23.49
CAE HE2 FC . 24.81 27.01 -24.11
CAG HE2 FC . 26.18 27.65 -23.94
CAF HE2 FC . 26.31 29.00 -24.65
CAD HE2 FC . 27.67 29.61 -24.46
OAB HE2 FC . 27.79 30.76 -25.27
#